data_4Y9I
# 
_entry.id   4Y9I 
# 
_audit_conform.dict_name       mmcif_pdbx.dic 
_audit_conform.dict_version    5.379 
_audit_conform.dict_location   http://mmcif.pdb.org/dictionaries/ascii/mmcif_pdbx.dic 
# 
loop_
_database_2.database_id 
_database_2.database_code 
_database_2.pdbx_database_accession 
_database_2.pdbx_DOI 
PDB   4Y9I         pdb_00004y9i 10.2210/pdb4y9i/pdb 
WWPDB D_1000207016 ?            ?                   
# 
_pdbx_database_status.status_code                     REL 
_pdbx_database_status.status_code_sf                  REL 
_pdbx_database_status.status_code_mr                  ? 
_pdbx_database_status.entry_id                        4Y9I 
_pdbx_database_status.recvd_initial_deposition_date   2015-02-17 
_pdbx_database_status.SG_entry                        N 
_pdbx_database_status.deposit_site                    RCSB 
_pdbx_database_status.process_site                    RCSB 
_pdbx_database_status.status_code_cs                  ? 
_pdbx_database_status.methods_development_category    ? 
_pdbx_database_status.pdb_format_compatible           Y 
_pdbx_database_status.status_code_nmr_data            ? 
# 
loop_
_audit_author.name 
_audit_author.pdbx_ordinal 
'Ahmed, F.H.'   1 
'Carr, P.D.'    2 
'Jackson, C.J.' 3 
# 
_citation.abstract                  ? 
_citation.abstract_id_CAS           ? 
_citation.book_id_ISBN              ? 
_citation.book_publisher            ? 
_citation.book_publisher_city       ? 
_citation.book_title                ? 
_citation.coordinate_linkage        ? 
_citation.country                   UK 
_citation.database_id_Medline       ? 
_citation.details                   ? 
_citation.id                        primary 
_citation.journal_abbrev            J.Mol.Biol. 
_citation.journal_id_ASTM           JMOBAK 
_citation.journal_id_CSD            0070 
_citation.journal_id_ISSN           1089-8638 
_citation.journal_full              ? 
_citation.journal_issue             ? 
_citation.journal_volume            427 
_citation.language                  ? 
_citation.page_first                3554 
_citation.page_last                 3571 
_citation.title                     
'Sequence-Structure-Function Classification of a Catalytically Diverse Oxidoreductase Superfamily in Mycobacteria.' 
_citation.year                      2015 
_citation.database_id_CSD           ? 
_citation.pdbx_database_id_DOI      10.1016/j.jmb.2015.09.021 
_citation.pdbx_database_id_PubMed   26434506 
_citation.unpublished_flag          ? 
# 
loop_
_citation_author.citation_id 
_citation_author.name 
_citation_author.ordinal 
_citation_author.identifier_ORCID 
primary 'Ahmed, F.H.'       1  ? 
primary 'Carr, P.D.'        2  ? 
primary 'Lee, B.M.'         3  ? 
primary 'Afriat-Jurnou, L.' 4  ? 
primary 'Mohamed, A.E.'     5  ? 
primary 'Hong, N.S.'        6  ? 
primary 'Flanagan, J.'      7  ? 
primary 'Taylor, M.C.'      8  ? 
primary 'Greening, C.'      9  ? 
primary 'Jackson, C.J.'     10 ? 
# 
_cell.angle_alpha                  90.00 
_cell.angle_alpha_esd              ? 
_cell.angle_beta                   96.59 
_cell.angle_beta_esd               ? 
_cell.angle_gamma                  90.00 
_cell.angle_gamma_esd              ? 
_cell.entry_id                     4Y9I 
_cell.details                      ? 
_cell.formula_units_Z              ? 
_cell.length_a                     37.490 
_cell.length_a_esd                 ? 
_cell.length_b                     36.850 
_cell.length_b_esd                 ? 
_cell.length_c                     77.591 
_cell.length_c_esd                 ? 
_cell.volume                       ? 
_cell.volume_esd                   ? 
_cell.Z_PDB                        4 
_cell.reciprocal_angle_alpha       ? 
_cell.reciprocal_angle_beta        ? 
_cell.reciprocal_angle_gamma       ? 
_cell.reciprocal_angle_alpha_esd   ? 
_cell.reciprocal_angle_beta_esd    ? 
_cell.reciprocal_angle_gamma_esd   ? 
_cell.reciprocal_length_a          ? 
_cell.reciprocal_length_b          ? 
_cell.reciprocal_length_c          ? 
_cell.reciprocal_length_a_esd      ? 
_cell.reciprocal_length_b_esd      ? 
_cell.reciprocal_length_c_esd      ? 
_cell.pdbx_unique_axis             ? 
# 
_symmetry.entry_id                         4Y9I 
_symmetry.cell_setting                     ? 
_symmetry.Int_Tables_number                5 
_symmetry.space_group_name_Hall            ? 
_symmetry.space_group_name_H-M             'I 1 2 1' 
_symmetry.pdbx_full_space_group_name_H-M   ? 
# 
loop_
_entity.id 
_entity.type 
_entity.src_method 
_entity.pdbx_description 
_entity.formula_weight 
_entity.pdbx_number_of_molecules 
_entity.pdbx_ec 
_entity.pdbx_mutation 
_entity.pdbx_fragment 
_entity.details 
1 polymer     man 'Mycobacterium tuberculosis paralogous family 11' 13021.810 1   ? ? 'UNP Residues 27-140' ? 
2 non-polymer man 'PHOSPHATE ION'                                   94.971    1   ? ? ?                     ? 
3 water       nat water                                             18.015    188 ? ? ?                     ? 
# 
_entity_name_com.entity_id   1 
_entity_name_com.name        'Nitroreductase,Uncharacterized protein' 
# 
_entity_poly.entity_id                      1 
_entity_poly.type                           'polypeptide(L)' 
_entity_poly.nstd_linkage                   no 
_entity_poly.nstd_monomer                   no 
_entity_poly.pdbx_seq_one_letter_code       
;GVHVLDRPIVLFTTTGAKSGKKRYVPLMRVEENGKYAMVASKGGDPKHPSWYFNVKANPTVSVQDGDKVLPDRTARELEG
EEREHWWKLAVEAYPPYAEYQTKTDRLIPVFIVE
;
_entity_poly.pdbx_seq_one_letter_code_can   
;GVHVLDRPIVLFTTTGAKSGKKRYVPLMRVEENGKYAMVASKGGDPKHPSWYFNVKANPTVSVQDGDKVLPDRTARELEG
EEREHWWKLAVEAYPPYAEYQTKTDRLIPVFIVE
;
_entity_poly.pdbx_strand_id                 A 
_entity_poly.pdbx_target_identifier         ? 
# 
loop_
_entity_poly_seq.entity_id 
_entity_poly_seq.num 
_entity_poly_seq.mon_id 
_entity_poly_seq.hetero 
1 1   GLY n 
1 2   VAL n 
1 3   HIS n 
1 4   VAL n 
1 5   LEU n 
1 6   ASP n 
1 7   ARG n 
1 8   PRO n 
1 9   ILE n 
1 10  VAL n 
1 11  LEU n 
1 12  PHE n 
1 13  THR n 
1 14  THR n 
1 15  THR n 
1 16  GLY n 
1 17  ALA n 
1 18  LYS n 
1 19  SER n 
1 20  GLY n 
1 21  LYS n 
1 22  LYS n 
1 23  ARG n 
1 24  TYR n 
1 25  VAL n 
1 26  PRO n 
1 27  LEU n 
1 28  MET n 
1 29  ARG n 
1 30  VAL n 
1 31  GLU n 
1 32  GLU n 
1 33  ASN n 
1 34  GLY n 
1 35  LYS n 
1 36  TYR n 
1 37  ALA n 
1 38  MET n 
1 39  VAL n 
1 40  ALA n 
1 41  SER n 
1 42  LYS n 
1 43  GLY n 
1 44  GLY n 
1 45  ASP n 
1 46  PRO n 
1 47  LYS n 
1 48  HIS n 
1 49  PRO n 
1 50  SER n 
1 51  TRP n 
1 52  TYR n 
1 53  PHE n 
1 54  ASN n 
1 55  VAL n 
1 56  LYS n 
1 57  ALA n 
1 58  ASN n 
1 59  PRO n 
1 60  THR n 
1 61  VAL n 
1 62  SER n 
1 63  VAL n 
1 64  GLN n 
1 65  ASP n 
1 66  GLY n 
1 67  ASP n 
1 68  LYS n 
1 69  VAL n 
1 70  LEU n 
1 71  PRO n 
1 72  ASP n 
1 73  ARG n 
1 74  THR n 
1 75  ALA n 
1 76  ARG n 
1 77  GLU n 
1 78  LEU n 
1 79  GLU n 
1 80  GLY n 
1 81  GLU n 
1 82  GLU n 
1 83  ARG n 
1 84  GLU n 
1 85  HIS n 
1 86  TRP n 
1 87  TRP n 
1 88  LYS n 
1 89  LEU n 
1 90  ALA n 
1 91  VAL n 
1 92  GLU n 
1 93  ALA n 
1 94  TYR n 
1 95  PRO n 
1 96  PRO n 
1 97  TYR n 
1 98  ALA n 
1 99  GLU n 
1 100 TYR n 
1 101 GLN n 
1 102 THR n 
1 103 LYS n 
1 104 THR n 
1 105 ASP n 
1 106 ARG n 
1 107 LEU n 
1 108 ILE n 
1 109 PRO n 
1 110 VAL n 
1 111 PHE n 
1 112 ILE n 
1 113 VAL n 
1 114 GLU n 
# 
_entity_src_gen.entity_id                          1 
_entity_src_gen.pdbx_src_id                        1 
_entity_src_gen.pdbx_alt_source_flag               sample 
_entity_src_gen.pdbx_seq_type                      'Biological sequence' 
_entity_src_gen.pdbx_beg_seq_num                   1 
_entity_src_gen.pdbx_end_seq_num                   114 
_entity_src_gen.gene_src_common_name               ? 
_entity_src_gen.gene_src_genus                     ? 
_entity_src_gen.pdbx_gene_src_gene                 'MSMEG_2027, MSMEI_1982, LJ00_10110' 
_entity_src_gen.gene_src_species                   ? 
_entity_src_gen.gene_src_strain                    'ATCC 700084 / mc(2)155' 
_entity_src_gen.gene_src_tissue                    ? 
_entity_src_gen.gene_src_tissue_fraction           ? 
_entity_src_gen.gene_src_details                   ? 
_entity_src_gen.pdbx_gene_src_fragment             ? 
_entity_src_gen.pdbx_gene_src_scientific_name      'Mycobacterium smegmatis (strain ATCC 700084 / mc(2)155)' 
_entity_src_gen.pdbx_gene_src_ncbi_taxonomy_id     246196 
_entity_src_gen.pdbx_gene_src_variant              ? 
_entity_src_gen.pdbx_gene_src_cell_line            ? 
_entity_src_gen.pdbx_gene_src_atcc                 ? 
_entity_src_gen.pdbx_gene_src_organ                ? 
_entity_src_gen.pdbx_gene_src_organelle            ? 
_entity_src_gen.pdbx_gene_src_cell                 ? 
_entity_src_gen.pdbx_gene_src_cellular_location    ? 
_entity_src_gen.host_org_common_name               ? 
_entity_src_gen.pdbx_host_org_scientific_name      'Escherichia coli' 
_entity_src_gen.pdbx_host_org_ncbi_taxonomy_id     469008 
_entity_src_gen.host_org_genus                     ? 
_entity_src_gen.pdbx_host_org_gene                 ? 
_entity_src_gen.pdbx_host_org_organ                ? 
_entity_src_gen.host_org_species                   ? 
_entity_src_gen.pdbx_host_org_tissue               ? 
_entity_src_gen.pdbx_host_org_tissue_fraction      ? 
_entity_src_gen.pdbx_host_org_strain               'BL21(DE3)' 
_entity_src_gen.pdbx_host_org_variant              ? 
_entity_src_gen.pdbx_host_org_cell_line            ? 
_entity_src_gen.pdbx_host_org_atcc                 ? 
_entity_src_gen.pdbx_host_org_culture_collection   ? 
_entity_src_gen.pdbx_host_org_cell                 ? 
_entity_src_gen.pdbx_host_org_organelle            ? 
_entity_src_gen.pdbx_host_org_cellular_location    ? 
_entity_src_gen.pdbx_host_org_vector_type          ? 
_entity_src_gen.pdbx_host_org_vector               ? 
_entity_src_gen.host_org_details                   ? 
_entity_src_gen.expression_system_id               ? 
_entity_src_gen.plasmid_name                       ? 
_entity_src_gen.plasmid_details                    ? 
_entity_src_gen.pdbx_description                   ? 
# 
_struct_ref.id                         1 
_struct_ref.db_name                    UNP 
_struct_ref.db_code                    A0QU01_MYCS2 
_struct_ref.pdbx_db_accession          A0QU01 
_struct_ref.pdbx_db_isoform            ? 
_struct_ref.entity_id                  1 
_struct_ref.pdbx_seq_one_letter_code   
;GVHVLDRPIVLFTTTGAKSGKKRYVPLMRVEENGKYAMVASKGGDPKHPSWYFNVKANPTVSVQDGDKVLPDRTARELEG
EEREHWWKLAVEAYPPYAEYQTKTDRLIPVFIVE
;
_struct_ref.pdbx_align_begin           27 
# 
_struct_ref_seq.align_id                      1 
_struct_ref_seq.ref_id                        1 
_struct_ref_seq.pdbx_PDB_id_code              4Y9I 
_struct_ref_seq.pdbx_strand_id                A 
_struct_ref_seq.seq_align_beg                 1 
_struct_ref_seq.pdbx_seq_align_beg_ins_code   ? 
_struct_ref_seq.seq_align_end                 114 
_struct_ref_seq.pdbx_seq_align_end_ins_code   ? 
_struct_ref_seq.pdbx_db_accession             A0QU01 
_struct_ref_seq.db_align_beg                  27 
_struct_ref_seq.pdbx_db_align_beg_ins_code    ? 
_struct_ref_seq.db_align_end                  140 
_struct_ref_seq.pdbx_db_align_end_ins_code    ? 
_struct_ref_seq.pdbx_auth_seq_align_beg       27 
_struct_ref_seq.pdbx_auth_seq_align_end       140 
# 
loop_
_chem_comp.id 
_chem_comp.type 
_chem_comp.mon_nstd_flag 
_chem_comp.name 
_chem_comp.pdbx_synonyms 
_chem_comp.formula 
_chem_comp.formula_weight 
ALA 'L-peptide linking' y ALANINE         ? 'C3 H7 N O2'     89.093  
ARG 'L-peptide linking' y ARGININE        ? 'C6 H15 N4 O2 1' 175.209 
ASN 'L-peptide linking' y ASPARAGINE      ? 'C4 H8 N2 O3'    132.118 
ASP 'L-peptide linking' y 'ASPARTIC ACID' ? 'C4 H7 N O4'     133.103 
GLN 'L-peptide linking' y GLUTAMINE       ? 'C5 H10 N2 O3'   146.144 
GLU 'L-peptide linking' y 'GLUTAMIC ACID' ? 'C5 H9 N O4'     147.129 
GLY 'peptide linking'   y GLYCINE         ? 'C2 H5 N O2'     75.067  
HIS 'L-peptide linking' y HISTIDINE       ? 'C6 H10 N3 O2 1' 156.162 
HOH non-polymer         . WATER           ? 'H2 O'           18.015  
ILE 'L-peptide linking' y ISOLEUCINE      ? 'C6 H13 N O2'    131.173 
LEU 'L-peptide linking' y LEUCINE         ? 'C6 H13 N O2'    131.173 
LYS 'L-peptide linking' y LYSINE          ? 'C6 H15 N2 O2 1' 147.195 
MET 'L-peptide linking' y METHIONINE      ? 'C5 H11 N O2 S'  149.211 
PHE 'L-peptide linking' y PHENYLALANINE   ? 'C9 H11 N O2'    165.189 
PO4 non-polymer         . 'PHOSPHATE ION' ? 'O4 P -3'        94.971  
PRO 'L-peptide linking' y PROLINE         ? 'C5 H9 N O2'     115.130 
SER 'L-peptide linking' y SERINE          ? 'C3 H7 N O3'     105.093 
THR 'L-peptide linking' y THREONINE       ? 'C4 H9 N O3'     119.119 
TRP 'L-peptide linking' y TRYPTOPHAN      ? 'C11 H12 N2 O2'  204.225 
TYR 'L-peptide linking' y TYROSINE        ? 'C9 H11 N O3'    181.189 
VAL 'L-peptide linking' y VALINE          ? 'C5 H11 N O2'    117.146 
# 
_exptl.absorpt_coefficient_mu     ? 
_exptl.absorpt_correction_T_max   ? 
_exptl.absorpt_correction_T_min   ? 
_exptl.absorpt_correction_type    ? 
_exptl.absorpt_process_details    ? 
_exptl.entry_id                   4Y9I 
_exptl.crystals_number            1 
_exptl.details                    ? 
_exptl.method                     'X-RAY DIFFRACTION' 
_exptl.method_details             ? 
# 
_exptl_crystal.colour                      ? 
_exptl_crystal.density_diffrn              ? 
_exptl_crystal.density_Matthews            2.04 
_exptl_crystal.density_method              ? 
_exptl_crystal.density_percent_sol         39.83 
_exptl_crystal.description                 ? 
_exptl_crystal.F_000                       ? 
_exptl_crystal.id                          1 
_exptl_crystal.preparation                 ? 
_exptl_crystal.size_max                    ? 
_exptl_crystal.size_mid                    ? 
_exptl_crystal.size_min                    ? 
_exptl_crystal.size_rad                    ? 
_exptl_crystal.colour_lustre               ? 
_exptl_crystal.colour_modifier             ? 
_exptl_crystal.colour_primary              ? 
_exptl_crystal.density_meas                ? 
_exptl_crystal.density_meas_esd            ? 
_exptl_crystal.density_meas_gt             ? 
_exptl_crystal.density_meas_lt             ? 
_exptl_crystal.density_meas_temp           ? 
_exptl_crystal.density_meas_temp_esd       ? 
_exptl_crystal.density_meas_temp_gt        ? 
_exptl_crystal.density_meas_temp_lt        ? 
_exptl_crystal.pdbx_crystal_image_url      ? 
_exptl_crystal.pdbx_crystal_image_format   ? 
_exptl_crystal.pdbx_mosaicity              ? 
_exptl_crystal.pdbx_mosaicity_esd          ? 
# 
_exptl_crystal_grow.apparatus       ? 
_exptl_crystal_grow.atmosphere      ? 
_exptl_crystal_grow.crystal_id      1 
_exptl_crystal_grow.details         ? 
_exptl_crystal_grow.method          'VAPOR DIFFUSION, HANGING DROP' 
_exptl_crystal_grow.method_ref      ? 
_exptl_crystal_grow.pH              6.7 
_exptl_crystal_grow.pressure        ? 
_exptl_crystal_grow.pressure_esd    ? 
_exptl_crystal_grow.seeding         ? 
_exptl_crystal_grow.seeding_ref     ? 
_exptl_crystal_grow.temp            291.15 
_exptl_crystal_grow.temp_details    ? 
_exptl_crystal_grow.temp_esd        ? 
_exptl_crystal_grow.time            ? 
_exptl_crystal_grow.pdbx_details    '20% PEGMME5000, 0.05 M imidazole' 
_exptl_crystal_grow.pdbx_pH_range   ? 
# 
_diffrn.ambient_environment    ? 
_diffrn.ambient_temp           100 
_diffrn.ambient_temp_details   ? 
_diffrn.ambient_temp_esd       ? 
_diffrn.crystal_id             1 
_diffrn.crystal_support        ? 
_diffrn.crystal_treatment      ? 
_diffrn.details                ? 
_diffrn.id                     1 
_diffrn.ambient_pressure       ? 
_diffrn.ambient_pressure_esd   ? 
_diffrn.ambient_pressure_gt    ? 
_diffrn.ambient_pressure_lt    ? 
_diffrn.ambient_temp_gt        ? 
_diffrn.ambient_temp_lt        ? 
# 
_diffrn_detector.details                      ? 
_diffrn_detector.detector                     'IMAGE PLATE' 
_diffrn_detector.diffrn_id                    1 
_diffrn_detector.type                         'MAR scanner 345 mm plate' 
_diffrn_detector.area_resol_mean              ? 
_diffrn_detector.dtime                        ? 
_diffrn_detector.pdbx_frames_total            ? 
_diffrn_detector.pdbx_collection_time_total   ? 
_diffrn_detector.pdbx_collection_date         2012-11-11 
# 
_diffrn_radiation.collimation                      ? 
_diffrn_radiation.diffrn_id                        1 
_diffrn_radiation.filter_edge                      ? 
_diffrn_radiation.inhomogeneity                    ? 
_diffrn_radiation.monochromator                    ? 
_diffrn_radiation.polarisn_norm                    ? 
_diffrn_radiation.polarisn_ratio                   ? 
_diffrn_radiation.probe                            ? 
_diffrn_radiation.type                             ? 
_diffrn_radiation.xray_symbol                      ? 
_diffrn_radiation.wavelength_id                    1 
_diffrn_radiation.pdbx_monochromatic_or_laue_m_l   M 
_diffrn_radiation.pdbx_wavelength_list             ? 
_diffrn_radiation.pdbx_wavelength                  ? 
_diffrn_radiation.pdbx_diffrn_protocol             'SINGLE WAVELENGTH' 
_diffrn_radiation.pdbx_analyzer                    ? 
_diffrn_radiation.pdbx_scattering_type             x-ray 
# 
_diffrn_radiation_wavelength.id           1 
_diffrn_radiation_wavelength.wavelength   1.5418 
_diffrn_radiation_wavelength.wt           1.0 
# 
_diffrn_source.current                     ? 
_diffrn_source.details                     ? 
_diffrn_source.diffrn_id                   1 
_diffrn_source.power                       ? 
_diffrn_source.size                        ? 
_diffrn_source.source                      'SEALED TUBE' 
_diffrn_source.target                      ? 
_diffrn_source.type                        'Xenocs GeniX 3D Cu HF' 
_diffrn_source.voltage                     ? 
_diffrn_source.take-off_angle              ? 
_diffrn_source.pdbx_wavelength_list        1.5418 
_diffrn_source.pdbx_wavelength             ? 
_diffrn_source.pdbx_synchrotron_beamline   ? 
_diffrn_source.pdbx_synchrotron_site       ? 
# 
_reflns.B_iso_Wilson_estimate            ? 
_reflns.entry_id                         4Y9I 
_reflns.data_reduction_details           ? 
_reflns.data_reduction_method            ? 
_reflns.d_resolution_high                1.498 
_reflns.d_resolution_low                 26.195 
_reflns.details                          ? 
_reflns.limit_h_max                      ? 
_reflns.limit_h_min                      ? 
_reflns.limit_k_max                      ? 
_reflns.limit_k_min                      ? 
_reflns.limit_l_max                      ? 
_reflns.limit_l_min                      ? 
_reflns.number_all                       ? 
_reflns.number_obs                       16332 
_reflns.observed_criterion               ? 
_reflns.observed_criterion_F_max         ? 
_reflns.observed_criterion_F_min         ? 
_reflns.observed_criterion_I_max         ? 
_reflns.observed_criterion_I_min         ? 
_reflns.observed_criterion_sigma_F       ? 
_reflns.observed_criterion_sigma_I       ? 
_reflns.percent_possible_obs             95.6 
_reflns.R_free_details                   ? 
_reflns.Rmerge_F_all                     ? 
_reflns.Rmerge_F_obs                     ? 
_reflns.Friedel_coverage                 ? 
_reflns.number_gt                        ? 
_reflns.threshold_expression             ? 
_reflns.pdbx_redundancy                  2.7 
_reflns.pdbx_Rmerge_I_obs                0.062 
_reflns.pdbx_Rmerge_I_all                ? 
_reflns.pdbx_Rsym_value                  ? 
_reflns.pdbx_netI_over_av_sigmaI         ? 
_reflns.pdbx_netI_over_sigmaI            13.0 
_reflns.pdbx_res_netI_over_av_sigmaI_2   ? 
_reflns.pdbx_res_netI_over_sigmaI_2      ? 
_reflns.pdbx_chi_squared                 ? 
_reflns.pdbx_scaling_rejects             ? 
_reflns.pdbx_d_res_high_opt              ? 
_reflns.pdbx_d_res_low_opt               ? 
_reflns.pdbx_d_res_opt_method            ? 
_reflns.phase_calculation_details        ? 
_reflns.pdbx_Rrim_I_all                  ? 
_reflns.pdbx_Rpim_I_all                  ? 
_reflns.pdbx_d_opt                       ? 
_reflns.pdbx_number_measured_all         ? 
_reflns.pdbx_diffrn_id                   1 
_reflns.pdbx_ordinal                     1 
_reflns.pdbx_CC_half                     ? 
_reflns.pdbx_R_split                     ? 
# 
_reflns_shell.d_res_high                  1.498 
_reflns_shell.d_res_low                   1.52 
_reflns_shell.meanI_over_sigI_all         ? 
_reflns_shell.meanI_over_sigI_obs         2.1 
_reflns_shell.number_measured_all         ? 
_reflns_shell.number_measured_obs         ? 
_reflns_shell.number_possible             ? 
_reflns_shell.number_unique_all           ? 
_reflns_shell.number_unique_obs           ? 
_reflns_shell.percent_possible_all        92.1 
_reflns_shell.percent_possible_obs        ? 
_reflns_shell.Rmerge_F_all                ? 
_reflns_shell.Rmerge_F_obs                ? 
_reflns_shell.Rmerge_I_all                ? 
_reflns_shell.Rmerge_I_obs                0.514 
_reflns_shell.meanI_over_sigI_gt          ? 
_reflns_shell.meanI_over_uI_all           ? 
_reflns_shell.meanI_over_uI_gt            ? 
_reflns_shell.number_measured_gt          ? 
_reflns_shell.number_unique_gt            ? 
_reflns_shell.percent_possible_gt         ? 
_reflns_shell.Rmerge_F_gt                 ? 
_reflns_shell.Rmerge_I_gt                 ? 
_reflns_shell.pdbx_redundancy             2.7 
_reflns_shell.pdbx_Rsym_value             ? 
_reflns_shell.pdbx_chi_squared            ? 
_reflns_shell.pdbx_netI_over_sigmaI_all   ? 
_reflns_shell.pdbx_netI_over_sigmaI_obs   ? 
_reflns_shell.pdbx_Rrim_I_all             ? 
_reflns_shell.pdbx_Rpim_I_all             ? 
_reflns_shell.pdbx_rejects                ? 
_reflns_shell.pdbx_ordinal                1 
_reflns_shell.pdbx_diffrn_id              1 
_reflns_shell.pdbx_CC_half                ? 
_reflns_shell.pdbx_R_split                ? 
# 
_refine.aniso_B[1][1]                            ? 
_refine.aniso_B[1][2]                            ? 
_refine.aniso_B[1][3]                            ? 
_refine.aniso_B[2][2]                            ? 
_refine.aniso_B[2][3]                            ? 
_refine.aniso_B[3][3]                            ? 
_refine.B_iso_max                                ? 
_refine.B_iso_mean                               ? 
_refine.B_iso_min                                ? 
_refine.correlation_coeff_Fo_to_Fc               ? 
_refine.correlation_coeff_Fo_to_Fc_free          ? 
_refine.details                                  ? 
_refine.diff_density_max                         ? 
_refine.diff_density_max_esd                     ? 
_refine.diff_density_min                         ? 
_refine.diff_density_min_esd                     ? 
_refine.diff_density_rms                         ? 
_refine.diff_density_rms_esd                     ? 
_refine.entry_id                                 4Y9I 
_refine.pdbx_refine_id                           'X-RAY DIFFRACTION' 
_refine.ls_abs_structure_details                 ? 
_refine.ls_abs_structure_Flack                   ? 
_refine.ls_abs_structure_Flack_esd               ? 
_refine.ls_abs_structure_Rogers                  ? 
_refine.ls_abs_structure_Rogers_esd              ? 
_refine.ls_d_res_high                            1.498 
_refine.ls_d_res_low                             26.195 
_refine.ls_extinction_coef                       ? 
_refine.ls_extinction_coef_esd                   ? 
_refine.ls_extinction_expression                 ? 
_refine.ls_extinction_method                     ? 
_refine.ls_goodness_of_fit_all                   ? 
_refine.ls_goodness_of_fit_all_esd               ? 
_refine.ls_goodness_of_fit_obs                   ? 
_refine.ls_goodness_of_fit_obs_esd               ? 
_refine.ls_hydrogen_treatment                    ? 
_refine.ls_matrix_type                           ? 
_refine.ls_number_constraints                    ? 
_refine.ls_number_parameters                     ? 
_refine.ls_number_reflns_all                     ? 
_refine.ls_number_reflns_obs                     16330 
_refine.ls_number_reflns_R_free                  1625 
_refine.ls_number_reflns_R_work                  16330 
_refine.ls_number_restraints                     ? 
_refine.ls_percent_reflns_obs                    95.62 
_refine.ls_percent_reflns_R_free                 5.13 
_refine.ls_R_factor_all                          ? 
_refine.ls_R_factor_obs                          0.1571 
_refine.ls_R_factor_R_free                       0.1986 
_refine.ls_R_factor_R_free_error                 ? 
_refine.ls_R_factor_R_free_error_details         ? 
_refine.ls_R_factor_R_work                       0.1550 
_refine.ls_R_Fsqd_factor_obs                     ? 
_refine.ls_R_I_factor_obs                        ? 
_refine.ls_redundancy_reflns_all                 ? 
_refine.ls_redundancy_reflns_obs                 ? 
_refine.ls_restrained_S_all                      ? 
_refine.ls_restrained_S_obs                      ? 
_refine.ls_shift_over_esd_max                    ? 
_refine.ls_shift_over_esd_mean                   ? 
_refine.ls_structure_factor_coef                 ? 
_refine.ls_weighting_details                     ? 
_refine.ls_weighting_scheme                      ? 
_refine.ls_wR_factor_all                         ? 
_refine.ls_wR_factor_obs                         ? 
_refine.ls_wR_factor_R_free                      ? 
_refine.ls_wR_factor_R_work                      ? 
_refine.occupancy_max                            ? 
_refine.occupancy_min                            ? 
_refine.solvent_model_details                    'FLAT BULK SOLVENT MODEL' 
_refine.solvent_model_param_bsol                 ? 
_refine.solvent_model_param_ksol                 ? 
_refine.ls_R_factor_gt                           ? 
_refine.ls_goodness_of_fit_gt                    ? 
_refine.ls_goodness_of_fit_ref                   ? 
_refine.ls_shift_over_su_max                     ? 
_refine.ls_shift_over_su_max_lt                  ? 
_refine.ls_shift_over_su_mean                    ? 
_refine.ls_shift_over_su_mean_lt                 ? 
_refine.pdbx_ls_sigma_I                          ? 
_refine.pdbx_ls_sigma_F                          1.34 
_refine.pdbx_ls_sigma_Fsqd                       ? 
_refine.pdbx_data_cutoff_high_absF               ? 
_refine.pdbx_data_cutoff_high_rms_absF           ? 
_refine.pdbx_data_cutoff_low_absF                ? 
_refine.pdbx_isotropic_thermal_model             ? 
_refine.pdbx_ls_cross_valid_method               'FREE R-VALUE' 
_refine.pdbx_method_to_determine_struct          'MOLECULAR REPLACEMENT' 
_refine.pdbx_starting_model                      3R5Z 
_refine.pdbx_stereochemistry_target_values       ML 
_refine.pdbx_R_Free_selection_details            RANDOM 
_refine.pdbx_stereochem_target_val_spec_case     ? 
_refine.pdbx_overall_ESU_R                       ? 
_refine.pdbx_overall_ESU_R_Free                  ? 
_refine.pdbx_solvent_vdw_probe_radii             1.11 
_refine.pdbx_solvent_ion_probe_radii             ? 
_refine.pdbx_solvent_shrinkage_radii             0.90 
_refine.pdbx_real_space_R                        ? 
_refine.pdbx_density_correlation                 ? 
_refine.pdbx_pd_number_of_powder_patterns        ? 
_refine.pdbx_pd_number_of_points                 ? 
_refine.pdbx_pd_meas_number_of_points            ? 
_refine.pdbx_pd_proc_ls_prof_R_factor            ? 
_refine.pdbx_pd_proc_ls_prof_wR_factor           ? 
_refine.pdbx_pd_Marquardt_correlation_coeff      ? 
_refine.pdbx_pd_Fsqrd_R_factor                   ? 
_refine.pdbx_pd_ls_matrix_band_width             ? 
_refine.pdbx_overall_phase_error                 20.04 
_refine.pdbx_overall_SU_R_free_Cruickshank_DPI   ? 
_refine.pdbx_overall_SU_R_free_Blow_DPI          ? 
_refine.pdbx_overall_SU_R_Blow_DPI               ? 
_refine.pdbx_TLS_residual_ADP_flag               ? 
_refine.pdbx_diffrn_id                           1 
_refine.overall_SU_B                             ? 
_refine.overall_SU_ML                            0.20 
_refine.overall_SU_R_Cruickshank_DPI             ? 
_refine.overall_SU_R_free                        ? 
_refine.overall_FOM_free_R_set                   ? 
_refine.overall_FOM_work_R_set                   ? 
_refine.pdbx_average_fsc_overall                 ? 
_refine.pdbx_average_fsc_work                    ? 
_refine.pdbx_average_fsc_free                    ? 
# 
_refine_hist.pdbx_refine_id                   'X-RAY DIFFRACTION' 
_refine_hist.cycle_id                         LAST 
_refine_hist.pdbx_number_atoms_protein        924 
_refine_hist.pdbx_number_atoms_nucleic_acid   0 
_refine_hist.pdbx_number_atoms_ligand         0 
_refine_hist.number_atoms_solvent             188 
_refine_hist.number_atoms_total               1112 
_refine_hist.d_res_high                       1.498 
_refine_hist.d_res_low                        26.195 
# 
loop_
_refine_ls_restr.pdbx_refine_id 
_refine_ls_restr.criterion 
_refine_ls_restr.dev_ideal 
_refine_ls_restr.dev_ideal_target 
_refine_ls_restr.number 
_refine_ls_restr.rejects 
_refine_ls_restr.type 
_refine_ls_restr.weight 
_refine_ls_restr.pdbx_restraint_function 
'X-RAY DIFFRACTION' ? 0.020  ? 1013 ? f_bond_d           ? ? 
'X-RAY DIFFRACTION' ? 1.909  ? 1388 ? f_angle_d          ? ? 
'X-RAY DIFFRACTION' ? 14.815 ? 384  ? f_dihedral_angle_d ? ? 
'X-RAY DIFFRACTION' ? 0.178  ? 145  ? f_chiral_restr     ? ? 
'X-RAY DIFFRACTION' ? 0.013  ? 184  ? f_plane_restr      ? ? 
# 
loop_
_refine_ls_shell.pdbx_refine_id 
_refine_ls_shell.d_res_high 
_refine_ls_shell.d_res_low 
_refine_ls_shell.number_reflns_all 
_refine_ls_shell.number_reflns_obs 
_refine_ls_shell.number_reflns_R_free 
_refine_ls_shell.number_reflns_R_work 
_refine_ls_shell.percent_reflns_obs 
_refine_ls_shell.percent_reflns_R_free 
_refine_ls_shell.R_factor_all 
_refine_ls_shell.R_factor_obs 
_refine_ls_shell.R_factor_R_free 
_refine_ls_shell.R_factor_R_free_error 
_refine_ls_shell.R_factor_R_work 
_refine_ls_shell.redundancy_reflns_all 
_refine_ls_shell.redundancy_reflns_obs 
_refine_ls_shell.wR_factor_all 
_refine_ls_shell.wR_factor_obs 
_refine_ls_shell.wR_factor_R_free 
_refine_ls_shell.wR_factor_R_work 
_refine_ls_shell.pdbx_total_number_of_bins_used 
_refine_ls_shell.pdbx_phase_error 
_refine_ls_shell.pdbx_fsc_work 
_refine_ls_shell.pdbx_fsc_free 
'X-RAY DIFFRACTION' 1.4980 1.5421  . . 142 2374 92.00 . . . 0.3340 . 0.2674 . . . . . . . . . . 
'X-RAY DIFFRACTION' 1.5421 1.5919  . . 169 2416 94.00 . . . 0.2914 . 0.2314 . . . . . . . . . . 
'X-RAY DIFFRACTION' 1.5919 1.6488  . . 144 2495 94.00 . . . 0.2419 . 0.2046 . . . . . . . . . . 
'X-RAY DIFFRACTION' 1.6488 1.7148  . . 130 2455 95.00 . . . 0.2312 . 0.1906 . . . . . . . . . . 
'X-RAY DIFFRACTION' 1.7148 1.7928  . . 113 2526 96.00 . . . 0.2815 . 0.1762 . . . . . . . . . . 
'X-RAY DIFFRACTION' 1.7928 1.8873  . . 117 2541 96.00 . . . 0.2380 . 0.1541 . . . . . . . . . . 
'X-RAY DIFFRACTION' 1.8873 2.0055  . . 131 2531 97.00 . . . 0.2064 . 0.1450 . . . . . . . . . . 
'X-RAY DIFFRACTION' 2.0055 2.1603  . . 157 2559 97.00 . . . 0.2006 . 0.1550 . . . . . . . . . . 
'X-RAY DIFFRACTION' 2.1603 2.3775  . . 123 2592 98.00 . . . 0.2380 . 0.1506 . . . . . . . . . . 
'X-RAY DIFFRACTION' 2.3775 2.7212  . . 128 2546 98.00 . . . 0.1521 . 0.1480 . . . . . . . . . . 
'X-RAY DIFFRACTION' 2.7212 3.4273  . . 131 2586 97.00 . . . 0.1652 . 0.1388 . . . . . . . . . . 
'X-RAY DIFFRACTION' 3.4273 26.1985 . . 140 2457 94.00 . . . 0.1504 . 0.1266 . . . . . . . . . . 
# 
_struct.entry_id                     4Y9I 
_struct.title                        'Structure of F420-H2 Dependent Reductase (FDR-A) msmeg_2027' 
_struct.pdbx_model_details           ? 
_struct.pdbx_formula_weight          ? 
_struct.pdbx_formula_weight_method   ? 
_struct.pdbx_model_type_details      ? 
_struct.pdbx_CASP_flag               ? 
# 
_struct_keywords.entry_id        4Y9I 
_struct_keywords.text            'F420, quinone, reductase, OXIDOREDUCTASE' 
_struct_keywords.pdbx_keywords   OXIDOREDUCTASE 
# 
loop_
_struct_asym.id 
_struct_asym.pdbx_blank_PDB_chainid_flag 
_struct_asym.pdbx_modified 
_struct_asym.entity_id 
_struct_asym.details 
A N N 1 ? 
B N N 2 ? 
C N N 3 ? 
# 
_struct_biol.details                      'Monomer confirmed by gel filtration' 
_struct_biol.id                           1 
_struct_biol.pdbx_parent_biol_id          ? 
_struct_biol.pdbx_formula_weight          ? 
_struct_biol.pdbx_formula_weight_method   ? 
_struct_biol.pdbx_aggregation_state       ? 
_struct_biol.pdbx_assembly_method         ? 
# 
loop_
_struct_conf.conf_type_id 
_struct_conf.id 
_struct_conf.pdbx_PDB_helix_id 
_struct_conf.beg_label_comp_id 
_struct_conf.beg_label_asym_id 
_struct_conf.beg_label_seq_id 
_struct_conf.pdbx_beg_PDB_ins_code 
_struct_conf.end_label_comp_id 
_struct_conf.end_label_asym_id 
_struct_conf.end_label_seq_id 
_struct_conf.pdbx_end_PDB_ins_code 
_struct_conf.beg_auth_comp_id 
_struct_conf.beg_auth_asym_id 
_struct_conf.beg_auth_seq_id 
_struct_conf.end_auth_comp_id 
_struct_conf.end_auth_asym_id 
_struct_conf.end_auth_seq_id 
_struct_conf.pdbx_PDB_helix_class 
_struct_conf.details 
_struct_conf.pdbx_PDB_helix_length 
HELX_P HELX_P1 AA1 SER A 50 ? ASN A 58  ? SER A 76  ASN A 84  1 ? 9  
HELX_P HELX_P2 AA2 GLU A 79 ? TYR A 94  ? GLU A 105 TYR A 120 1 ? 16 
HELX_P HELX_P3 AA3 PRO A 95 ? LYS A 103 ? PRO A 121 LYS A 129 1 ? 9  
# 
_struct_conf_type.id          HELX_P 
_struct_conf_type.criteria    ? 
_struct_conf_type.reference   ? 
# 
_struct_mon_prot_cis.pdbx_id                1 
_struct_mon_prot_cis.label_comp_id          ARG 
_struct_mon_prot_cis.label_seq_id           7 
_struct_mon_prot_cis.label_asym_id          A 
_struct_mon_prot_cis.label_alt_id           . 
_struct_mon_prot_cis.pdbx_PDB_ins_code      ? 
_struct_mon_prot_cis.auth_comp_id           ARG 
_struct_mon_prot_cis.auth_seq_id            33 
_struct_mon_prot_cis.auth_asym_id           A 
_struct_mon_prot_cis.pdbx_label_comp_id_2   PRO 
_struct_mon_prot_cis.pdbx_label_seq_id_2    8 
_struct_mon_prot_cis.pdbx_label_asym_id_2   A 
_struct_mon_prot_cis.pdbx_PDB_ins_code_2    ? 
_struct_mon_prot_cis.pdbx_auth_comp_id_2    PRO 
_struct_mon_prot_cis.pdbx_auth_seq_id_2     34 
_struct_mon_prot_cis.pdbx_auth_asym_id_2    A 
_struct_mon_prot_cis.pdbx_PDB_model_num     1 
_struct_mon_prot_cis.pdbx_omega_angle       15.26 
# 
_struct_sheet.id               AA1 
_struct_sheet.type             ? 
_struct_sheet.number_strands   7 
_struct_sheet.details          ? 
# 
loop_
_struct_sheet_order.sheet_id 
_struct_sheet_order.range_id_1 
_struct_sheet_order.range_id_2 
_struct_sheet_order.offset 
_struct_sheet_order.sense 
AA1 1 2 ? anti-parallel 
AA1 2 3 ? anti-parallel 
AA1 3 4 ? anti-parallel 
AA1 4 5 ? anti-parallel 
AA1 5 6 ? anti-parallel 
AA1 6 7 ? anti-parallel 
# 
loop_
_struct_sheet_range.sheet_id 
_struct_sheet_range.id 
_struct_sheet_range.beg_label_comp_id 
_struct_sheet_range.beg_label_asym_id 
_struct_sheet_range.beg_label_seq_id 
_struct_sheet_range.pdbx_beg_PDB_ins_code 
_struct_sheet_range.end_label_comp_id 
_struct_sheet_range.end_label_asym_id 
_struct_sheet_range.end_label_seq_id 
_struct_sheet_range.pdbx_end_PDB_ins_code 
_struct_sheet_range.beg_auth_comp_id 
_struct_sheet_range.beg_auth_asym_id 
_struct_sheet_range.beg_auth_seq_id 
_struct_sheet_range.end_auth_comp_id 
_struct_sheet_range.end_auth_asym_id 
_struct_sheet_range.end_auth_seq_id 
AA1 1 LYS A 22  ? MET A 28  ? LYS A 48  MET A 54  
AA1 2 ILE A 9   ? THR A 15  ? ILE A 35  THR A 41  
AA1 3 THR A 60  ? ASP A 65  ? THR A 86  ASP A 91  
AA1 4 LYS A 68  ? GLU A 77  ? LYS A 94  GLU A 103 
AA1 5 VAL A 110 ? VAL A 113 ? VAL A 136 VAL A 139 
AA1 6 LYS A 35  ? VAL A 39  ? LYS A 61  VAL A 65  
AA1 7 GLU A 31  ? GLU A 32  ? GLU A 57  GLU A 58  
# 
loop_
_pdbx_struct_sheet_hbond.sheet_id 
_pdbx_struct_sheet_hbond.range_id_1 
_pdbx_struct_sheet_hbond.range_id_2 
_pdbx_struct_sheet_hbond.range_1_label_atom_id 
_pdbx_struct_sheet_hbond.range_1_label_comp_id 
_pdbx_struct_sheet_hbond.range_1_label_asym_id 
_pdbx_struct_sheet_hbond.range_1_label_seq_id 
_pdbx_struct_sheet_hbond.range_1_PDB_ins_code 
_pdbx_struct_sheet_hbond.range_1_auth_atom_id 
_pdbx_struct_sheet_hbond.range_1_auth_comp_id 
_pdbx_struct_sheet_hbond.range_1_auth_asym_id 
_pdbx_struct_sheet_hbond.range_1_auth_seq_id 
_pdbx_struct_sheet_hbond.range_2_label_atom_id 
_pdbx_struct_sheet_hbond.range_2_label_comp_id 
_pdbx_struct_sheet_hbond.range_2_label_asym_id 
_pdbx_struct_sheet_hbond.range_2_label_seq_id 
_pdbx_struct_sheet_hbond.range_2_PDB_ins_code 
_pdbx_struct_sheet_hbond.range_2_auth_atom_id 
_pdbx_struct_sheet_hbond.range_2_auth_comp_id 
_pdbx_struct_sheet_hbond.range_2_auth_asym_id 
_pdbx_struct_sheet_hbond.range_2_auth_seq_id 
AA1 1 2 O VAL A 25  ? O VAL A 51  N PHE A 12  ? N PHE A 38  
AA1 2 3 N LEU A 11  ? N LEU A 37  O GLN A 64  ? O GLN A 90  
AA1 3 4 N VAL A 63  ? N VAL A 89  O LEU A 70  ? O LEU A 96  
AA1 4 5 N ARG A 76  ? N ARG A 102 O ILE A 112 ? O ILE A 138 
AA1 5 6 O VAL A 113 ? O VAL A 139 N TYR A 36  ? N TYR A 62  
AA1 6 7 O LYS A 35  ? O LYS A 61  N GLU A 32  ? N GLU A 58  
# 
_struct_site.id                   AC1 
_struct_site.pdbx_evidence_code   Software 
_struct_site.pdbx_auth_asym_id    A 
_struct_site.pdbx_auth_comp_id    PO4 
_struct_site.pdbx_auth_seq_id     201 
_struct_site.pdbx_auth_ins_code   ? 
_struct_site.pdbx_num_residues    9 
_struct_site.details              'binding site for residue PO4 A 201' 
# 
loop_
_struct_site_gen.id 
_struct_site_gen.site_id 
_struct_site_gen.pdbx_num_res 
_struct_site_gen.label_comp_id 
_struct_site_gen.label_asym_id 
_struct_site_gen.label_seq_id 
_struct_site_gen.pdbx_auth_ins_code 
_struct_site_gen.auth_comp_id 
_struct_site_gen.auth_asym_id 
_struct_site_gen.auth_seq_id 
_struct_site_gen.label_atom_id 
_struct_site_gen.label_alt_id 
_struct_site_gen.symmetry 
_struct_site_gen.details 
1 AC1 9 GLY A 16 ? GLY A 42  . ? 1_555 ? 
2 AC1 9 ALA A 17 ? ALA A 43  . ? 1_555 ? 
3 AC1 9 LYS A 18 ? LYS A 44  . ? 1_555 ? 
4 AC1 9 SER A 19 ? SER A 45  . ? 1_555 ? 
5 AC1 9 ARG A 23 ? ARG A 49  . ? 1_555 ? 
6 AC1 9 GLU A 79 ? GLU A 105 . ? 4_547 ? 
7 AC1 9 HOH C .  ? HOH A 312 . ? 1_555 ? 
8 AC1 9 HOH C .  ? HOH A 353 . ? 1_555 ? 
9 AC1 9 HOH C .  ? HOH A 378 . ? 1_555 ? 
# 
_atom_sites.entry_id                    4Y9I 
_atom_sites.fract_transf_matrix[1][1]   -0.01762221 
_atom_sites.fract_transf_matrix[1][2]   0.01643700 
_atom_sites.fract_transf_matrix[1][3]   0.01184362 
_atom_sites.fract_transf_matrix[2][1]   0.01119449 
_atom_sites.fract_transf_matrix[2][2]   0.02118323 
_atom_sites.fract_transf_matrix[2][3]   -0.01274248 
_atom_sites.fract_transf_matrix[3][1]   -0.00911895 
_atom_sites.fract_transf_matrix[3][2]   -0.00071569 
_atom_sites.fract_transf_matrix[3][3]   -0.00920093 
_atom_sites.fract_transf_vector[1]      0.470780 
_atom_sites.fract_transf_vector[2]      -0.022260 
_atom_sites.fract_transf_vector[3]      1.139754 
# 
loop_
_atom_type.symbol 
C 
N 
O 
P 
S 
# 
loop_
_atom_site.group_PDB 
_atom_site.id 
_atom_site.type_symbol 
_atom_site.label_atom_id 
_atom_site.label_alt_id 
_atom_site.label_comp_id 
_atom_site.label_asym_id 
_atom_site.label_entity_id 
_atom_site.label_seq_id 
_atom_site.pdbx_PDB_ins_code 
_atom_site.Cartn_x 
_atom_site.Cartn_y 
_atom_site.Cartn_z 
_atom_site.occupancy 
_atom_site.B_iso_or_equiv 
_atom_site.pdbx_formal_charge 
_atom_site.auth_seq_id 
_atom_site.auth_comp_id 
_atom_site.auth_asym_id 
_atom_site.auth_atom_id 
_atom_site.pdbx_PDB_model_num 
ATOM   1    N N   . GLY A 1 1   ? -1.652  -8.380  16.928  1.00 48.23 ? 27  GLY A N   1 
ATOM   2    C CA  . GLY A 1 1   ? -2.212  -7.927  18.190  1.00 45.23 ? 27  GLY A CA  1 
ATOM   3    C C   . GLY A 1 1   ? -2.175  -6.411  18.156  1.00 26.88 ? 27  GLY A C   1 
ATOM   4    O O   . GLY A 1 1   ? -2.496  -5.917  17.111  1.00 42.48 ? 27  GLY A O   1 
ATOM   5    N N   . VAL A 1 2   ? -1.907  -5.700  19.251  1.00 23.88 ? 28  VAL A N   1 
ATOM   6    C CA  . VAL A 1 2   ? -2.002  -4.246  19.150  1.00 21.25 ? 28  VAL A CA  1 
ATOM   7    C C   . VAL A 1 2   ? -0.827  -3.501  18.575  1.00 15.55 ? 28  VAL A C   1 
ATOM   8    O O   . VAL A 1 2   ? 0.258   -3.669  18.928  1.00 12.13 ? 28  VAL A O   1 
ATOM   9    C CB  . VAL A 1 2   ? -3.038  -3.465  19.979  1.00 28.81 ? 28  VAL A CB  1 
ATOM   10   C CG1 . VAL A 1 2   ? -3.761  -4.410  20.889  1.00 39.29 ? 28  VAL A CG1 1 
ATOM   11   C CG2 . VAL A 1 2   ? -2.393  -2.349  20.808  1.00 24.29 ? 28  VAL A CG2 1 
ATOM   12   N N   . HIS A 1 3   ? -1.152  -2.780  17.552  1.00 12.39 ? 29  HIS A N   1 
ATOM   13   C CA  . HIS A 1 3   ? -0.226  -1.973  16.843  1.00 12.09 ? 29  HIS A CA  1 
ATOM   14   C C   . HIS A 1 3   ? -0.430  -0.573  17.259  1.00 13.04 ? 29  HIS A C   1 
ATOM   15   O O   . HIS A 1 3   ? -1.506  -0.147  17.424  1.00 14.56 ? 29  HIS A O   1 
ATOM   16   C CB  . HIS A 1 3   ? -0.476  -2.072  15.322  1.00 13.99 ? 29  HIS A CB  1 
ATOM   17   C CG  . HIS A 1 3   ? -0.027  -3.356  14.752  1.00 12.25 ? 29  HIS A CG  1 
ATOM   18   N ND1 . HIS A 1 3   ? -0.793  -4.480  14.836  1.00 13.97 ? 29  HIS A ND1 1 
ATOM   19   C CD2 . HIS A 1 3   ? 1.114   -3.726  14.137  1.00 13.86 ? 29  HIS A CD2 1 
ATOM   20   C CE1 . HIS A 1 3   ? -0.148  -5.484  14.302  1.00 13.53 ? 29  HIS A CE1 1 
ATOM   21   N NE2 . HIS A 1 3   ? 1.008   -5.053  13.867  1.00 16.13 ? 29  HIS A NE2 1 
ATOM   22   N N   . VAL A 1 4   ? 0.689   0.122   17.388  1.00 9.09  ? 30  VAL A N   1 
ATOM   23   C CA  . VAL A 1 4   ? 0.771   1.508   17.639  1.00 10.83 ? 30  VAL A CA  1 
ATOM   24   C C   . VAL A 1 4   ? 1.295   2.264   16.402  1.00 11.93 ? 30  VAL A C   1 
ATOM   25   O O   . VAL A 1 4   ? 2.412   2.136   16.043  1.00 11.70 ? 30  VAL A O   1 
ATOM   26   C CB  . VAL A 1 4   ? 1.608   1.811   18.862  1.00 13.29 ? 30  VAL A CB  1 
ATOM   27   C CG1 . VAL A 1 4   ? 1.489   3.245   19.231  1.00 13.12 ? 30  VAL A CG1 1 
ATOM   28   C CG2 . VAL A 1 4   ? 1.206   0.957   20.024  1.00 17.15 ? 30  VAL A CG2 1 
ATOM   29   N N   . LEU A 1 5   ? 0.387   3.007   15.778  1.00 10.61 ? 31  LEU A N   1 
ATOM   30   C CA  . LEU A 1 5   ? 0.675   3.700   14.517  1.00 8.24  ? 31  LEU A CA  1 
ATOM   31   C C   . LEU A 1 5   ? 0.584   5.205   14.684  1.00 9.58  ? 31  LEU A C   1 
ATOM   32   O O   . LEU A 1 5   ? -0.337  5.734   15.267  1.00 11.73 ? 31  LEU A O   1 
ATOM   33   C CB  . LEU A 1 5   ? -0.297  3.233   13.405  1.00 9.86  ? 31  LEU A CB  1 
ATOM   34   C CG  . LEU A 1 5   ? 0.017   1.991   12.567  1.00 11.60 ? 31  LEU A CG  1 
ATOM   35   C CD1 . LEU A 1 5   ? 1.330   2.113   11.827  1.00 10.08 ? 31  LEU A CD1 1 
ATOM   36   C CD2 . LEU A 1 5   ? 0.125   0.769   13.466  1.00 12.56 ? 31  LEU A CD2 1 
ATOM   37   N N   . ASP A 1 6   ? 1.575   5.924   14.132  1.00 7.92  ? 32  ASP A N   1 
ATOM   38   C CA  . ASP A 1 6   ? 1.584   7.337   14.008  1.00 8.36  ? 32  ASP A CA  1 
ATOM   39   C C   . ASP A 1 6   ? 2.105   7.652   12.617  1.00 5.88  ? 32  ASP A C   1 
ATOM   40   O O   . ASP A 1 6   ? 2.884   6.878   12.047  1.00 7.29  ? 32  ASP A O   1 
ATOM   41   C CB  . ASP A 1 6   ? 2.468   8.011   15.029  1.00 7.95  ? 32  ASP A CB  1 
ATOM   42   C CG  . ASP A 1 6   ? 1.860   7.998   16.441  1.00 10.72 ? 32  ASP A CG  1 
ATOM   43   O OD1 . ASP A 1 6   ? 0.800   8.647   16.622  1.00 14.36 ? 32  ASP A OD1 1 
ATOM   44   O OD2 . ASP A 1 6   ? 2.361   7.273   17.343  1.00 12.06 ? 32  ASP A OD2 1 
ATOM   45   N N   . ARG A 1 7   ? 1.673   8.838   12.133  1.00 9.01  ? 33  ARG A N   1 
ATOM   46   C CA  . ARG A 1 7   ? 2.278   9.405   10.890  1.00 8.45  ? 33  ARG A CA  1 
ATOM   47   C C   . ARG A 1 7   ? 3.760   9.365   11.132  1.00 8.79  ? 33  ARG A C   1 
ATOM   48   O O   . ARG A 1 7   ? 4.187   9.686   12.231  1.00 12.44 ? 33  ARG A O   1 
ATOM   49   C CB  . ARG A 1 7   ? 1.848   10.830  10.629  1.00 11.10 ? 33  ARG A CB  1 
ATOM   50   C CG  . ARG A 1 7   ? 0.362   10.885  10.495  1.00 19.84 ? 33  ARG A CG  1 
ATOM   51   C CD  . ARG A 1 7   ? -0.144  12.183  9.923   1.00 21.87 ? 33  ARG A CD  1 
ATOM   52   N NE  . ARG A 1 7   ? -1.591  12.184  9.950   1.00 25.92 ? 33  ARG A NE  1 
ATOM   53   C CZ  . ARG A 1 7   ? -2.350  13.204  9.601   1.00 33.99 ? 33  ARG A CZ  1 
ATOM   54   N NH1 . ARG A 1 7   ? -1.792  14.335  9.201   1.00 34.76 ? 33  ARG A NH1 1 
ATOM   55   N NH2 . ARG A 1 7   ? -3.675  13.078  9.700   1.00 26.36 ? 33  ARG A NH2 1 
ATOM   56   N N   . PRO A 1 8   ? 4.560   8.994   10.132  1.00 7.30  ? 34  PRO A N   1 
ATOM   57   C CA  . PRO A 1 8   ? 4.239   8.897   8.711   1.00 7.80  ? 34  PRO A CA  1 
ATOM   58   C C   . PRO A 1 8   ? 3.831   7.523   8.189   1.00 7.64  ? 34  PRO A C   1 
ATOM   59   O O   . PRO A 1 8   ? 3.933   7.301   6.999   1.00 7.04  ? 34  PRO A O   1 
ATOM   60   C CB  . PRO A 1 8   ? 5.568   9.342   8.066   1.00 7.83  ? 34  PRO A CB  1 
ATOM   61   C CG  . PRO A 1 8   ? 6.580   8.777   8.893   1.00 7.71  ? 34  PRO A CG  1 
ATOM   62   C CD  . PRO A 1 8   ? 6.035   8.969   10.304  1.00 6.60  ? 34  PRO A CD  1 
ATOM   63   N N   . ILE A 1 9   ? 3.444   6.609   9.090   1.00 5.37  ? 35  ILE A N   1 
ATOM   64   C CA  . ILE A 1 9   ? 3.250   5.208   8.658   1.00 4.72  ? 35  ILE A CA  1 
ATOM   65   C C   . ILE A 1 9   ? 1.828   4.817   8.916   1.00 6.21  ? 35  ILE A C   1 
ATOM   66   O O   . ILE A 1 9   ? 1.224   5.244   9.906   1.00 7.81  ? 35  ILE A O   1 
ATOM   67   C CB  . ILE A 1 9   ? 4.267   4.307   9.423   1.00 5.90  ? 35  ILE A CB  1 
ATOM   68   C CG1 . ILE A 1 9   ? 5.717   4.740   9.049   1.00 9.39  ? 35  ILE A CG1 1 
ATOM   69   C CG2 . ILE A 1 9   ? 4.005   2.813   9.205   1.00 7.04  ? 35  ILE A CG2 1 
ATOM   70   C CD1 . ILE A 1 9   ? 6.761   4.149   9.987   1.00 8.52  ? 35  ILE A CD1 1 
ATOM   71   N N   . VAL A 1 10  ? 1.291   3.931   8.092   1.00 4.84  ? 36  VAL A N   1 
ATOM   72   C CA  . VAL A 1 10  ? 0.050   3.272   8.378   1.00 7.64  ? 36  VAL A CA  1 
ATOM   73   C C   . VAL A 1 10  ? 0.204   1.734   8.266   1.00 7.33  ? 36  VAL A C   1 
ATOM   74   O O   . VAL A 1 10  ? 1.220   1.240   7.754   1.00 9.48  ? 36  VAL A O   1 
ATOM   75   C CB  . VAL A 1 10  ? -1.062  3.716   7.455   1.00 8.52  ? 36  VAL A CB  1 
ATOM   76   C CG1 . VAL A 1 10  ? -1.362  5.193   7.663   1.00 11.00 ? 36  VAL A CG1 1 
ATOM   77   C CG2 . VAL A 1 10  ? -0.767  3.357   6.038   1.00 9.18  ? 36  VAL A CG2 1 
ATOM   78   N N   . LEU A 1 11  ? -0.766  1.021   8.834   1.00 5.75  ? 37  LEU A N   1 
ATOM   79   C CA  . LEU A 1 11  ? -0.737  -0.449  8.806   1.00 4.79  ? 37  LEU A CA  1 
ATOM   80   C C   . LEU A 1 11  ? -1.833  -1.047  7.950   1.00 5.56  ? 37  LEU A C   1 
ATOM   81   O O   . LEU A 1 11  ? -3.019  -0.702  8.111   1.00 7.92  ? 37  LEU A O   1 
ATOM   82   C CB  . LEU A 1 11  ? -0.958  -0.995  10.229  1.00 6.73  ? 37  LEU A CB  1 
ATOM   83   C CG  . LEU A 1 11  ? -0.843  -2.517  10.342  1.00 8.76  ? 37  LEU A CG  1 
ATOM   84   C CD1 . LEU A 1 11  ? 0.596   -2.954  10.296  1.00 9.85  ? 37  LEU A CD1 1 
ATOM   85   C CD2 . LEU A 1 11  ? -1.460  -2.945  11.635  1.00 7.69  ? 37  LEU A CD2 1 
ATOM   86   N N   . PHE A 1 12  ? -1.421  -1.919  7.041   1.00 3.09  ? 38  PHE A N   1 
ATOM   87   C CA  . PHE A 1 12  ? -2.369  -2.675  6.205   1.00 5.64  ? 38  PHE A CA  1 
ATOM   88   C C   . PHE A 1 12  ? -2.369  -4.085  6.647   1.00 6.03  ? 38  PHE A C   1 
ATOM   89   O O   . PHE A 1 12  ? -1.300  -4.713  6.726   1.00 6.01  ? 38  PHE A O   1 
ATOM   90   C CB  . PHE A 1 12  ? -1.943  -2.592  4.769   1.00 5.52  ? 38  PHE A CB  1 
ATOM   91   C CG  . PHE A 1 12  ? -2.004  -1.163  4.209   1.00 5.02  ? 38  PHE A CG  1 
ATOM   92   C CD1 . PHE A 1 12  ? -3.216  -0.675  3.761   1.00 6.79  ? 38  PHE A CD1 1 
ATOM   93   C CD2 . PHE A 1 12  ? -0.899  -0.356  4.193   1.00 5.31  ? 38  PHE A CD2 1 
ATOM   94   C CE1 . PHE A 1 12  ? -3.335  0.626   3.255   1.00 6.16  ? 38  PHE A CE1 1 
ATOM   95   C CE2 . PHE A 1 12  ? -1.013  0.949   3.701   1.00 4.97  ? 38  PHE A CE2 1 
ATOM   96   C CZ  . PHE A 1 12  ? -2.249  1.468   3.269   1.00 5.01  ? 38  PHE A CZ  1 
ATOM   97   N N   . THR A 1 13  ? -3.544  -4.629  6.954   1.00 5.67  ? 39  THR A N   1 
ATOM   98   C CA  . THR A 1 13  ? -3.665  -6.022  7.375   1.00 6.18  ? 39  THR A CA  1 
ATOM   99   C C   . THR A 1 13  ? -4.252  -6.833  6.250   1.00 6.42  ? 39  THR A C   1 
ATOM   100  O O   . THR A 1 13  ? -5.291  -6.465  5.775   1.00 8.26  ? 39  THR A O   1 
ATOM   101  C CB  . THR A 1 13  ? -4.510  -6.199  8.636   1.00 7.97  ? 39  THR A CB  1 
ATOM   102  O OG1 . THR A 1 13  ? -3.935  -5.388  9.686   1.00 9.19  ? 39  THR A OG1 1 
ATOM   103  C CG2 . THR A 1 13  ? -4.504  -7.641  9.080   1.00 10.93 ? 39  THR A CG2 1 
ATOM   104  N N   . THR A 1 14  ? -3.528  -7.856  5.863   1.00 6.37  ? 40  THR A N   1 
ATOM   105  C CA  . THR A 1 14  ? -3.867  -8.747  4.787   1.00 6.97  ? 40  THR A CA  1 
ATOM   106  C C   . THR A 1 14  ? -4.297  -10.088 5.344   1.00 5.97  ? 40  THR A C   1 
ATOM   107  O O   . THR A 1 14  ? -3.992  -10.440 6.506   1.00 7.56  ? 40  THR A O   1 
ATOM   108  C CB  . THR A 1 14  ? -2.709  -8.900  3.766   1.00 9.01  ? 40  THR A CB  1 
ATOM   109  O OG1 . THR A 1 14  ? -1.669  -9.711  4.366   1.00 9.16  ? 40  THR A OG1 1 
ATOM   110  C CG2 . THR A 1 14  ? -2.166  -7.549  3.252   1.00 9.07  ? 40  THR A CG2 1 
ATOM   111  N N   . THR A 1 15  ? -5.042  -10.867 4.565   1.00 6.79  ? 41  THR A N   1 
ATOM   112  C CA  . THR A 1 15  ? -5.531  -12.182 4.966   1.00 7.49  ? 41  THR A CA  1 
ATOM   113  C C   . THR A 1 15  ? -5.208  -13.191 3.912   1.00 9.44  ? 41  THR A C   1 
ATOM   114  O O   . THR A 1 15  ? -5.531  -13.005 2.758   1.00 6.60  ? 41  THR A O   1 
ATOM   115  C CB  . THR A 1 15  ? -7.048  -12.137 5.209   1.00 8.62  ? 41  THR A CB  1 
ATOM   116  O OG1 . THR A 1 15  ? -7.305  -11.168 6.224   1.00 8.84  ? 41  THR A OG1 1 
ATOM   117  C CG2 . THR A 1 15  ? -7.515  -13.522 5.606   1.00 10.08 ? 41  THR A CG2 1 
ATOM   118  N N   . GLY A 1 16  ? -4.592  -14.294 4.327   1.00 9.09  ? 42  GLY A N   1 
ATOM   119  C CA  . GLY A 1 16  ? -4.194  -15.311 3.357   1.00 10.07 ? 42  GLY A CA  1 
ATOM   120  C C   . GLY A 1 16  ? -5.401  -15.939 2.668   1.00 11.63 ? 42  GLY A C   1 
ATOM   121  O O   . GLY A 1 16  ? -6.377  -16.297 3.277   1.00 11.94 ? 42  GLY A O   1 
ATOM   122  N N   . ALA A 1 17  ? -5.302  -15.981 1.341   1.00 10.85 ? 43  ALA A N   1 
ATOM   123  C CA  . ALA A 1 17  ? -6.394  -16.479 0.523   1.00 11.53 ? 43  ALA A CA  1 
ATOM   124  C C   . ALA A 1 17  ? -6.622  -17.981 0.738   1.00 15.21 ? 43  ALA A C   1 
ATOM   125  O O   . ALA A 1 17  ? -7.726  -18.469 0.512   1.00 17.06 ? 43  ALA A O   1 
ATOM   126  C CB  . ALA A 1 17  ? -6.119  -16.214 -0.953  1.00 11.84 ? 43  ALA A CB  1 
ATOM   127  N N   . LYS A 1 18  ? -5.569  -18.688 1.109   1.00 10.34 ? 44  LYS A N   1 
ATOM   128  C CA  . LYS A 1 18  ? -5.658  -20.161 1.306   1.00 12.14 ? 44  LYS A CA  1 
ATOM   129  C C   . LYS A 1 18  ? -5.829  -20.538 2.780   1.00 15.38 ? 44  LYS A C   1 
ATOM   130  O O   . LYS A 1 18  ? -6.606  -21.462 3.134   1.00 18.22 ? 44  LYS A O   1 
ATOM   131  C CB  . LYS A 1 18  ? -4.424  -20.849 0.742   1.00 11.98 ? 44  LYS A CB  1 
ATOM   132  C CG  . LYS A 1 18  ? -4.367  -20.816 -0.777  1.00 11.80 ? 44  LYS A CG  1 
ATOM   133  C CD  . LYS A 1 18  ? -3.174  -21.590 -1.294  1.00 13.07 ? 44  LYS A CD  1 
ATOM   134  C CE  . LYS A 1 18  ? -3.057  -23.071 -0.911  1.00 15.01 ? 44  LYS A CE  1 
ATOM   135  N NZ  . LYS A 1 18  ? -1.872  -23.619 -1.637  1.00 17.77 ? 44  LYS A NZ  1 
ATOM   136  N N   . SER A 1 19  ? -5.094  -19.854 3.640   1.00 11.07 ? 45  SER A N   1 
ATOM   137  C CA  . SER A 1 19  ? -5.011  -20.188 5.066   1.00 10.98 ? 45  SER A CA  1 
ATOM   138  C C   . SER A 1 19  ? -5.862  -19.377 5.992   1.00 9.15  ? 45  SER A C   1 
ATOM   139  O O   . SER A 1 19  ? -6.089  -19.790 7.109   1.00 10.02 ? 45  SER A O   1 
ATOM   140  C CB  . SER A 1 19  ? -3.564  -20.033 5.560   1.00 12.13 ? 45  SER A CB  1 
ATOM   141  O OG  . SER A 1 19  ? -3.155  -18.663 5.611   1.00 13.75 ? 45  SER A OG  1 
ATOM   142  N N   . GLY A 1 20  ? -6.187  -18.153 5.598   1.00 9.87  ? 46  GLY A N   1 
ATOM   143  C CA  . GLY A 1 20  ? -6.803  -17.179 6.460   1.00 10.63 ? 46  GLY A CA  1 
ATOM   144  C C   . GLY A 1 20  ? -5.827  -16.449 7.407   1.00 8.79  ? 46  GLY A C   1 
ATOM   145  O O   . GLY A 1 20  ? -6.258  -15.712 8.276   1.00 10.63 ? 46  GLY A O   1 
ATOM   146  N N   . LYS A 1 21  ? -4.533  -16.680 7.271   0.85 6.12  ? 47  LYS A N   1 
ATOM   147  C CA  . LYS A 1 21  ? -3.595  -16.087 8.181   1.00 8.39  ? 47  LYS A CA  1 
ATOM   148  C C   . LYS A 1 21  ? -3.533  -14.574 7.973   1.00 10.42 ? 47  LYS A C   1 
ATOM   149  O O   . LYS A 1 21  ? -3.373  -14.085 6.846   1.00 9.74  ? 47  LYS A O   1 
ATOM   150  C CB  . LYS A 1 21  ? -2.199  -16.669 7.930   1.00 8.75  ? 47  LYS A CB  1 
ATOM   151  C CG  . LYS A 1 21  ? -1.084  -16.126 8.790   1.00 15.29 ? 47  LYS A CG  1 
ATOM   152  C CD  . LYS A 1 21  ? 0.213   -16.841 8.469   1.00 23.14 ? 47  LYS A CD  1 
ATOM   153  C CE  . LYS A 1 21  ? 1.373   -16.088 9.076   1.00 34.48 ? 47  LYS A CE  1 
ATOM   154  N NZ  . LYS A 1 21  ? 2.644   -16.558 8.403   1.00 43.88 ? 47  LYS A NZ  1 
ATOM   155  N N   . LYS A 1 22  ? -3.552  -13.857 9.058   1.00 9.16  ? 48  LYS A N   1 
ATOM   156  C CA  . LYS A 1 22  ? -3.356  -12.401 9.010   1.00 6.59  ? 48  LYS A CA  1 
ATOM   157  C C   . LYS A 1 22  ? -1.869  -12.066 8.896   1.00 11.40 ? 48  LYS A C   1 
ATOM   158  O O   . LYS A 1 22  ? -1.040  -12.674 9.586   1.00 11.34 ? 48  LYS A O   1 
ATOM   159  C CB  . LYS A 1 22  ? -3.933  -11.708 10.221  1.00 8.87  ? 48  LYS A CB  1 
ATOM   160  C CG  . LYS A 1 22  ? -5.386  -11.968 10.457  1.00 11.32 ? 48  LYS A CG  1 
ATOM   161  C CD  . LYS A 1 22  ? -6.234  -11.279 9.422   1.00 9.68  ? 48  LYS A CD  1 
ATOM   162  C CE  . LYS A 1 22  ? -7.697  -11.526 9.672   1.00 14.82 ? 48  LYS A CE  1 
ATOM   163  N NZ  . LYS A 1 22  ? -8.577  -10.871 8.717   1.00 17.61 ? 48  LYS A NZ  1 
ATOM   164  N N   . ARG A 1 23  ? -1.543  -11.138 7.998   0.92 7.52  ? 49  ARG A N   1 
ATOM   165  C CA  . ARG A 1 23  ? -0.198  -10.595 7.951   0.92 6.59  ? 49  ARG A CA  1 
ATOM   166  C C   . ARG A 1 23  ? -0.304  -9.101  8.053   0.92 11.39 ? 49  ARG A C   1 
ATOM   167  O O   . ARG A 1 23  ? -1.303  -8.495  7.611   0.92 9.33  ? 49  ARG A O   1 
ATOM   168  C CB  . ARG A 1 23  ? 0.513   -11.022 6.696   0.92 9.91  ? 49  ARG A CB  1 
ATOM   169  C CG  . ARG A 1 23  ? 0.711   -12.549 6.644   0.92 13.29 ? 49  ARG A CG  1 
ATOM   170  C CD  . ARG A 1 23  ? 1.471   -12.967 5.415   0.92 17.54 ? 49  ARG A CD  1 
ATOM   171  N NE  . ARG A 1 23  ? 1.582   -14.449 5.286   0.92 23.57 ? 49  ARG A NE  1 
ATOM   172  C CZ  . ARG A 1 23  ? 0.675   -15.254 4.692   0.92 22.81 ? 49  ARG A CZ  1 
ATOM   173  N NH1 . ARG A 1 23  ? 0.926   -16.588 4.647   0.92 17.26 ? 49  ARG A NH1 1 
ATOM   174  N NH2 . ARG A 1 23  ? -0.475  -14.772 4.137   0.92 15.66 ? 49  ARG A NH2 1 
ATOM   175  N N   . TYR A 1 24  ? 0.694   -8.478  8.653   1.00 7.12  ? 50  TYR A N   1 
ATOM   176  C CA  . TYR A 1 24  ? 0.637   -7.067  9.025   1.00 7.02  ? 50  TYR A CA  1 
ATOM   177  C C   . TYR A 1 24  ? 1.744   -6.341  8.255   1.00 8.31  ? 50  TYR A C   1 
ATOM   178  O O   . TYR A 1 24  ? 2.911   -6.697  8.404   1.00 8.69  ? 50  TYR A O   1 
ATOM   179  C CB  . TYR A 1 24  ? 0.784   -6.938  10.521  1.00 6.20  ? 50  TYR A CB  1 
ATOM   180  C CG  . TYR A 1 24  ? -0.250  -7.717  11.268  1.00 7.09  ? 50  TYR A CG  1 
ATOM   181  C CD1 . TYR A 1 24  ? -1.535  -7.248  11.461  1.00 9.53  ? 50  TYR A CD1 1 
ATOM   182  C CD2 . TYR A 1 24  ? 0.052   -9.040  11.709  1.00 11.50 ? 50  TYR A CD2 1 
ATOM   183  C CE1 . TYR A 1 24  ? -2.507  -8.041  12.118  1.00 10.95 ? 50  TYR A CE1 1 
ATOM   184  C CE2 . TYR A 1 24  ? -0.911  -9.837  12.295  1.00 13.68 ? 50  TYR A CE2 1 
ATOM   185  C CZ  . TYR A 1 24  ? -2.158  -9.337  12.529  1.00 12.42 ? 50  TYR A CZ  1 
ATOM   186  O OH  . TYR A 1 24  ? -3.124  -10.120 13.182  1.00 17.58 ? 50  TYR A OH  1 
ATOM   187  N N   . VAL A 1 25  ? 1.354   -5.366  7.436   1.00 7.49  ? 51  VAL A N   1 
ATOM   188  C CA  . VAL A 1 25  ? 2.245   -4.744  6.450   1.00 6.19  ? 51  VAL A CA  1 
ATOM   189  C C   . VAL A 1 25  ? 2.248   -3.213  6.742   1.00 7.93  ? 51  VAL A C   1 
ATOM   190  O O   . VAL A 1 25  ? 1.360   -2.486  6.304   1.00 5.77  ? 51  VAL A O   1 
ATOM   191  C CB  . VAL A 1 25  ? 1.756   -5.021  5.038   1.00 8.26  ? 51  VAL A CB  1 
ATOM   192  C CG1 . VAL A 1 25  ? 2.711   -4.475  4.024   1.00 9.48  ? 51  VAL A CG1 1 
ATOM   193  C CG2 . VAL A 1 25  ? 1.500   -6.493  4.804   1.00 6.55  ? 51  VAL A CG2 1 
ATOM   194  N N   . PRO A 1 26  ? 3.221   -2.739  7.484   1.00 6.21  ? 52  PRO A N   1 
ATOM   195  C CA  . PRO A 1 26  ? 3.369   -1.264  7.668   1.00 6.99  ? 52  PRO A CA  1 
ATOM   196  C C   . PRO A 1 26  ? 3.962   -0.681  6.403   1.00 5.16  ? 52  PRO A C   1 
ATOM   197  O O   . PRO A 1 26  ? 4.987   -1.157  5.865   1.00 7.31  ? 52  PRO A O   1 
ATOM   198  C CB  . PRO A 1 26  ? 4.304   -1.106  8.853   1.00 6.94  ? 52  PRO A CB  1 
ATOM   199  C CG  . PRO A 1 26  ? 4.640   -2.514  9.275   1.00 9.95  ? 52  PRO A CG  1 
ATOM   200  C CD  . PRO A 1 26  ? 4.292   -3.465  8.185   1.00 6.89  ? 52  PRO A CD  1 
ATOM   201  N N   . LEU A 1 27  ? 3.354   0.427   5.958   1.00 4.09  ? 53  LEU A N   1 
ATOM   202  C CA  . LEU A 1 27  ? 3.820   1.119   4.789   1.00 4.99  ? 53  LEU A CA  1 
ATOM   203  C C   . LEU A 1 27  ? 3.782   2.669   5.035   1.00 6.28  ? 53  LEU A C   1 
ATOM   204  O O   . LEU A 1 27  ? 2.940   3.129   5.825   1.00 6.75  ? 53  LEU A O   1 
ATOM   205  C CB  . LEU A 1 27  ? 3.012   0.798   3.531   1.00 6.85  ? 53  LEU A CB  1 
ATOM   206  C CG  . LEU A 1 27  ? 2.937   -0.663  3.092   1.00 6.44  ? 53  LEU A CG  1 
ATOM   207  C CD1 . LEU A 1 27  ? 2.019   -0.804  1.923   1.00 5.55  ? 53  LEU A CD1 1 
ATOM   208  C CD2 . LEU A 1 27  ? 4.282   -1.195  2.658   1.00 6.88  ? 53  LEU A CD2 1 
ATOM   209  N N   . MET A 1 28  ? 4.537   3.421   4.203   1.00 4.28  ? 54  MET A N   1 
ATOM   210  C CA  . MET A 1 28  ? 4.387   4.868   4.273   1.00 4.74  ? 54  MET A CA  1 
ATOM   211  C C   . MET A 1 28  ? 2.901   5.284   4.051   1.00 5.49  ? 54  MET A C   1 
ATOM   212  O O   . MET A 1 28  ? 2.217   4.752   3.129   1.00 6.44  ? 54  MET A O   1 
ATOM   213  C CB  . MET A 1 28  ? 5.256   5.575   3.231   1.00 5.47  ? 54  MET A CB  1 
ATOM   214  C CG  . MET A 1 28  ? 6.755   5.228   3.399   1.00 6.47  ? 54  MET A CG  1 
ATOM   215  S SD  . MET A 1 28  ? 7.384   5.766   5.036   1.00 7.55  ? 54  MET A SD  1 
ATOM   216  C CE  . MET A 1 28  ? 7.238   7.595   4.949   1.00 7.83  ? 54  MET A CE  1 
ATOM   217  N N   . ARG A 1 29  ? 2.470   6.226   4.854   1.00 5.15  ? 55  ARG A N   1 
ATOM   218  C CA  . ARG A 1 29  ? 1.133   6.830   4.725   1.00 4.38  ? 55  ARG A CA  1 
ATOM   219  C C   . ARG A 1 29  ? 1.064   7.713   3.464   1.00 5.42  ? 55  ARG A C   1 
ATOM   220  O O   . ARG A 1 29  ? 1.807   8.716   3.326   1.00 7.90  ? 55  ARG A O   1 
ATOM   221  C CB  . ARG A 1 29  ? 0.814   7.675   5.930   1.00 7.17  ? 55  ARG A CB  1 
ATOM   222  C CG  . ARG A 1 29  ? -0.586  8.270   5.942   1.00 6.95  ? 55  ARG A CG  1 
ATOM   223  C CD  . ARG A 1 29  ? -0.839  8.977   7.257   1.00 9.82  ? 55  ARG A CD  1 
ATOM   224  N NE  . ARG A 1 29  ? -2.182  9.512   7.368   1.00 8.98  ? 55  ARG A NE  1 
ATOM   225  C CZ  . ARG A 1 29  ? -2.600  10.630  6.778   1.00 12.75 ? 55  ARG A CZ  1 
ATOM   226  N NH1 . ARG A 1 29  ? -1.793  11.347  6.046   1.00 19.65 ? 55  ARG A NH1 1 
ATOM   227  N NH2 . ARG A 1 29  ? -3.846  11.045  6.937   1.00 16.22 ? 55  ARG A NH2 1 
ATOM   228  N N   . VAL A 1 30  ? 0.164   7.312   2.584   1.00 6.67  ? 56  VAL A N   1 
ATOM   229  C CA  . VAL A 1 30  ? -0.158  8.060   1.350   1.00 6.45  ? 56  VAL A CA  1 
ATOM   230  C C   . VAL A 1 30  ? -1.683  8.097   1.326   1.00 8.29  ? 56  VAL A C   1 
ATOM   231  O O   . VAL A 1 30  ? -2.341  7.083   1.097   1.00 6.52  ? 56  VAL A O   1 
ATOM   232  C CB  . VAL A 1 30  ? 0.389   7.361   0.126   1.00 5.21  ? 56  VAL A CB  1 
ATOM   233  C CG1 . VAL A 1 30  ? 0.056   8.165   -1.102  1.00 7.53  ? 56  VAL A CG1 1 
ATOM   234  C CG2 . VAL A 1 30  ? 1.904   7.147   0.276   1.00 8.04  ? 56  VAL A CG2 1 
ATOM   235  N N   . GLU A 1 31  ? -2.266  9.254   1.648   1.00 8.68  ? 57  GLU A N   1 
ATOM   236  C CA  . GLU A 1 31  ? -3.696  9.368   1.954   1.00 6.89  ? 57  GLU A CA  1 
ATOM   237  C C   . GLU A 1 31  ? -4.294  10.507  1.207   1.00 9.76  ? 57  GLU A C   1 
ATOM   238  O O   . GLU A 1 31  ? -3.657  11.529  1.033   1.00 9.12  ? 57  GLU A O   1 
ATOM   239  C CB  . GLU A 1 31  ? -3.950  9.471   3.482   1.00 8.60  ? 57  GLU A CB  1 
ATOM   240  C CG  . GLU A 1 31  ? -5.425  9.493   3.876   1.00 7.51  ? 57  GLU A CG  1 
ATOM   241  C CD  . GLU A 1 31  ? -6.108  10.845  3.829   1.00 11.03 ? 57  GLU A CD  1 
ATOM   242  O OE1 . GLU A 1 31  ? -5.445  11.892  3.649   1.00 11.84 ? 57  GLU A OE1 1 
ATOM   243  O OE2 . GLU A 1 31  ? -7.333  10.792  3.978   1.00 11.31 ? 57  GLU A OE2 1 
ATOM   244  N N   . GLU A 1 32  ? -5.559  10.350  0.789   1.00 7.15  ? 58  GLU A N   1 
ATOM   245  C CA  . GLU A 1 32  ? -6.339  11.425  0.199   1.00 8.29  ? 58  GLU A CA  1 
ATOM   246  C C   . GLU A 1 32  ? -7.805  11.142  0.332   1.00 6.34  ? 58  GLU A C   1 
ATOM   247  O O   . GLU A 1 32  ? -8.306  10.122  -0.119  1.00 6.87  ? 58  GLU A O   1 
ATOM   248  C CB  . GLU A 1 32  ? -5.968  11.631  -1.257  1.00 9.23  ? 58  GLU A CB  1 
ATOM   249  C CG  . GLU A 1 32  ? -6.719  12.770  -1.961  1.00 8.46  ? 58  GLU A CG  1 
ATOM   250  C CD  . GLU A 1 32  ? -6.248  12.918  -3.403  1.00 9.70  ? 58  GLU A CD  1 
ATOM   251  O OE1 . GLU A 1 32  ? -6.607  12.082  -4.266  1.00 10.02 ? 58  GLU A OE1 1 
ATOM   252  O OE2 . GLU A 1 32  ? -5.482  13.881  -3.615  1.00 12.06 ? 58  GLU A OE2 1 
ATOM   253  N N   . ASN A 1 33  ? -8.483  12.062  0.987   1.00 7.78  ? 59  ASN A N   1 
ATOM   254  C CA  . ASN A 1 33  ? -9.968  11.986  1.107   1.00 5.25  ? 59  ASN A CA  1 
ATOM   255  C C   . ASN A 1 33  ? -10.467 10.608  1.564   1.00 7.66  ? 59  ASN A C   1 
ATOM   256  O O   . ASN A 1 33  ? -11.550 10.099  1.144   1.00 9.81  ? 59  ASN A O   1 
ATOM   257  C CB  . ASN A 1 33  ? -10.635 12.484  -0.165  1.00 6.96  ? 59  ASN A CB  1 
ATOM   258  C CG  . ASN A 1 33  ? -10.338 13.936  -0.442  1.00 9.11  ? 59  ASN A CG  1 
ATOM   259  O OD1 . ASN A 1 33  ? -10.148 14.699  0.508   1.00 9.79  ? 59  ASN A OD1 1 
ATOM   260  N ND2 . ASN A 1 33  ? -10.314 14.351  -1.705  1.00 8.42  ? 59  ASN A ND2 1 
ATOM   261  N N   . GLY A 1 34  ? -9.724  10.051  2.541   1.00 9.15  ? 60  GLY A N   1 
ATOM   262  C CA  . GLY A 1 34  ? -10.087 8.815   3.194   1.00 10.55 ? 60  GLY A CA  1 
ATOM   263  C C   . GLY A 1 34  ? -9.692  7.531   2.524   1.00 13.33 ? 60  GLY A C   1 
ATOM   264  O O   . GLY A 1 34  ? -10.066 6.448   3.025   1.00 13.03 ? 60  GLY A O   1 
ATOM   265  N N   . LYS A 1 35  ? -9.017  7.646   1.376   1.00 6.99  ? 61  LYS A N   1 
ATOM   266  C CA  . LYS A 1 35  ? -8.421  6.508   0.678   1.00 6.12  ? 61  LYS A CA  1 
ATOM   267  C C   . LYS A 1 35  ? -6.931  6.506   0.864   1.00 4.99  ? 61  LYS A C   1 
ATOM   268  O O   . LYS A 1 35  ? -6.285  7.557   1.073   1.00 6.81  ? 61  LYS A O   1 
ATOM   269  C CB  . LYS A 1 35  ? -8.816  6.500   -0.807  1.00 7.98  ? 61  LYS A CB  1 
ATOM   270  C CG  . LYS A 1 35  ? -10.343 6.427   -0.996  1.00 11.51 ? 61  LYS A CG  1 
ATOM   271  C CD  . LYS A 1 35  ? -10.767 6.187   -2.456  1.00 13.07 ? 61  LYS A CD  1 
ATOM   272  C CE  . LYS A 1 35  ? -12.302 5.904   -2.542  1.00 17.95 ? 61  LYS A CE  1 
ATOM   273  N NZ  . LYS A 1 35  ? -12.662 5.455   -3.916  1.00 16.90 ? 61  LYS A NZ  1 
ATOM   274  N N   . TYR A 1 36  ? -6.359  5.317   0.790   1.00 5.98  ? 62  TYR A N   1 
ATOM   275  C CA  . TYR A 1 36  ? -4.939  5.094   1.059   1.00 6.60  ? 62  TYR A CA  1 
ATOM   276  C C   . TYR A 1 36  ? -4.280  4.396   -0.095  1.00 7.70  ? 62  TYR A C   1 
ATOM   277  O O   . TYR A 1 36  ? -4.947  3.569   -0.811  1.00 8.01  ? 62  TYR A O   1 
ATOM   278  C CB  . TYR A 1 36  ? -4.705  4.265   2.327   1.00 6.25  ? 62  TYR A CB  1 
ATOM   279  C CG  . TYR A 1 36  ? -5.115  4.975   3.615   1.00 7.06  ? 62  TYR A CG  1 
ATOM   280  C CD1 . TYR A 1 36  ? -6.464  5.027   3.992   1.00 9.07  ? 62  TYR A CD1 1 
ATOM   281  C CD2 . TYR A 1 36  ? -4.203  5.708   4.362   1.00 6.76  ? 62  TYR A CD2 1 
ATOM   282  C CE1 . TYR A 1 36  ? -6.864  5.721   5.116   1.00 7.85  ? 62  TYR A CE1 1 
ATOM   283  C CE2 . TYR A 1 36  ? -4.597  6.389   5.508   1.00 8.35  ? 62  TYR A CE2 1 
ATOM   284  C CZ  . TYR A 1 36  ? -5.945  6.435   5.859   1.00 8.02  ? 62  TYR A CZ  1 
ATOM   285  O OH  . TYR A 1 36  ? -6.359  7.105   6.970   1.00 11.18 ? 62  TYR A OH  1 
ATOM   286  N N   . ALA A 1 37  ? -2.980  4.626   -0.301  1.00 6.57  ? 63  ALA A N   1 
ATOM   287  C CA  . ALA A 1 37  ? -2.222  3.838   -1.256  1.00 5.64  ? 63  ALA A CA  1 
ATOM   288  C C   . ALA A 1 37  ? -1.199  2.888   -0.619  1.00 6.35  ? 63  ALA A C   1 
ATOM   289  O O   . ALA A 1 37  ? -0.533  3.252   0.370   1.00 7.65  ? 63  ALA A O   1 
ATOM   290  C CB  . ALA A 1 37  ? -1.511  4.717   -2.278  1.00 6.75  ? 63  ALA A CB  1 
ATOM   291  N N   . MET A 1 38  ? -1.062  1.688   -1.183  1.00 6.89  ? 64  MET A N   1 
ATOM   292  C CA  . MET A 1 38  ? 0.005   0.728   -0.822  1.00 5.35  ? 64  MET A CA  1 
ATOM   293  C C   . MET A 1 38  ? 0.980   0.765   -2.001  1.00 6.58  ? 64  MET A C   1 
ATOM   294  O O   . MET A 1 38  ? 0.657   0.277   -3.133  1.00 6.34  ? 64  MET A O   1 
ATOM   295  C CB  . MET A 1 38  ? -0.543  -0.666  -0.716  1.00 5.85  ? 64  MET A CB  1 
ATOM   296  C CG  . MET A 1 38  ? -1.632  -0.829  0.367   1.00 6.20  ? 64  MET A CG  1 
ATOM   297  S SD  . MET A 1 38  ? -2.327  -2.478  0.484   1.00 7.34  ? 64  MET A SD  1 
ATOM   298  C CE  . MET A 1 38  ? -1.003  -3.263  1.352   1.00 5.70  ? 64  MET A CE  1 
ATOM   299  N N   . VAL A 1 39  ? 2.153   1.290   -1.803  1.00 5.24  ? 65  VAL A N   1 
ATOM   300  C CA  . VAL A 1 39  ? 3.196   1.317   -2.870  1.00 5.79  ? 65  VAL A CA  1 
ATOM   301  C C   . VAL A 1 39  ? 3.990   0.026   -2.758  1.00 6.86  ? 65  VAL A C   1 
ATOM   302  O O   . VAL A 1 39  ? 4.630   -0.252  -1.758  1.00 8.97  ? 65  VAL A O   1 
ATOM   303  C CB  . VAL A 1 39  ? 4.086   2.532   -2.727  1.00 4.72  ? 65  VAL A CB  1 
ATOM   304  C CG1 . VAL A 1 39  ? 5.214   2.498   -3.757  1.00 8.25  ? 65  VAL A CG1 1 
ATOM   305  C CG2 . VAL A 1 39  ? 3.254   3.804   -2.793  1.00 7.58  ? 65  VAL A CG2 1 
ATOM   306  N N   . ALA A 1 40  ? 3.870   -0.826  -3.805  1.00 7.01  ? 66  ALA A N   1 
ATOM   307  C CA  . ALA A 1 40  ? 4.492   -2.155  -3.820  1.00 7.19  ? 66  ALA A CA  1 
ATOM   308  C C   . ALA A 1 40  ? 5.966   -2.130  -4.275  1.00 9.58  ? 66  ALA A C   1 
ATOM   309  O O   . ALA A 1 40  ? 6.327   -2.759  -5.245  1.00 9.99  ? 66  ALA A O   1 
ATOM   310  C CB  . ALA A 1 40  ? 3.641   -3.139  -4.682  1.00 7.00  ? 66  ALA A CB  1 
ATOM   311  N N   . SER A 1 41  ? 6.766   -1.315  -3.575  1.00 10.60 ? 67  SER A N   1 
ATOM   312  C CA  . SER A 1 41  ? 8.193   -1.335  -3.740  1.00 10.23 ? 67  SER A CA  1 
ATOM   313  C C   . SER A 1 41  ? 8.733   -2.285  -2.756  1.00 11.83 ? 67  SER A C   1 
ATOM   314  O O   . SER A 1 41  ? 7.993   -2.875  -1.989  1.00 12.92 ? 67  SER A O   1 
ATOM   315  C CB  . SER A 1 41  ? 8.763   0.018   -3.565  1.00 10.20 ? 67  SER A CB  1 
ATOM   316  O OG  . SER A 1 41  ? 8.358   0.601   -2.358  1.00 13.22 ? 67  SER A OG  1 
ATOM   317  N N   . LYS A 1 42  ? 10.031  -2.464  -2.797  1.00 11.31 ? 68  LYS A N   1 
ATOM   318  C CA  . LYS A 1 42  ? 10.726  -3.340  -1.908  1.00 10.46 ? 68  LYS A CA  1 
ATOM   319  C C   . LYS A 1 42  ? 12.082  -2.697  -1.596  1.00 13.02 ? 68  LYS A C   1 
ATOM   320  O O   . LYS A 1 42  ? 13.157  -3.314  -1.796  1.00 18.80 ? 68  LYS A O   1 
ATOM   321  C CB  . LYS A 1 42  ? 10.970  -4.734  -2.518  1.00 15.12 ? 68  LYS A CB  1 
ATOM   322  C CG  . LYS A 1 42  ? 11.198  -5.737  -1.434  1.00 15.81 ? 68  LYS A CG  1 
ATOM   323  C CD  . LYS A 1 42  ? 11.654  -7.097  -1.903  1.00 14.31 ? 68  LYS A CD  1 
ATOM   324  C CE  . LYS A 1 42  ? 12.445  -7.748  -0.772  1.00 19.46 ? 68  LYS A CE  1 
ATOM   325  N NZ  . LYS A 1 42  ? 11.688  -8.019  0.438   1.00 17.32 ? 68  LYS A NZ  1 
ATOM   326  N N   . GLY A 1 43  ? 12.047  -1.459  -1.169  1.00 13.68 ? 69  GLY A N   1 
ATOM   327  C CA  . GLY A 1 43  ? 13.225  -0.786  -0.629  1.00 19.39 ? 69  GLY A CA  1 
ATOM   328  C C   . GLY A 1 43  ? 14.286  -0.502  -1.621  1.00 17.54 ? 69  GLY A C   1 
ATOM   329  O O   . GLY A 1 43  ? 15.450  -0.272  -1.225  1.00 17.22 ? 69  GLY A O   1 
ATOM   330  N N   . GLY A 1 44  ? 13.919  -0.445  -2.894  1.00 16.92 ? 70  GLY A N   1 
ATOM   331  C CA  . GLY A 1 44  ? 14.860  -0.145  -3.977  1.00 18.20 ? 70  GLY A CA  1 
ATOM   332  C C   . GLY A 1 44  ? 15.351  -1.417  -4.704  1.00 28.19 ? 70  GLY A C   1 
ATOM   333  O O   . GLY A 1 44  ? 15.957  -1.324  -5.776  1.00 28.80 ? 70  GLY A O   1 
ATOM   334  N N   . ASP A 1 45  ? 15.051  -2.584  -4.140  1.00 17.79 ? 71  ASP A N   1 
ATOM   335  C CA  . ASP A 1 45  ? 15.258  -3.897  -4.828  1.00 19.43 ? 71  ASP A CA  1 
ATOM   336  C C   . ASP A 1 45  ? 14.066  -4.025  -5.796  1.00 18.92 ? 71  ASP A C   1 
ATOM   337  O O   . ASP A 1 45  ? 12.938  -3.837  -5.392  1.00 17.68 ? 71  ASP A O   1 
ATOM   338  C CB  . ASP A 1 45  ? 15.277  -4.986  -3.746  1.00 20.86 ? 71  ASP A CB  1 
ATOM   339  C CG  . ASP A 1 45  ? 15.213  -6.393  -4.291  1.00 28.80 ? 71  ASP A CG  1 
ATOM   340  O OD1 . ASP A 1 45  ? 15.050  -6.577  -5.550  1.00 22.31 ? 71  ASP A OD1 1 
ATOM   341  O OD2 . ASP A 1 45  ? 15.308  -7.317  -3.421  1.00 28.06 ? 71  ASP A OD2 1 
ATOM   342  N N   . PRO A 1 46  ? 14.309  -4.237  -7.108  1.00 19.50 ? 72  PRO A N   1 
ATOM   343  C CA  . PRO A 1 46  ? 13.162  -4.138  -8.044  1.00 16.12 ? 72  PRO A CA  1 
ATOM   344  C C   . PRO A 1 46  ? 12.165  -5.288  -8.048  1.00 22.30 ? 72  PRO A C   1 
ATOM   345  O O   . PRO A 1 46  ? 11.123  -5.185  -8.706  1.00 30.90 ? 72  PRO A O   1 
ATOM   346  C CB  . PRO A 1 46  ? 13.814  -3.951  -9.407  1.00 22.62 ? 72  PRO A CB  1 
ATOM   347  C CG  . PRO A 1 46  ? 15.146  -4.649  -9.250  1.00 22.89 ? 72  PRO A CG  1 
ATOM   348  C CD  . PRO A 1 46  ? 15.587  -4.353  -7.832  1.00 16.53 ? 72  PRO A CD  1 
ATOM   349  N N   . LYS A 1 47  ? 12.405  -6.310  -7.255  1.00 19.16 ? 73  LYS A N   1 
ATOM   350  C CA  . LYS A 1 47  ? 11.493  -7.388  -7.199  1.00 19.10 ? 73  LYS A CA  1 
ATOM   351  C C   . LYS A 1 47  ? 10.311  -7.024  -6.270  1.00 20.27 ? 73  LYS A C   1 
ATOM   352  O O   . LYS A 1 47  ? 10.436  -6.183  -5.358  1.00 19.90 ? 73  LYS A O   1 
ATOM   353  C CB  . LYS A 1 47  ? 12.168  -8.615  -6.647  1.00 24.67 ? 73  LYS A CB  1 
ATOM   354  C CG  . LYS A 1 47  ? 12.348  -8.599  -5.156  1.00 32.42 ? 73  LYS A CG  1 
ATOM   355  C CD  . LYS A 1 47  ? 13.336  -9.673  -4.674  1.00 45.97 ? 73  LYS A CD  1 
ATOM   356  C CE  . LYS A 1 47  ? 12.654  -10.856 -3.984  1.00 44.92 ? 73  LYS A CE  1 
ATOM   357  N NZ  . LYS A 1 47  ? 13.607  -11.599 -3.105  1.00 51.22 ? 73  LYS A NZ  1 
ATOM   358  N N   . HIS A 1 48  ? 9.201   -7.719  -6.460  1.00 16.51 ? 74  HIS A N   1 
ATOM   359  C CA  . HIS A 1 48  ? 7.995   -7.483  -5.641  1.00 13.89 ? 74  HIS A CA  1 
ATOM   360  C C   . HIS A 1 48  ? 8.176   -7.792  -4.168  1.00 14.64 ? 74  HIS A C   1 
ATOM   361  O O   . HIS A 1 48  ? 8.788   -8.790  -3.756  1.00 17.13 ? 74  HIS A O   1 
ATOM   362  C CB  . HIS A 1 48  ? 6.846   -8.398  -6.081  1.00 14.59 ? 74  HIS A CB  1 
ATOM   363  C CG  . HIS A 1 48  ? 6.371   -8.179  -7.475  1.00 19.66 ? 74  HIS A CG  1 
ATOM   364  N ND1 . HIS A 1 48  ? 6.034   -6.935  -7.975  1.00 18.01 ? 74  HIS A ND1 1 
ATOM   365  C CD2 . HIS A 1 48  ? 6.094   -9.063  -8.470  1.00 27.56 ? 74  HIS A CD2 1 
ATOM   366  C CE1 . HIS A 1 48  ? 5.591   -7.057  -9.212  1.00 20.78 ? 74  HIS A CE1 1 
ATOM   367  N NE2 . HIS A 1 48  ? 5.598   -8.339  -9.526  1.00 21.31 ? 74  HIS A NE2 1 
ATOM   368  N N   . PRO A 1 49  ? 7.602   -6.950  -3.290  1.00 13.07 ? 75  PRO A N   1 
ATOM   369  C CA  . PRO A 1 49  ? 7.452   -7.316  -1.914  1.00 9.81  ? 75  PRO A CA  1 
ATOM   370  C C   . PRO A 1 49  ? 6.525   -8.522  -1.783  1.00 11.30 ? 75  PRO A C   1 
ATOM   371  O O   . PRO A 1 49  ? 5.706   -8.778  -2.650  1.00 12.69 ? 75  PRO A O   1 
ATOM   372  C CB  . PRO A 1 49  ? 6.892   -6.040  -1.272  1.00 10.69 ? 75  PRO A CB  1 
ATOM   373  C CG  . PRO A 1 49  ? 6.098   -5.443  -2.373  1.00 11.85 ? 75  PRO A CG  1 
ATOM   374  C CD  . PRO A 1 49  ? 6.846   -5.745  -3.629  1.00 13.07 ? 75  PRO A CD  1 
ATOM   375  N N   . SER A 1 50  ? 6.659   -9.243  -0.689  1.00 14.20 ? 76  SER A N   1 
ATOM   376  C CA  . SER A 1 50  ? 6.007   -10.560 -0.624  1.00 13.91 ? 76  SER A CA  1 
ATOM   377  C C   . SER A 1 50  ? 4.468   -10.392 -0.512  1.00 17.91 ? 76  SER A C   1 
ATOM   378  O O   . SER A 1 50  ? 3.671   -11.202 -0.978  1.00 21.21 ? 76  SER A O   1 
ATOM   379  C CB  . SER A 1 50  ? 6.616   -11.356 0.516   1.00 14.65 ? 76  SER A CB  1 
ATOM   380  O OG  . SER A 1 50  ? 6.214   -10.766 1.744   1.00 24.07 ? 76  SER A OG  1 
ATOM   381  N N   . TRP A 1 51  ? 4.019   -9.265  -0.025  1.00 11.59 ? 77  TRP A N   1 
ATOM   382  C CA  . TRP A 1 51  ? 2.612   -9.007  0.068   1.00 10.55 ? 77  TRP A CA  1 
ATOM   383  C C   . TRP A 1 51  ? 1.906   -8.681  -1.249  1.00 11.58 ? 77  TRP A C   1 
ATOM   384  O O   . TRP A 1 51  ? 0.684   -8.664  -1.283  1.00 12.92 ? 77  TRP A O   1 
ATOM   385  C CB  . TRP A 1 51  ? 2.352   -7.932  1.129   1.00 11.16 ? 77  TRP A CB  1 
ATOM   386  C CG  . TRP A 1 51  ? 3.027   -6.608  0.882   1.00 8.07  ? 77  TRP A CG  1 
ATOM   387  C CD1 . TRP A 1 51  ? 4.165   -6.135  1.482   1.00 9.39  ? 77  TRP A CD1 1 
ATOM   388  C CD2 . TRP A 1 51  ? 2.565   -5.534  0.011   1.00 7.81  ? 77  TRP A CD2 1 
ATOM   389  N NE1 . TRP A 1 51  ? 4.441   -4.861  1.039   1.00 9.71  ? 77  TRP A NE1 1 
ATOM   390  C CE2 . TRP A 1 51  ? 3.487   -4.467  0.130   1.00 8.69  ? 77  TRP A CE2 1 
ATOM   391  C CE3 . TRP A 1 51  ? 1.455   -5.370  -0.833  1.00 8.49  ? 77  TRP A CE3 1 
ATOM   392  C CZ2 . TRP A 1 51  ? 3.331   -3.254  -0.590  1.00 8.76  ? 77  TRP A CZ2 1 
ATOM   393  C CZ3 . TRP A 1 51  ? 1.330   -4.224  -1.541  1.00 7.24  ? 77  TRP A CZ3 1 
ATOM   394  C CH2 . TRP A 1 51  ? 2.229   -3.167  -1.389  1.00 8.73  ? 77  TRP A CH2 1 
ATOM   395  N N   . TYR A 1 52  ? 2.644   -8.375  -2.296  1.00 11.34 ? 78  TYR A N   1 
ATOM   396  C CA  . TYR A 1 52  ? 2.040   -7.966  -3.557  1.00 9.12  ? 78  TYR A CA  1 
ATOM   397  C C   . TYR A 1 52  ? 1.094   -9.069  -4.069  1.00 9.57  ? 78  TYR A C   1 
ATOM   398  O O   . TYR A 1 52  ? -0.054  -8.786  -4.395  1.00 9.85  ? 78  TYR A O   1 
ATOM   399  C CB  . TYR A 1 52  ? 3.133   -7.729  -4.587  1.00 10.20 ? 78  TYR A CB  1 
ATOM   400  C CG  . TYR A 1 52  ? 2.680   -7.574  -5.973  1.00 12.00 ? 78  TYR A CG  1 
ATOM   401  C CD1 . TYR A 1 52  ? 2.126   -6.406  -6.405  1.00 12.65 ? 78  TYR A CD1 1 
ATOM   402  C CD2 . TYR A 1 52  ? 2.815   -8.617  -6.892  1.00 12.24 ? 78  TYR A CD2 1 
ATOM   403  C CE1 . TYR A 1 52  ? 1.767   -6.232  -7.716  1.00 16.88 ? 78  TYR A CE1 1 
ATOM   404  C CE2 . TYR A 1 52  ? 2.438   -8.456  -8.200  1.00 11.95 ? 78  TYR A CE2 1 
ATOM   405  C CZ  . TYR A 1 52  ? 1.906   -7.275  -8.592  1.00 17.99 ? 78  TYR A CZ  1 
ATOM   406  O OH  . TYR A 1 52  ? 1.486   -7.050  -9.919  1.00 30.84 ? 78  TYR A OH  1 
ATOM   407  N N   . PHE A 1 53  ? 1.594   -10.291 -4.160  1.00 12.04 ? 79  PHE A N   1 
ATOM   408  C CA  . PHE A 1 53  ? 0.732   -11.371 -4.631  1.00 10.40 ? 79  PHE A CA  1 
ATOM   409  C C   . PHE A 1 53  ? -0.427  -11.682 -3.668  1.00 10.62 ? 79  PHE A C   1 
ATOM   410  O O   . PHE A 1 53  ? -1.522  -11.998 -4.136  1.00 11.88 ? 79  PHE A O   1 
ATOM   411  C CB  . PHE A 1 53  ? 1.574   -12.614 -5.029  1.00 19.52 ? 79  PHE A CB  1 
ATOM   412  C CG  . PHE A 1 53  ? 2.309   -12.431 -6.372  1.00 16.67 ? 79  PHE A CG  1 
ATOM   413  C CD1 . PHE A 1 53  ? 1.607   -12.086 -7.516  1.00 23.16 ? 79  PHE A CD1 1 
ATOM   414  C CD2 . PHE A 1 53  ? 3.667   -12.589 -6.450  1.00 20.45 ? 79  PHE A CD2 1 
ATOM   415  C CE1 . PHE A 1 53  ? 2.241   -11.931 -8.738  1.00 23.77 ? 79  PHE A CE1 1 
ATOM   416  C CE2 . PHE A 1 53  ? 4.331   -12.456 -7.659  1.00 17.82 ? 79  PHE A CE2 1 
ATOM   417  C CZ  . PHE A 1 53  ? 3.636   -12.122 -8.795  1.00 18.13 ? 79  PHE A CZ  1 
ATOM   418  N N   A ASN A 1 54  ? -0.222  -11.444 -2.395  0.56 12.48 ? 80  ASN A N   1 
ATOM   419  N N   B ASN A 1 54  ? -0.274  -11.547 -2.349  0.44 12.79 ? 80  ASN A N   1 
ATOM   420  C CA  A ASN A 1 54  ? -1.271  -11.669 -1.438  0.56 13.47 ? 80  ASN A CA  1 
ATOM   421  C CA  B ASN A 1 54  ? -1.411  -11.868 -1.408  0.44 13.63 ? 80  ASN A CA  1 
ATOM   422  C C   A ASN A 1 54  ? -2.488  -10.715 -1.591  0.56 12.47 ? 80  ASN A C   1 
ATOM   423  C C   B ASN A 1 54  ? -2.545  -10.856 -1.571  0.44 12.61 ? 80  ASN A C   1 
ATOM   424  O O   A ASN A 1 54  ? -3.601  -11.162 -1.504  0.56 10.73 ? 80  ASN A O   1 
ATOM   425  O O   B ASN A 1 54  ? -3.734  -11.192 -1.507  0.44 10.62 ? 80  ASN A O   1 
ATOM   426  C CB  A ASN A 1 54  ? -0.766  -11.501 -0.010  0.56 12.48 ? 80  ASN A CB  1 
ATOM   427  C CB  B ASN A 1 54  ? -0.938  -11.922 0.063   0.44 15.84 ? 80  ASN A CB  1 
ATOM   428  C CG  A ASN A 1 54  ? 0.288   -12.473 0.417   0.56 17.01 ? 80  ASN A CG  1 
ATOM   429  C CG  B ASN A 1 54  ? -2.065  -12.200 1.133   0.44 12.91 ? 80  ASN A CG  1 
ATOM   430  O OD1 A ASN A 1 54  ? 0.401   -13.538 -0.089  0.56 23.95 ? 80  ASN A OD1 1 
ATOM   431  O OD1 B ASN A 1 54  ? -3.250  -12.559 0.873   0.44 12.32 ? 80  ASN A OD1 1 
ATOM   432  N ND2 A ASN A 1 54  ? 1.069   -12.072 1.448   0.56 13.55 ? 80  ASN A ND2 1 
ATOM   433  N ND2 B ASN A 1 54  ? -1.636  -12.071 2.393   0.44 18.47 ? 80  ASN A ND2 1 
ATOM   434  N N   A VAL A 1 55  ? -2.241  -9.435  -1.810  0.56 8.19  ? 81  VAL A N   1 
ATOM   435  N N   B VAL A 1 55  ? -2.166  -9.614  -1.814  0.44 8.40  ? 81  VAL A N   1 
ATOM   436  C CA  A VAL A 1 55  ? -3.348  -8.510  -1.961  0.56 7.22  ? 81  VAL A CA  1 
ATOM   437  C CA  B VAL A 1 55  ? -3.132  -8.562  -1.953  0.44 7.32  ? 81  VAL A CA  1 
ATOM   438  C C   A VAL A 1 55  ? -4.023  -8.710  -3.314  0.56 7.87  ? 81  VAL A C   1 
ATOM   439  C C   B VAL A 1 55  ? -3.944  -8.725  -3.263  0.44 7.97  ? 81  VAL A C   1 
ATOM   440  O O   A VAL A 1 55  ? -5.157  -8.300  -3.472  0.56 10.05 ? 81  VAL A O   1 
ATOM   441  O O   B VAL A 1 55  ? -5.091  -8.331  -3.336  0.44 9.97  ? 81  VAL A O   1 
ATOM   442  C CB  A VAL A 1 55  ? -2.959  -7.006  -1.726  0.56 8.09  ? 81  VAL A CB  1 
ATOM   443  C CB  B VAL A 1 55  ? -2.453  -7.165  -1.830  0.44 7.44  ? 81  VAL A CB  1 
ATOM   444  C CG1 A VAL A 1 55  ? -2.565  -6.812  -0.285  0.56 9.66  ? 81  VAL A CG1 1 
ATOM   445  C CG1 B VAL A 1 55  ? -3.455  -6.074  -2.139  0.44 3.36  ? 81  VAL A CG1 1 
ATOM   446  C CG2 A VAL A 1 55  ? -1.829  -6.539  -2.646  0.56 7.94  ? 81  VAL A CG2 1 
ATOM   447  C CG2 B VAL A 1 55  ? -1.847  -6.964  -0.452  0.44 9.14  ? 81  VAL A CG2 1 
ATOM   448  N N   . LYS A 1 56  ? -3.340  -9.307  -4.281  1.00 8.23  ? 82  LYS A N   1 
ATOM   449  C CA  . LYS A 1 56  ? -4.039  -9.609  -5.517  1.00 8.28  ? 82  LYS A CA  1 
ATOM   450  C C   . LYS A 1 56  ? -4.896  -10.883 -5.372  1.00 7.21  ? 82  LYS A C   1 
ATOM   451  O O   . LYS A 1 56  ? -6.054  -10.914 -5.791  1.00 8.91  ? 82  LYS A O   1 
ATOM   452  C CB  . LYS A 1 56  ? -3.024  -9.705  -6.643  1.00 10.21 ? 82  LYS A CB  1 
ATOM   453  C CG  . LYS A 1 56  ? -2.358  -8.352  -6.991  1.00 11.43 ? 82  LYS A CG  1 
ATOM   454  C CD  . LYS A 1 56  ? -1.215  -8.517  -8.002  1.00 17.50 ? 82  LYS A CD  1 
ATOM   455  C CE  . LYS A 1 56  ? -1.677  -9.313  -9.228  1.00 26.12 ? 82  LYS A CE  1 
ATOM   456  N NZ  . LYS A 1 56  ? -0.692  -9.738  -10.262 1.00 27.43 ? 82  LYS A NZ  1 
ATOM   457  N N   . ALA A 1 57  ? -4.368  -11.861 -4.644  1.00 5.53  ? 83  ALA A N   1 
ATOM   458  C CA  . ALA A 1 57  ? -5.165  -13.102 -4.378  1.00 9.32  ? 83  ALA A CA  1 
ATOM   459  C C   . ALA A 1 57  ? -6.345  -12.848 -3.490  1.00 9.84  ? 83  ALA A C   1 
ATOM   460  O O   . ALA A 1 57  ? -7.414  -13.455 -3.650  1.00 10.21 ? 83  ALA A O   1 
ATOM   461  C CB  . ALA A 1 57  ? -4.324  -14.171 -3.783  1.00 11.39 ? 83  ALA A CB  1 
ATOM   462  N N   . ASN A 1 58  ? -6.172  -11.928 -2.527  1.00 6.92  ? 84  ASN A N   1 
ATOM   463  C CA  . ASN A 1 58  ? -7.247  -11.541 -1.639  1.00 5.81  ? 84  ASN A CA  1 
ATOM   464  C C   . ASN A 1 58  ? -7.270  -10.035 -1.403  1.00 8.21  ? 84  ASN A C   1 
ATOM   465  O O   . ASN A 1 58  ? -6.531  -9.511  -0.575  1.00 8.82  ? 84  ASN A O   1 
ATOM   466  C CB  . ASN A 1 58  ? -7.180  -12.262 -0.312  1.00 9.04  ? 84  ASN A CB  1 
ATOM   467  C CG  . ASN A 1 58  ? -8.316  -11.836 0.582   1.00 7.26  ? 84  ASN A CG  1 
ATOM   468  O OD1 . ASN A 1 58  ? -9.297  -11.147 0.192   1.00 7.51  ? 84  ASN A OD1 1 
ATOM   469  N ND2 . ASN A 1 58  ? -8.239  -12.313 1.829   1.00 8.62  ? 84  ASN A ND2 1 
ATOM   470  N N   . PRO A 1 59  ? -8.048  -9.294  -2.198  1.00 7.04  ? 85  PRO A N   1 
ATOM   471  C CA  . PRO A 1 59  ? -8.008  -7.837  -2.069  1.00 7.55  ? 85  PRO A CA  1 
ATOM   472  C C   . PRO A 1 59  ? -8.594  -7.228  -0.777  1.00 6.14  ? 85  PRO A C   1 
ATOM   473  O O   . PRO A 1 59  ? -8.544  -5.999  -0.616  1.00 6.95  ? 85  PRO A O   1 
ATOM   474  C CB  . PRO A 1 59  ? -8.870  -7.370  -3.257  1.00 8.11  ? 85  PRO A CB  1 
ATOM   475  C CG  . PRO A 1 59  ? -8.789  -8.521  -4.253  1.00 8.39  ? 85  PRO A CG  1 
ATOM   476  C CD  . PRO A 1 59  ? -8.769  -9.743  -3.383  1.00 6.05  ? 85  PRO A CD  1 
ATOM   477  N N   . THR A 1 60  ? -9.169  -8.023  0.126   1.00 5.97  ? 86  THR A N   1 
ATOM   478  C CA  . THR A 1 60  ? -9.811  -7.486  1.321   1.00 6.98  ? 86  THR A CA  1 
ATOM   479  C C   . THR A 1 60  ? -8.665  -7.156  2.319   1.00 6.38  ? 86  THR A C   1 
ATOM   480  O O   . THR A 1 60  ? -7.969  -8.039  2.783   1.00 7.50  ? 86  THR A O   1 
ATOM   481  C CB  . THR A 1 60  ? -10.727 -8.488  1.956   1.00 7.35  ? 86  THR A CB  1 
ATOM   482  O OG1 . THR A 1 60  ? -11.679 -8.913  0.972   1.00 8.37  ? 86  THR A OG1 1 
ATOM   483  C CG2 . THR A 1 60  ? -11.428 -7.916  3.173   1.00 10.00 ? 86  THR A CG2 1 
ATOM   484  N N   . VAL A 1 61  ? -8.516  -5.883  2.631   1.00 5.37  ? 87  VAL A N   1 
ATOM   485  C CA  . VAL A 1 61  ? -7.378  -5.299  3.388   1.00 6.11  ? 87  VAL A CA  1 
ATOM   486  C C   . VAL A 1 61  ? -7.900  -4.269  4.341   1.00 5.58  ? 87  VAL A C   1 
ATOM   487  O O   . VAL A 1 61  ? -8.722  -3.410  3.972   1.00 7.60  ? 87  VAL A O   1 
ATOM   488  C CB  . VAL A 1 61  ? -6.383  -4.630  2.434   1.00 8.06  ? 87  VAL A CB  1 
ATOM   489  C CG1 . VAL A 1 61  ? -5.322  -3.866  3.172   1.00 7.41  ? 87  VAL A CG1 1 
ATOM   490  C CG2 . VAL A 1 61  ? -5.779  -5.697  1.497   1.00 8.80  ? 87  VAL A CG2 1 
ATOM   491  N N   . SER A 1 62  ? -7.491  -4.364  5.607   1.00 6.18  ? 88  SER A N   1 
ATOM   492  C CA  . SER A 1 62  ? -7.841  -3.380  6.620   1.00 6.49  ? 88  SER A CA  1 
ATOM   493  C C   . SER A 1 62  ? -6.705  -2.330  6.761   1.00 5.97  ? 88  SER A C   1 
ATOM   494  O O   . SER A 1 62  ? -5.544  -2.614  6.494   1.00 7.96  ? 88  SER A O   1 
ATOM   495  C CB  . SER A 1 62  ? -8.080  -4.007  7.983   1.00 7.72  ? 88  SER A CB  1 
ATOM   496  O OG  . SER A 1 62  ? -9.158  -4.908  7.931   1.00 8.37  ? 88  SER A OG  1 
ATOM   497  N N   . VAL A 1 63  ? -7.121  -1.133  7.135   1.00 7.35  ? 89  VAL A N   1 
ATOM   498  C CA  . VAL A 1 63  ? -6.174  -0.045  7.370   1.00 7.67  ? 89  VAL A CA  1 
ATOM   499  C C   . VAL A 1 63  ? -6.259  0.453   8.812   1.00 9.49  ? 89  VAL A C   1 
ATOM   500  O O   . VAL A 1 63  ? -7.344  0.617   9.362   1.00 11.01 ? 89  VAL A O   1 
ATOM   501  C CB  . VAL A 1 63  ? -6.472  1.152   6.442   1.00 10.12 ? 89  VAL A CB  1 
ATOM   502  C CG1 . VAL A 1 63  ? -5.303  2.139   6.446   1.00 8.44  ? 89  VAL A CG1 1 
ATOM   503  C CG2 . VAL A 1 63  ? -6.758  0.730   5.021   1.00 10.81 ? 89  VAL A CG2 1 
ATOM   504  N N   . GLN A 1 64  ? -5.092  0.745   9.379   1.00 8.69  ? 90  GLN A N   1 
ATOM   505  C CA  . GLN A 1 64  ? -5.005  1.422   10.687  1.00 9.64  ? 90  GLN A CA  1 
ATOM   506  C C   . GLN A 1 64  ? -4.094  2.636   10.486  1.00 7.35  ? 90  GLN A C   1 
ATOM   507  O O   . GLN A 1 64  ? -2.941  2.525   10.080  1.00 7.23  ? 90  GLN A O   1 
ATOM   508  C CB  . GLN A 1 64  ? -4.546  0.503   11.829  1.00 8.84  ? 90  GLN A CB  1 
ATOM   509  C CG  . GLN A 1 64  ? -4.503  1.180   13.211  1.00 11.27 ? 90  GLN A CG  1 
ATOM   510  C CD  . GLN A 1 64  ? -4.009  0.256   14.319  1.00 14.15 ? 90  GLN A CD  1 
ATOM   511  O OE1 . GLN A 1 64  ? -4.129  -0.957  14.247  1.00 17.07 ? 90  GLN A OE1 1 
ATOM   512  N NE2 . GLN A 1 64  ? -3.414  0.863   15.353  1.00 16.23 ? 90  GLN A NE2 1 
ATOM   513  N N   . ASP A 1 65  ? -4.671  3.802   10.794  1.00 7.55  ? 91  ASP A N   1 
ATOM   514  C CA  . ASP A 1 65  ? -3.986  5.072   10.697  1.00 7.27  ? 91  ASP A CA  1 
ATOM   515  C C   . ASP A 1 65  ? -4.216  5.793   12.012  1.00 8.59  ? 91  ASP A C   1 
ATOM   516  O O   . ASP A 1 65  ? -5.324  6.192   12.309  1.00 9.84  ? 91  ASP A O   1 
ATOM   517  C CB  . ASP A 1 65  ? -4.551  5.871   9.524   1.00 8.19  ? 91  ASP A CB  1 
ATOM   518  C CG  . ASP A 1 65  ? -3.844  7.218   9.298   1.00 9.71  ? 91  ASP A CG  1 
ATOM   519  O OD1 . ASP A 1 65  ? -2.828  7.526   9.963   1.00 10.35 ? 91  ASP A OD1 1 
ATOM   520  O OD2 . ASP A 1 65  ? -4.360  7.992   8.445   1.00 9.29  ? 91  ASP A OD2 1 
ATOM   521  N N   . GLY A 1 66  ? -3.167  5.949   12.802  1.00 10.74 ? 92  GLY A N   1 
ATOM   522  C CA  . GLY A 1 66  ? -3.376  6.411   14.175  1.00 9.25  ? 92  GLY A CA  1 
ATOM   523  C C   . GLY A 1 66  ? -4.301  5.496   15.005  1.00 9.76  ? 92  GLY A C   1 
ATOM   524  O O   . GLY A 1 66  ? -4.088  4.287   15.075  1.00 14.10 ? 92  GLY A O   1 
ATOM   525  N N   A ASP A 1 67  ? -5.342  6.093   15.542  0.45 17.94 ? 93  ASP A N   1 
ATOM   526  N N   B ASP A 1 67  ? -5.338  6.104   15.528  0.55 17.92 ? 93  ASP A N   1 
ATOM   527  C CA  A ASP A 1 67  ? -6.253  5.283   16.311  0.45 22.32 ? 93  ASP A CA  1 
ATOM   528  C CA  B ASP A 1 67  ? -6.292  5.350   16.303  0.55 22.40 ? 93  ASP A CA  1 
ATOM   529  C C   A ASP A 1 67  ? -7.508  4.868   15.519  0.45 22.63 ? 93  ASP A C   1 
ATOM   530  C C   B ASP A 1 67  ? -7.487  4.843   15.503  0.55 22.67 ? 93  ASP A C   1 
ATOM   531  O O   A ASP A 1 67  ? -8.298  4.085   15.985  0.45 25.53 ? 93  ASP A O   1 
ATOM   532  O O   B ASP A 1 67  ? -8.294  4.093   15.994  0.55 25.57 ? 93  ASP A O   1 
ATOM   533  C CB  A ASP A 1 67  ? -6.580  5.905   17.690  0.45 25.73 ? 93  ASP A CB  1 
ATOM   534  C CB  B ASP A 1 67  ? -6.753  6.202   17.470  0.55 24.57 ? 93  ASP A CB  1 
ATOM   535  C CG  A ASP A 1 67  ? -7.145  7.266   17.608  0.45 25.60 ? 93  ASP A CG  1 
ATOM   536  C CG  B ASP A 1 67  ? -5.761  6.178   18.574  0.55 28.74 ? 93  ASP A CG  1 
ATOM   537  O OD1 A ASP A 1 67  ? -7.494  7.668   16.533  0.45 30.17 ? 93  ASP A OD1 1 
ATOM   538  O OD1 B ASP A 1 67  ? -5.329  5.090   18.888  0.55 23.06 ? 93  ASP A OD1 1 
ATOM   539  O OD2 A ASP A 1 67  ? -7.235  7.990   18.641  0.45 31.78 ? 93  ASP A OD2 1 
ATOM   540  O OD2 B ASP A 1 67  ? -5.410  7.239   19.096  0.55 25.74 ? 93  ASP A OD2 1 
ATOM   541  N N   . LYS A 1 68  ? -7.529  5.224   14.260  1.00 16.09 ? 94  LYS A N   1 
ATOM   542  C CA  . LYS A 1 68  ? -8.602  4.891   13.349  1.00 17.16 ? 94  LYS A CA  1 
ATOM   543  C C   . LYS A 1 68  ? -8.345  3.559   12.637  1.00 15.21 ? 94  LYS A C   1 
ATOM   544  O O   . LYS A 1 68  ? -7.255  3.345   12.104  1.00 12.30 ? 94  LYS A O   1 
ATOM   545  C CB  . LYS A 1 68  ? -8.688  6.010   12.306  1.00 15.03 ? 94  LYS A CB  1 
ATOM   546  C CG  . LYS A 1 68  ? -9.827  5.922   11.301  1.00 25.83 ? 94  LYS A CG  1 
ATOM   547  C CD  . LYS A 1 68  ? -9.887  7.159   10.372  1.00 33.62 ? 94  LYS A CD  1 
ATOM   548  C CE  . LYS A 1 68  ? -8.630  7.292   9.496   1.00 24.89 ? 94  LYS A CE  1 
ATOM   549  N NZ  . LYS A 1 68  ? -8.993  7.866   8.161   1.00 33.39 ? 94  LYS A NZ  1 
ATOM   550  N N   . VAL A 1 69  ? -9.378  2.720   12.616  1.00 13.96 ? 95  VAL A N   1 
ATOM   551  C CA  . VAL A 1 69  ? -9.349  1.437   11.928  1.00 10.74 ? 95  VAL A CA  1 
ATOM   552  C C   . VAL A 1 69  ? -10.434 1.427   10.872  1.00 11.77 ? 95  VAL A C   1 
ATOM   553  O O   . VAL A 1 69  ? -11.615 1.758   11.147  1.00 16.03 ? 95  VAL A O   1 
ATOM   554  C CB  . VAL A 1 69  ? -9.549  0.285   12.904  1.00 14.29 ? 95  VAL A CB  1 
ATOM   555  C CG1 . VAL A 1 69  ? -9.716  -0.989  12.133  1.00 18.94 ? 95  VAL A CG1 1 
ATOM   556  C CG2 . VAL A 1 69  ? -8.318  0.177   13.772  1.00 15.35 ? 95  VAL A CG2 1 
ATOM   557  N N   A LEU A 1 70  ? -10.022 1.168   9.623   0.50 9.98  ? 96  LEU A N   1 
ATOM   558  N N   B LEU A 1 70  ? -10.031 1.143   9.631   0.50 9.99  ? 96  LEU A N   1 
ATOM   559  C CA  A LEU A 1 70  ? -10.932 0.986   8.497   0.50 10.95 ? 96  LEU A CA  1 
ATOM   560  C CA  B LEU A 1 70  ? -10.964 0.954   8.537   0.50 10.93 ? 96  LEU A CA  1 
ATOM   561  C C   A LEU A 1 70  ? -10.927 -0.523  8.118   0.50 9.23  ? 96  LEU A C   1 
ATOM   562  C C   B LEU A 1 70  ? -10.934 -0.526  8.130   0.50 9.23  ? 96  LEU A C   1 
ATOM   563  O O   A LEU A 1 70  ? -10.051 -0.961  7.358   0.50 9.37  ? 96  LEU A O   1 
ATOM   564  O O   B LEU A 1 70  ? -10.057 -0.948  7.360   0.50 9.37  ? 96  LEU A O   1 
ATOM   565  C CB  A LEU A 1 70  ? -10.486 1.820   7.300   0.50 10.91 ? 96  LEU A CB  1 
ATOM   566  C CB  B LEU A 1 70  ? -10.581 1.805   7.361   0.50 10.87 ? 96  LEU A CB  1 
ATOM   567  C CG  A LEU A 1 70  ? -10.467 3.367   7.372   0.50 8.34  ? 96  LEU A CG  1 
ATOM   568  C CG  B LEU A 1 70  ? -10.361 3.287   7.663   0.50 9.19  ? 96  LEU A CG  1 
ATOM   569  C CD1 A LEU A 1 70  ? -9.356  3.905   8.261   0.50 8.59  ? 96  LEU A CD1 1 
ATOM   570  C CD1 B LEU A 1 70  ? -10.039 3.970   6.375   0.50 10.48 ? 96  LEU A CD1 1 
ATOM   571  C CD2 A LEU A 1 70  ? -10.332 3.941   5.977   0.50 9.48  ? 96  LEU A CD2 1 
ATOM   572  C CD2 B LEU A 1 70  ? -11.567 3.931   8.314   0.50 11.15 ? 96  LEU A CD2 1 
ATOM   573  N N   . PRO A 1 71  ? -11.876 -1.314  8.668   1.00 9.67  ? 97  PRO A N   1 
ATOM   574  C CA  . PRO A 1 71  ? -11.827 -2.741  8.420   1.00 7.75  ? 97  PRO A CA  1 
ATOM   575  C C   . PRO A 1 71  ? -12.268 -3.166  7.010   1.00 8.90  ? 97  PRO A C   1 
ATOM   576  O O   . PRO A 1 71  ? -13.271 -2.653  6.478   1.00 7.92  ? 97  PRO A O   1 
ATOM   577  C CB  . PRO A 1 71  ? -12.760 -3.322  9.498   1.00 10.85 ? 97  PRO A CB  1 
ATOM   578  C CG  . PRO A 1 71  ? -13.761 -2.241  9.717   1.00 11.54 ? 97  PRO A CG  1 
ATOM   579  C CD  . PRO A 1 71  ? -13.002 -0.959  9.572   1.00 9.71  ? 97  PRO A CD  1 
ATOM   580  N N   . ASP A 1 72  ? -11.570 -4.178  6.473   1.00 7.72  ? 98  ASP A N   1 
ATOM   581  C CA  . ASP A 1 72  ? -12.049 -4.972  5.358   1.00 7.54  ? 98  ASP A CA  1 
ATOM   582  C C   . ASP A 1 72  ? -12.463 -4.105  4.168   1.00 10.19 ? 98  ASP A C   1 
ATOM   583  O O   . ASP A 1 72  ? -13.524 -4.278  3.566   1.00 8.56  ? 98  ASP A O   1 
ATOM   584  C CB  . ASP A 1 72  ? -13.209 -5.841  5.796   1.00 7.08  ? 98  ASP A CB  1 
ATOM   585  C CG  . ASP A 1 72  ? -12.804 -6.845  6.852   1.00 9.99  ? 98  ASP A CG  1 
ATOM   586  O OD1 . ASP A 1 72  ? -11.587 -7.129  6.998   1.00 12.83 ? 98  ASP A OD1 1 
ATOM   587  O OD2 . ASP A 1 72  ? -13.691 -7.288  7.592   1.00 16.85 ? 98  ASP A OD2 1 
ATOM   588  N N   . ARG A 1 73  ? -11.592 -3.170  3.844   0.92 4.84  ? 99  ARG A N   1 
ATOM   589  C CA  . ARG A 1 73  ? -11.671 -2.400  2.623   0.92 5.89  ? 99  ARG A CA  1 
ATOM   590  C C   . ARG A 1 73  ? -11.097 -3.233  1.491   0.92 7.25  ? 99  ARG A C   1 
ATOM   591  O O   . ARG A 1 73  ? -10.833 -4.348  1.674   0.92 6.27  ? 99  ARG A O   1 
ATOM   592  C CB  . ARG A 1 73  ? -10.891 -1.091  2.813   0.92 5.76  ? 99  ARG A CB  1 
ATOM   593  C CG  . ARG A 1 73  ? -11.503 -0.226  3.906   0.92 6.82  ? 99  ARG A CG  1 
ATOM   594  C CD  . ARG A 1 73  ? -12.996 0.121   3.706   0.92 8.60  ? 99  ARG A CD  1 
ATOM   595  N NE  . ARG A 1 73  ? -13.351 1.319   4.462   0.92 10.91 ? 99  ARG A NE  1 
ATOM   596  C CZ  . ARG A 1 73  ? -13.901 1.330   5.623   0.92 12.25 ? 99  ARG A CZ  1 
ATOM   597  N NH1 . ARG A 1 73  ? -14.228 0.226   6.241   0.92 12.02 ? 99  ARG A NH1 1 
ATOM   598  N NH2 . ARG A 1 73  ? -14.188 2.513   6.138   0.92 12.13 ? 99  ARG A NH2 1 
ATOM   599  N N   . THR A 1 74  ? -10.998 -2.646  0.313   1.00 7.99  ? 100 THR A N   1 
ATOM   600  C CA  . THR A 1 74  ? -10.614 -3.387  -0.868  1.00 6.71  ? 100 THR A CA  1 
ATOM   601  C C   . THR A 1 74  ? -9.440  -2.706  -1.576  1.00 6.78  ? 100 THR A C   1 
ATOM   602  O O   . THR A 1 74  ? -9.456  -1.505  -1.823  1.00 8.58  ? 100 THR A O   1 
ATOM   603  C CB  . THR A 1 74  ? -11.760 -3.475  -1.890  1.00 9.12  ? 100 THR A CB  1 
ATOM   604  O OG1 . THR A 1 74  ? -12.938 -3.944  -1.238  1.00 9.27  ? 100 THR A OG1 1 
ATOM   605  C CG2 . THR A 1 74  ? -11.424 -4.371  -3.054  1.00 9.41  ? 100 THR A CG2 1 
ATOM   606  N N   . ALA A 1 75  ? -8.365  -3.479  -1.757  1.00 5.40  ? 101 ALA A N   1 
ATOM   607  C CA  . ALA A 1 75  ? -7.169  -3.059  -2.468  1.00 5.36  ? 101 ALA A CA  1 
ATOM   608  C C   . ALA A 1 75  ? -7.335  -3.294  -3.964  1.00 6.08  ? 101 ALA A C   1 
ATOM   609  O O   . ALA A 1 75  ? -7.647  -4.431  -4.385  1.00 8.62  ? 101 ALA A O   1 
ATOM   610  C CB  . ALA A 1 75  ? -5.995  -3.860  -1.942  1.00 7.09  ? 101 ALA A CB  1 
ATOM   611  N N   . ARG A 1 76  ? -7.110  -2.267  -4.776  1.00 5.53  ? 102 ARG A N   1 
ATOM   612  C CA  . ARG A 1 76  ? -7.236  -2.353  -6.240  1.00 5.45  ? 102 ARG A CA  1 
ATOM   613  C C   . ARG A 1 76  ? -5.947  -1.800  -6.867  1.00 7.12  ? 102 ARG A C   1 
ATOM   614  O O   . ARG A 1 76  ? -5.563  -0.644  -6.619  1.00 7.23  ? 102 ARG A O   1 
ATOM   615  C CB  . ARG A 1 76  ? -8.478  -1.560  -6.660  1.00 9.00  ? 102 ARG A CB  1 
ATOM   616  C CG  . ARG A 1 76  ? -8.615  -1.251  -8.139  1.00 13.29 ? 102 ARG A CG  1 
ATOM   617  C CD  . ARG A 1 76  ? -9.992  -0.625  -8.444  1.00 15.50 ? 102 ARG A CD  1 
ATOM   618  N NE  . ARG A 1 76  ? -10.234 0.667   -7.821  1.00 15.44 ? 102 ARG A NE  1 
ATOM   619  C CZ  . ARG A 1 76  ? -9.877  1.839   -8.324  1.00 12.60 ? 102 ARG A CZ  1 
ATOM   620  N NH1 . ARG A 1 76  ? -9.229  1.893   -9.485  1.00 15.60 ? 102 ARG A NH1 1 
ATOM   621  N NH2 . ARG A 1 76  ? -10.186 2.958   -7.676  1.00 14.30 ? 102 ARG A NH2 1 
ATOM   622  N N   . GLU A 1 77  ? -5.330  -2.565  -7.732  1.00 8.01  ? 103 GLU A N   1 
ATOM   623  C CA  . GLU A 1 77  ? -4.139  -2.132  -8.421  1.00 7.93  ? 103 GLU A CA  1 
ATOM   624  C C   . GLU A 1 77  ? -4.496  -1.060  -9.450  1.00 7.42  ? 103 GLU A C   1 
ATOM   625  O O   . GLU A 1 77  ? -5.370  -1.274  -10.309 1.00 10.16 ? 103 GLU A O   1 
ATOM   626  C CB  . GLU A 1 77  ? -3.441  -3.330  -9.113  1.00 7.49  ? 103 GLU A CB  1 
ATOM   627  C CG  . GLU A 1 77  ? -2.074  -2.999  -9.652  1.00 10.83 ? 103 GLU A CG  1 
ATOM   628  C CD  . GLU A 1 77  ? -1.268  -4.195  -10.070 1.00 15.54 ? 103 GLU A CD  1 
ATOM   629  O OE1 . GLU A 1 77  ? -1.803  -5.299  -9.998  1.00 12.96 ? 103 GLU A OE1 1 
ATOM   630  O OE2 . GLU A 1 77  ? -0.141  -4.016  -10.584 1.00 18.74 ? 103 GLU A OE2 1 
ATOM   631  N N   . LEU A 1 78  ? -3.880  0.106   -9.296  1.00 8.38  ? 104 LEU A N   1 
ATOM   632  C CA  . LEU A 1 78  ? -4.139  1.283   -10.120 1.00 6.70  ? 104 LEU A CA  1 
ATOM   633  C C   . LEU A 1 78  ? -3.439  1.193   -11.457 1.00 7.65  ? 104 LEU A C   1 
ATOM   634  O O   . LEU A 1 78  ? -2.395  0.536   -11.615 1.00 8.57  ? 104 LEU A O   1 
ATOM   635  C CB  . LEU A 1 78  ? -3.669  2.552   -9.411  1.00 6.25  ? 104 LEU A CB  1 
ATOM   636  C CG  . LEU A 1 78  ? -4.428  2.850   -8.150  1.00 6.66  ? 104 LEU A CG  1 
ATOM   637  C CD1 . LEU A 1 78  ? -3.690  3.966   -7.430  1.00 11.09 ? 104 LEU A CD1 1 
ATOM   638  C CD2 . LEU A 1 78  ? -5.874  3.249   -8.447  1.00 11.57 ? 104 LEU A CD2 1 
ATOM   639  N N   . GLU A 1 79  ? -4.074  1.868   -12.411 1.00 9.81  ? 105 GLU A N   1 
ATOM   640  C CA  . GLU A 1 79  ? -3.586  1.961   -13.785 1.00 8.72  ? 105 GLU A CA  1 
ATOM   641  C C   . GLU A 1 79  ? -3.684  3.374   -14.259 1.00 8.31  ? 105 GLU A C   1 
ATOM   642  O O   . GLU A 1 79  ? -4.455  4.190   -13.725 1.00 9.80  ? 105 GLU A O   1 
ATOM   643  C CB  . GLU A 1 79  ? -4.445  1.075   -14.703 1.00 11.57 ? 105 GLU A CB  1 
ATOM   644  C CG  . GLU A 1 79  ? -4.644  -0.337  -14.204 1.00 13.00 ? 105 GLU A CG  1 
ATOM   645  C CD  . GLU A 1 79  ? -5.351  -1.244  -15.227 1.00 18.65 ? 105 GLU A CD  1 
ATOM   646  O OE1 . GLU A 1 79  ? -4.670  -2.039  -15.939 1.00 19.77 ? 105 GLU A OE1 1 
ATOM   647  O OE2 . GLU A 1 79  ? -6.578  -1.123  -15.320 1.00 21.21 ? 105 GLU A OE2 1 
ATOM   648  N N   . GLY A 1 80  ? -2.949  3.664   -15.343 1.00 12.44 ? 106 GLY A N   1 
ATOM   649  C CA  . GLY A 1 80  ? -3.174  4.851   -16.043 1.00 9.77  ? 106 GLY A CA  1 
ATOM   650  C C   . GLY A 1 80  ? -2.968  6.133   -15.309 1.00 9.80  ? 106 GLY A C   1 
ATOM   651  O O   . GLY A 1 80  ? -2.036  6.239   -14.474 1.00 10.25 ? 106 GLY A O   1 
ATOM   652  N N   . GLU A 1 81  ? -3.823  7.111   -15.637 1.00 11.73 ? 107 GLU A N   1 
ATOM   653  C CA  . GLU A 1 81  ? -3.761  8.420   -14.975 1.00 10.07 ? 107 GLU A CA  1 
ATOM   654  C C   . GLU A 1 81  ? -4.042  8.333   -13.438 1.00 8.79  ? 107 GLU A C   1 
ATOM   655  O O   . GLU A 1 81  ? -3.522  9.138   -12.659 1.00 10.43 ? 107 GLU A O   1 
ATOM   656  C CB  . GLU A 1 81  ? -4.698  9.421   -15.677 1.00 13.96 ? 107 GLU A CB  1 
ATOM   657  C CG  . GLU A 1 81  ? -4.194  9.713   -17.095 1.00 15.67 ? 107 GLU A CG  1 
ATOM   658  C CD  . GLU A 1 81  ? -5.028  10.687  -17.954 1.00 43.05 ? 107 GLU A CD  1 
ATOM   659  O OE1 . GLU A 1 81  ? -6.270  10.812  -17.761 1.00 60.30 ? 107 GLU A OE1 1 
ATOM   660  O OE2 . GLU A 1 81  ? -4.403  11.292  -18.873 1.00 49.49 ? 107 GLU A OE2 1 
ATOM   661  N N   A GLU A 1 82  ? -4.919  7.458   -13.033 0.52 10.29 ? 108 GLU A N   1 
ATOM   662  N N   B GLU A 1 82  ? -4.922  7.460   -13.030 0.48 10.29 ? 108 GLU A N   1 
ATOM   663  C CA  A GLU A 1 82  ? -5.162  7.343   -11.610 0.52 8.74  ? 108 GLU A CA  1 
ATOM   664  C CA  B GLU A 1 82  ? -5.181  7.319   -11.608 0.48 8.74  ? 108 GLU A CA  1 
ATOM   665  C C   A GLU A 1 82  ? -3.917  6.841   -10.838 0.52 8.12  ? 108 GLU A C   1 
ATOM   666  C C   B GLU A 1 82  ? -3.917  6.845   -10.842 0.48 8.12  ? 108 GLU A C   1 
ATOM   667  O O   A GLU A 1 82  ? -3.611  7.304   -9.780  0.52 8.50  ? 108 GLU A O   1 
ATOM   668  O O   B GLU A 1 82  ? -3.614  7.305   -9.781  0.48 8.50  ? 108 GLU A O   1 
ATOM   669  C CB  A GLU A 1 82  ? -6.391  6.471   -11.371 0.52 9.84  ? 108 GLU A CB  1 
ATOM   670  C CB  B GLU A 1 82  ? -6.363  6.353   -11.428 0.48 9.88  ? 108 GLU A CB  1 
ATOM   671  C CG  A GLU A 1 82  ? -7.725  7.256   -11.411 0.52 10.20 ? 108 GLU A CG  1 
ATOM   672  C CG  B GLU A 1 82  ? -7.089  6.361   -10.083 0.48 5.98  ? 108 GLU A CG  1 
ATOM   673  C CD  A GLU A 1 82  ? -7.663  8.716   -10.941 0.52 10.90 ? 108 GLU A CD  1 
ATOM   674  C CD  B GLU A 1 82  ? -8.240  5.300   -9.922  0.48 9.76  ? 108 GLU A CD  1 
ATOM   675  O OE1 A GLU A 1 82  ? -7.619  9.589   -11.781 0.52 10.87 ? 108 GLU A OE1 1 
ATOM   676  O OE1 B GLU A 1 82  ? -8.386  4.427   -10.794 0.48 7.76  ? 108 GLU A OE1 1 
ATOM   677  O OE2 A GLU A 1 82  ? -7.690  8.961   -9.775  0.52 8.84  ? 108 GLU A OE2 1 
ATOM   678  O OE2 B GLU A 1 82  ? -8.990  5.358   -8.878  0.48 10.51 ? 108 GLU A OE2 1 
ATOM   679  N N   . ARG A 1 83  ? -3.213  5.917   -11.423 1.00 7.67  ? 109 ARG A N   1 
ATOM   680  C CA  . ARG A 1 83  ? -1.935  5.519   -10.826 1.00 6.39  ? 109 ARG A CA  1 
ATOM   681  C C   . ARG A 1 83  ? -0.988  6.684   -10.749 1.00 8.79  ? 109 ARG A C   1 
ATOM   682  O O   . ARG A 1 83  ? -0.280  6.899   -9.763  1.00 9.46  ? 109 ARG A O   1 
ATOM   683  C CB  . ARG A 1 83  ? -1.247  4.388   -11.583 1.00 5.83  ? 109 ARG A CB  1 
ATOM   684  C CG  . ARG A 1 83  ? -0.031  3.888   -10.822 1.00 7.60  ? 109 ARG A CG  1 
ATOM   685  C CD  . ARG A 1 83  ? 0.871   3.055   -11.694 1.00 11.39 ? 109 ARG A CD  1 
ATOM   686  N NE  . ARG A 1 83  ? 2.137   2.910   -11.015 1.00 9.81  ? 109 ARG A NE  1 
ATOM   687  C CZ  . ARG A 1 83  ? 3.090   3.839   -10.895 1.00 8.63  ? 109 ARG A CZ  1 
ATOM   688  N NH1 . ARG A 1 83  ? 3.039   4.983   -11.563 1.00 18.49 ? 109 ARG A NH1 1 
ATOM   689  N NH2 . ARG A 1 83  ? 4.205   3.555   -10.253 1.00 12.35 ? 109 ARG A NH2 1 
ATOM   690  N N   B GLU A 1 84  ? -0.918  7.433   -11.859 0.46 7.92  ? 110 GLU A N   1 
ATOM   691  N N   C GLU A 1 84  ? -0.919  7.438   -11.826 0.54 7.92  ? 110 GLU A N   1 
ATOM   692  C CA  B GLU A 1 84  ? -0.052  8.608   -11.912 0.46 7.56  ? 110 GLU A CA  1 
ATOM   693  C CA  C GLU A 1 84  ? -0.043  8.582   -11.836 0.54 7.44  ? 110 GLU A CA  1 
ATOM   694  C C   B GLU A 1 84  ? -0.333  9.501   -10.719 0.46 9.99  ? 110 GLU A C   1 
ATOM   695  C C   C GLU A 1 84  ? -0.350  9.540   -10.715 0.54 10.04 ? 110 GLU A C   1 
ATOM   696  O O   B GLU A 1 84  ? 0.601   10.026  -10.070 0.46 7.92  ? 110 GLU A O   1 
ATOM   697  O O   C GLU A 1 84  ? 0.525   10.105  -10.139 0.54 7.77  ? 110 GLU A O   1 
ATOM   698  C CB  B GLU A 1 84  ? -0.281  9.487   -13.181 0.46 8.27  ? 110 GLU A CB  1 
ATOM   699  C CB  C GLU A 1 84  ? 0.003   9.270   -13.242 0.54 7.48  ? 110 GLU A CB  1 
ATOM   700  C CG  B GLU A 1 84  ? 0.240   9.051   -14.529 0.46 11.12 ? 110 GLU A CG  1 
ATOM   701  C CG  C GLU A 1 84  ? 0.592   8.354   -14.306 0.54 11.84 ? 110 GLU A CG  1 
ATOM   702  C CD  B GLU A 1 84  ? 0.309   10.244  -15.496 0.46 18.25 ? 110 GLU A CD  1 
ATOM   703  C CD  C GLU A 1 84  ? 1.916   7.572   -13.920 0.54 18.32 ? 110 GLU A CD  1 
ATOM   704  O OE1 B GLU A 1 84  ? 1.424   10.609  -15.900 0.46 23.74 ? 110 GLU A OE1 1 
ATOM   705  O OE1 C GLU A 1 84  ? 3.004   8.195   -13.962 0.54 29.85 ? 110 GLU A OE1 1 
ATOM   706  O OE2 B GLU A 1 84  ? -0.728  10.839  -15.834 0.46 13.70 ? 110 GLU A OE2 1 
ATOM   707  O OE2 C GLU A 1 84  ? 1.898   6.333   -13.618 0.54 13.38 ? 110 GLU A OE2 1 
ATOM   708  N N   . HIS A 1 85  ? -1.637  9.741   -10.477 1.00 7.45  ? 111 HIS A N   1 
ATOM   709  C CA  . HIS A 1 85  ? -2.058  10.673  -9.441  1.00 5.79  ? 111 HIS A CA  1 
ATOM   710  C C   . HIS A 1 85  ? -1.566  10.205  -8.050  1.00 5.93  ? 111 HIS A C   1 
ATOM   711  O O   . HIS A 1 85  ? -0.979  10.987  -7.301  1.00 6.75  ? 111 HIS A O   1 
ATOM   712  C CB  . HIS A 1 85  ? -3.572  10.769  -9.472  1.00 7.80  ? 111 HIS A CB  1 
ATOM   713  C CG  . HIS A 1 85  ? -4.137  11.515  -8.323  1.00 7.78  ? 111 HIS A CG  1 
ATOM   714  N ND1 . HIS A 1 85  ? -3.936  12.865  -8.128  1.00 8.86  ? 111 HIS A ND1 1 
ATOM   715  C CD2 . HIS A 1 85  ? -4.877  11.105  -7.270  1.00 7.63  ? 111 HIS A CD2 1 
ATOM   716  C CE1 . HIS A 1 85  ? -4.531  13.241  -7.012  1.00 12.57 ? 111 HIS A CE1 1 
ATOM   717  N NE2 . HIS A 1 85  ? -5.090  12.187  -6.463  1.00 8.51  ? 111 HIS A NE2 1 
ATOM   718  N N   . TRP A 1 86  ? -1.811  8.948   -7.738  1.00 5.79  ? 112 TRP A N   1 
ATOM   719  C CA  . TRP A 1 86  ? -1.394  8.415   -6.453  1.00 6.18  ? 112 TRP A CA  1 
ATOM   720  C C   . TRP A 1 86  ? 0.129   8.300   -6.353  1.00 7.79  ? 112 TRP A C   1 
ATOM   721  O O   . TRP A 1 86  ? 0.667   8.421   -5.264  1.00 6.83  ? 112 TRP A O   1 
ATOM   722  C CB  . TRP A 1 86  ? -2.121  7.110   -6.164  1.00 6.04  ? 112 TRP A CB  1 
ATOM   723  C CG  . TRP A 1 86  ? -3.528  7.363   -5.789  1.00 7.11  ? 112 TRP A CG  1 
ATOM   724  C CD1 . TRP A 1 86  ? -4.618  7.358   -6.610  1.00 9.12  ? 112 TRP A CD1 1 
ATOM   725  C CD2 . TRP A 1 86  ? -4.029  7.607   -4.478  1.00 6.20  ? 112 TRP A CD2 1 
ATOM   726  N NE1 . TRP A 1 86  ? -5.740  7.656   -5.910  1.00 6.45  ? 112 TRP A NE1 1 
ATOM   727  C CE2 . TRP A 1 86  ? -5.433  7.763   -4.589  1.00 7.06  ? 112 TRP A CE2 1 
ATOM   728  C CE3 . TRP A 1 86  ? -3.456  7.684   -3.209  1.00 6.36  ? 112 TRP A CE3 1 
ATOM   729  C CZ2 . TRP A 1 86  ? -6.235  8.018   -3.479  1.00 6.32  ? 112 TRP A CZ2 1 
ATOM   730  C CZ3 . TRP A 1 86  ? -4.282  7.922   -2.146  1.00 6.91  ? 112 TRP A CZ3 1 
ATOM   731  C CH2 . TRP A 1 86  ? -5.629  8.055   -2.290  1.00 7.75  ? 112 TRP A CH2 1 
ATOM   732  N N   . TRP A 1 87  ? 0.779   8.024   -7.474  1.00 8.12  ? 113 TRP A N   1 
ATOM   733  C CA  . TRP A 1 87  ? 2.278   8.069   -7.499  1.00 5.96  ? 113 TRP A CA  1 
ATOM   734  C C   . TRP A 1 87  ? 2.806   9.426   -7.078  1.00 10.20 ? 113 TRP A C   1 
ATOM   735  O O   . TRP A 1 87  ? 3.760   9.526   -6.298  1.00 7.83  ? 113 TRP A O   1 
ATOM   736  C CB  . TRP A 1 87  ? 2.822   7.611   -8.859  1.00 7.28  ? 113 TRP A CB  1 
ATOM   737  C CG  . TRP A 1 87  ? 4.319   7.538   -8.839  1.00 7.72  ? 113 TRP A CG  1 
ATOM   738  C CD1 . TRP A 1 87  ? 5.162   8.399   -9.484  1.00 9.48  ? 113 TRP A CD1 1 
ATOM   739  C CD2 . TRP A 1 87  ? 5.152   6.607   -8.127  1.00 8.63  ? 113 TRP A CD2 1 
ATOM   740  N NE1 . TRP A 1 87  ? 6.484   8.040   -9.233  1.00 7.92  ? 113 TRP A NE1 1 
ATOM   741  C CE2 . TRP A 1 87  ? 6.512   6.961   -8.411  1.00 7.38  ? 113 TRP A CE2 1 
ATOM   742  C CE3 . TRP A 1 87  ? 4.905   5.517   -7.291  1.00 7.20  ? 113 TRP A CE3 1 
ATOM   743  C CZ2 . TRP A 1 87  ? 7.585   6.264   -7.880  1.00 7.13  ? 113 TRP A CZ2 1 
ATOM   744  C CZ3 . TRP A 1 87  ? 5.988   4.800   -6.805  1.00 6.48  ? 113 TRP A CZ3 1 
ATOM   745  C CH2 . TRP A 1 87  ? 7.297   5.217   -7.068  1.00 6.71  ? 113 TRP A CH2 1 
ATOM   746  N N   . LYS A 1 88  ? 2.222   10.488  -7.611  1.00 6.08  ? 114 LYS A N   1 
ATOM   747  C CA  . LYS A 1 88  ? 2.626   11.846  -7.254  1.00 6.61  ? 114 LYS A CA  1 
ATOM   748  C C   . LYS A 1 88  ? 2.464   12.037  -5.730  1.00 7.51  ? 114 LYS A C   1 
ATOM   749  O O   . LYS A 1 88  ? 3.335   12.567  -5.075  1.00 7.20  ? 114 LYS A O   1 
ATOM   750  C CB  . LYS A 1 88  ? 1.738   12.844  -8.023  1.00 8.24  ? 114 LYS A CB  1 
ATOM   751  C CG  . LYS A 1 88  ? 2.084   14.291  -7.751  1.00 12.74 ? 114 LYS A CG  1 
ATOM   752  C CD  . LYS A 1 88  ? 0.980   15.265  -8.168  1.00 18.60 ? 114 LYS A CD  1 
ATOM   753  C CE  . LYS A 1 88  ? -0.246  15.200  -7.251  1.00 33.63 ? 114 LYS A CE  1 
ATOM   754  N NZ  . LYS A 1 88  ? -1.128  16.368  -7.479  1.00 28.93 ? 114 LYS A NZ  1 
ATOM   755  N N   . LEU A 1 89  ? 1.312   11.631  -5.175  1.00 7.32  ? 115 LEU A N   1 
ATOM   756  C CA  . LEU A 1 89  ? 1.099   11.741  -3.707  1.00 8.48  ? 115 LEU A CA  1 
ATOM   757  C C   . LEU A 1 89  ? 2.146   10.889  -2.952  1.00 7.02  ? 115 LEU A C   1 
ATOM   758  O O   . LEU A 1 89  ? 2.642   11.304  -1.937  1.00 8.24  ? 115 LEU A O   1 
ATOM   759  C CB  . LEU A 1 89  ? -0.300  11.191  -3.379  1.00 7.24  ? 115 LEU A CB  1 
ATOM   760  C CG  . LEU A 1 89  ? -1.441  12.016  -3.968  1.00 9.72  ? 115 LEU A CG  1 
ATOM   761  C CD1 . LEU A 1 89  ? -2.760  11.417  -3.518  1.00 11.43 ? 115 LEU A CD1 1 
ATOM   762  C CD2 . LEU A 1 89  ? -1.356  13.489  -3.585  1.00 14.07 ? 115 LEU A CD2 1 
ATOM   763  N N   . ALA A 1 90  ? 2.498   9.720   -3.470  1.00 7.22  ? 116 ALA A N   1 
ATOM   764  C CA  . ALA A 1 90  ? 3.519   8.887   -2.821  1.00 5.43  ? 116 ALA A CA  1 
ATOM   765  C C   . ALA A 1 90  ? 4.901   9.557   -2.800  1.00 5.59  ? 116 ALA A C   1 
ATOM   766  O O   . ALA A 1 90  ? 5.594   9.509   -1.805  1.00 6.13  ? 116 ALA A O   1 
ATOM   767  C CB  . ALA A 1 90  ? 3.569   7.499   -3.466  1.00 7.22  ? 116 ALA A CB  1 
ATOM   768  N N   . VAL A 1 91  ? 5.287   10.144  -3.944  1.00 6.21  ? 117 VAL A N   1 
ATOM   769  C CA  . VAL A 1 91  ? 6.586   10.759  -4.057  1.00 6.48  ? 117 VAL A CA  1 
ATOM   770  C C   . VAL A 1 91  ? 6.640   12.004  -3.167  1.00 9.49  ? 117 VAL A C   1 
ATOM   771  O O   . VAL A 1 91  ? 7.705   12.320  -2.609  1.00 9.32  ? 117 VAL A O   1 
ATOM   772  C CB  . VAL A 1 91  ? 6.935   11.008  -5.549  1.00 6.79  ? 117 VAL A CB  1 
ATOM   773  C CG1 . VAL A 1 91  ? 8.184   11.862  -5.640  1.00 7.91  ? 117 VAL A CG1 1 
ATOM   774  C CG2 . VAL A 1 91  ? 7.186   9.678   -6.240  1.00 6.78  ? 117 VAL A CG2 1 
ATOM   775  N N   A GLU A 1 92  ? 5.510   12.675  -2.995  0.48 9.16  ? 118 GLU A N   1 
ATOM   776  N N   B GLU A 1 92  ? 5.531   12.707  -2.993  0.52 9.17  ? 118 GLU A N   1 
ATOM   777  C CA  A GLU A 1 92  ? 5.431   13.830  -2.098  0.48 9.33  ? 118 GLU A CA  1 
ATOM   778  C CA  B GLU A 1 92  ? 5.533   13.859  -2.075  0.52 9.24  ? 118 GLU A CA  1 
ATOM   779  C C   A GLU A 1 92  ? 5.658   13.393  -0.654  0.48 10.72 ? 118 GLU A C   1 
ATOM   780  C C   B GLU A 1 92  ? 5.727   13.357  -0.637  0.52 10.72 ? 118 GLU A C   1 
ATOM   781  O O   A GLU A 1 92  ? 6.379   14.056  0.092   0.48 12.46 ? 118 GLU A O   1 
ATOM   782  O O   B GLU A 1 92  ? 6.509   13.935  0.122   0.52 12.07 ? 118 GLU A O   1 
ATOM   783  C CB  A GLU A 1 92  ? 4.067   14.487  -2.225  0.48 10.80 ? 118 GLU A CB  1 
ATOM   784  C CB  B GLU A 1 92  ? 4.249   14.673  -2.202  0.52 10.74 ? 118 GLU A CB  1 
ATOM   785  C CG  A GLU A 1 92  ? 3.923   15.753  -1.406  0.48 14.17 ? 118 GLU A CG  1 
ATOM   786  C CG  B GLU A 1 92  ? 4.223   15.946  -1.335  0.52 13.24 ? 118 GLU A CG  1 
ATOM   787  C CD  A GLU A 1 92  ? 2.602   16.466  -1.619  0.48 23.31 ? 118 GLU A CD  1 
ATOM   788  C CD  B GLU A 1 92  ? 5.104   17.068  -1.829  0.52 17.32 ? 118 GLU A CD  1 
ATOM   789  O OE1 A GLU A 1 92  ? 2.621   17.707  -1.451  0.48 33.64 ? 118 GLU A OE1 1 
ATOM   790  O OE1 B GLU A 1 92  ? 5.316   17.164  -3.059  0.52 26.88 ? 118 GLU A OE1 1 
ATOM   791  O OE2 A GLU A 1 92  ? 1.565   15.826  -1.932  0.48 23.48 ? 118 GLU A OE2 1 
ATOM   792  O OE2 B GLU A 1 92  ? 5.560   17.888  -0.974  0.52 24.02 ? 118 GLU A OE2 1 
ATOM   793  N N   . ALA A 1 93  ? 5.049   12.269  -0.296  1.00 7.98  ? 119 ALA A N   1 
ATOM   794  C CA  . ALA A 1 93  ? 5.168   11.682  1.064   1.00 7.55  ? 119 ALA A CA  1 
ATOM   795  C C   . ALA A 1 93  ? 6.534   11.101  1.375   1.00 9.03  ? 119 ALA A C   1 
ATOM   796  O O   . ALA A 1 93  ? 6.995   11.161  2.548   1.00 10.11 ? 119 ALA A O   1 
ATOM   797  C CB  . ALA A 1 93  ? 4.073   10.679  1.308   1.00 9.56  ? 119 ALA A CB  1 
ATOM   798  N N   . TYR A 1 94  ? 7.162   10.475  0.381   1.00 6.86  ? 120 TYR A N   1 
ATOM   799  C CA  . TYR A 1 94  ? 8.373   9.730   0.590   1.00 7.04  ? 120 TYR A CA  1 
ATOM   800  C C   . TYR A 1 94  ? 9.199   9.847   -0.735  1.00 7.97  ? 120 TYR A C   1 
ATOM   801  O O   . TYR A 1 94  ? 9.145   8.962   -1.601  1.00 7.63  ? 120 TYR A O   1 
ATOM   802  C CB  . TYR A 1 94  ? 8.119   8.282   1.065   1.00 7.84  ? 120 TYR A CB  1 
ATOM   803  C CG  . TYR A 1 94  ? 9.421   7.611   1.411   1.00 8.88  ? 120 TYR A CG  1 
ATOM   804  C CD1 . TYR A 1 94  ? 10.177  8.063   2.477   1.00 7.73  ? 120 TYR A CD1 1 
ATOM   805  C CD2 . TYR A 1 94  ? 9.938   6.565   0.667   1.00 8.66  ? 120 TYR A CD2 1 
ATOM   806  C CE1 . TYR A 1 94  ? 11.432  7.520   2.768   1.00 7.57  ? 120 TYR A CE1 1 
ATOM   807  C CE2 . TYR A 1 94  ? 11.177  6.008   0.960   1.00 8.95  ? 120 TYR A CE2 1 
ATOM   808  C CZ  . TYR A 1 94  ? 11.937  6.521   2.008   1.00 8.35  ? 120 TYR A CZ  1 
ATOM   809  O OH  . TYR A 1 94  ? 13.147  5.990   2.238   1.00 8.19  ? 120 TYR A OH  1 
ATOM   810  N N   . PRO A 1 95  ? 9.942   10.947  -0.861  1.00 7.82  ? 121 PRO A N   1 
ATOM   811  C CA  . PRO A 1 95  ? 10.663  11.155  -2.134  1.00 7.72  ? 121 PRO A CA  1 
ATOM   812  C C   . PRO A 1 95  ? 11.506  10.009  -2.648  1.00 7.63  ? 121 PRO A C   1 
ATOM   813  O O   . PRO A 1 95  ? 11.586  9.852   -3.883  1.00 8.00  ? 121 PRO A O   1 
ATOM   814  C CB  . PRO A 1 95  ? 11.542  12.407  -1.809  1.00 9.26  ? 121 PRO A CB  1 
ATOM   815  C CG  . PRO A 1 95  ? 10.656  13.190  -0.876  1.00 7.86  ? 121 PRO A CG  1 
ATOM   816  C CD  . PRO A 1 95  ? 9.925   12.175  -0.047  1.00 8.75  ? 121 PRO A CD  1 
ATOM   817  N N   . PRO A 1 96  ? 12.180  9.208   -1.787  1.00 7.00  ? 122 PRO A N   1 
ATOM   818  C CA  . PRO A 1 96  ? 12.948  8.136   -2.365  1.00 7.11  ? 122 PRO A CA  1 
ATOM   819  C C   . PRO A 1 96  ? 12.159  7.085   -3.173  1.00 8.02  ? 122 PRO A C   1 
ATOM   820  O O   . PRO A 1 96  ? 12.767  6.351   -3.923  1.00 9.70  ? 122 PRO A O   1 
ATOM   821  C CB  . PRO A 1 96  ? 13.644  7.511   -1.148  1.00 8.71  ? 122 PRO A CB  1 
ATOM   822  C CG  . PRO A 1 96  ? 13.697  8.641   -0.148  1.00 6.65  ? 122 PRO A CG  1 
ATOM   823  C CD  . PRO A 1 96  ? 12.372  9.318   -0.315  1.00 8.49  ? 122 PRO A CD  1 
ATOM   824  N N   . TYR A 1 97  ? 10.834  7.078   -3.079  1.00 8.48  ? 123 TYR A N   1 
ATOM   825  C CA  . TYR A 1 97  ? 10.047  6.250   -3.989  1.00 6.48  ? 123 TYR A CA  1 
ATOM   826  C C   . TYR A 1 97  ? 10.433  6.514   -5.453  1.00 9.26  ? 123 TYR A C   1 
ATOM   827  O O   . TYR A 1 97  ? 10.536  5.598   -6.236  1.00 7.16  ? 123 TYR A O   1 
ATOM   828  C CB  . TYR A 1 97  ? 8.558   6.469   -3.821  1.00 6.11  ? 123 TYR A CB  1 
ATOM   829  C CG  . TYR A 1 97  ? 7.891   5.757   -2.665  1.00 5.16  ? 123 TYR A CG  1 
ATOM   830  C CD1 . TYR A 1 97  ? 8.193   4.410   -2.385  1.00 5.84  ? 123 TYR A CD1 1 
ATOM   831  C CD2 . TYR A 1 97  ? 6.898   6.394   -1.932  1.00 5.81  ? 123 TYR A CD2 1 
ATOM   832  C CE1 . TYR A 1 97  ? 7.521   3.740   -1.382  1.00 6.95  ? 123 TYR A CE1 1 
ATOM   833  C CE2 . TYR A 1 97  ? 6.212   5.712   -0.922  1.00 7.07  ? 123 TYR A CE2 1 
ATOM   834  C CZ  . TYR A 1 97  ? 6.526   4.392   -0.651  1.00 7.25  ? 123 TYR A CZ  1 
ATOM   835  O OH  . TYR A 1 97  ? 5.804   3.701   0.342   1.00 5.50  ? 123 TYR A OH  1 
ATOM   836  N N   . ALA A 1 98  ? 10.676  7.770   -5.790  1.00 7.90  ? 124 ALA A N   1 
ATOM   837  C CA  . ALA A 1 98  ? 11.084  8.051   -7.173  1.00 7.79  ? 124 ALA A CA  1 
ATOM   838  C C   . ALA A 1 98  ? 12.486  7.479   -7.517  1.00 10.71 ? 124 ALA A C   1 
ATOM   839  O O   . ALA A 1 98  ? 12.724  7.024   -8.650  1.00 12.20 ? 124 ALA A O   1 
ATOM   840  C CB  . ALA A 1 98  ? 11.096  9.513   -7.393  1.00 10.03 ? 124 ALA A CB  1 
ATOM   841  N N   . GLU A 1 99  ? 13.369  7.504   -6.548  1.00 11.01 ? 125 GLU A N   1 
ATOM   842  C CA  . GLU A 1 99  ? 14.605  6.811   -6.708  1.00 12.75 ? 125 GLU A CA  1 
ATOM   843  C C   . GLU A 1 99  ? 14.436  5.304   -6.918  1.00 11.70 ? 125 GLU A C   1 
ATOM   844  O O   . GLU A 1 99  ? 15.090  4.763   -7.721  1.00 14.25 ? 125 GLU A O   1 
ATOM   845  C CB  . GLU A 1 99  ? 15.541  7.098   -5.547  1.00 16.32 ? 125 GLU A CB  1 
ATOM   846  C CG  . GLU A 1 99  ? 16.099  8.502   -5.531  1.00 22.56 ? 125 GLU A CG  1 
ATOM   847  C CD  . GLU A 1 99  ? 16.812  8.916   -6.824  1.00 38.01 ? 125 GLU A CD  1 
ATOM   848  O OE1 . GLU A 1 99  ? 17.507  8.093   -7.457  1.00 40.74 ? 125 GLU A OE1 1 
ATOM   849  O OE2 . GLU A 1 99  ? 16.678  10.097  -7.187  1.00 42.60 ? 125 GLU A OE2 1 
ATOM   850  N N   . TYR A 1 100 ? 13.569  4.675   -6.151  1.00 12.46 ? 126 TYR A N   1 
ATOM   851  C CA  . TYR A 1 100 ? 13.256  3.272   -6.402  1.00 10.47 ? 126 TYR A CA  1 
ATOM   852  C C   . TYR A 1 100 ? 12.801  3.043   -7.848  1.00 11.40 ? 126 TYR A C   1 
ATOM   853  O O   . TYR A 1 100 ? 13.220  2.062   -8.505  1.00 14.55 ? 126 TYR A O   1 
ATOM   854  C CB  . TYR A 1 100 ? 12.171  2.768   -5.481  1.00 12.04 ? 126 TYR A CB  1 
ATOM   855  C CG  . TYR A 1 100 ? 12.422  2.777   -4.002  1.00 9.91  ? 126 TYR A CG  1 
ATOM   856  C CD1 . TYR A 1 100 ? 13.683  3.091   -3.454  1.00 8.90  ? 126 TYR A CD1 1 
ATOM   857  C CD2 . TYR A 1 100 ? 11.413  2.485   -3.145  1.00 11.43 ? 126 TYR A CD2 1 
ATOM   858  C CE1 . TYR A 1 100 ? 13.856  3.084   -2.042  1.00 11.42 ? 126 TYR A CE1 1 
ATOM   859  C CE2 . TYR A 1 100 ? 11.546  2.501   -1.777  1.00 12.83 ? 126 TYR A CE2 1 
ATOM   860  C CZ  . TYR A 1 100 ? 12.787  2.803   -1.213  1.00 12.21 ? 126 TYR A CZ  1 
ATOM   861  O OH  . TYR A 1 100 ? 12.885  2.765   0.193   1.00 14.74 ? 126 TYR A OH  1 
ATOM   862  N N   . GLN A 1 101 ? 11.972  3.967   -8.358  1.00 8.74  ? 127 GLN A N   1 
ATOM   863  C CA  . GLN A 1 101 ? 11.461  3.801   -9.679  1.00 10.57 ? 127 GLN A CA  1 
ATOM   864  C C   . GLN A 1 101 ? 12.549  3.902   -10.737 1.00 15.14 ? 127 GLN A C   1 
ATOM   865  O O   . GLN A 1 101 ? 12.430  3.259   -11.776 1.00 14.17 ? 127 GLN A O   1 
ATOM   866  C CB  . GLN A 1 101 ? 10.341  4.824   -9.964  1.00 8.54  ? 127 GLN A CB  1 
ATOM   867  C CG  . GLN A 1 101 ? 9.649   4.669   -11.299 1.00 7.45  ? 127 GLN A CG  1 
ATOM   868  C CD  . GLN A 1 101 ? 8.901   3.334   -11.460 1.00 9.33  ? 127 GLN A CD  1 
ATOM   869  O OE1 . GLN A 1 101 ? 7.760   3.206   -11.063 1.00 8.55  ? 127 GLN A OE1 1 
ATOM   870  N NE2 . GLN A 1 101 ? 9.575   2.340   -11.987 1.00 9.37  ? 127 GLN A NE2 1 
ATOM   871  N N   . THR A 1 102 ? 13.571  4.730   -10.520 1.00 16.23 ? 128 THR A N   1 
ATOM   872  C CA  . THR A 1 102 ? 14.632  4.844   -11.575 1.00 15.65 ? 128 THR A CA  1 
ATOM   873  C C   . THR A 1 102 ? 15.394  3.536   -11.770 1.00 16.66 ? 128 THR A C   1 
ATOM   874  O O   . THR A 1 102 ? 16.090  3.385   -12.762 1.00 26.24 ? 128 THR A O   1 
ATOM   875  C CB  . THR A 1 102 ? 15.676  5.917   -11.217 1.00 15.94 ? 128 THR A CB  1 
ATOM   876  O OG1 . THR A 1 102 ? 16.356  5.483   -10.055 1.00 24.53 ? 128 THR A OG1 1 
ATOM   877  C CG2 . THR A 1 102 ? 15.060  7.227   -10.994 1.00 15.93 ? 128 THR A CG2 1 
ATOM   878  N N   . LYS A 1 103 ? 15.286  2.600   -10.845 1.00 21.59 ? 129 LYS A N   1 
ATOM   879  C CA  . LYS A 1 103 ? 15.958  1.322   -10.917 1.00 25.55 ? 129 LYS A CA  1 
ATOM   880  C C   . LYS A 1 103 ? 15.210  0.256   -11.722 1.00 31.37 ? 129 LYS A C   1 
ATOM   881  O O   . LYS A 1 103 ? 15.713  -0.845  -11.877 1.00 33.08 ? 129 LYS A O   1 
ATOM   882  C CB  . LYS A 1 103 ? 16.265  0.850   -9.493  1.00 23.55 ? 129 LYS A CB  1 
ATOM   883  C CG  . LYS A 1 103 ? 17.004  1.967   -8.767  1.00 31.41 ? 129 LYS A CG  1 
ATOM   884  C CD  . LYS A 1 103 ? 18.068  1.477   -7.831  1.00 36.31 ? 129 LYS A CD  1 
ATOM   885  C CE  . LYS A 1 103 ? 17.600  1.577   -6.398  1.00 47.12 ? 129 LYS A CE  1 
ATOM   886  N NZ  . LYS A 1 103 ? 18.650  1.012   -5.498  1.00 59.21 ? 129 LYS A NZ  1 
ATOM   887  N N   . THR A 1 104 ? 14.037  0.578   -12.268 1.00 22.67 ? 130 THR A N   1 
ATOM   888  C CA  . THR A 1 104 ? 13.409  -0.319  -13.217 1.00 26.19 ? 130 THR A CA  1 
ATOM   889  C C   . THR A 1 104 ? 12.495  0.414   -14.212 1.00 21.25 ? 130 THR A C   1 
ATOM   890  O O   . THR A 1 104 ? 11.907  1.439   -13.894 1.00 21.21 ? 130 THR A O   1 
ATOM   891  C CB  . THR A 1 104 ? 12.626  -1.416  -12.480 1.00 23.12 ? 130 THR A CB  1 
ATOM   892  O OG1 . THR A 1 104 ? 11.971  -2.268  -13.461 1.00 26.84 ? 130 THR A OG1 1 
ATOM   893  C CG2 . THR A 1 104 ? 11.651  -0.771  -11.419 1.00 20.11 ? 130 THR A CG2 1 
ATOM   894  N N   . ASP A 1 105 ? 12.356  -0.162  -15.422 1.00 16.20 ? 131 ASP A N   1 
ATOM   895  C CA  . ASP A 1 105 ? 11.426  0.422   -16.367 1.00 19.20 ? 131 ASP A CA  1 
ATOM   896  C C   . ASP A 1 105 ? 10.025  0.032   -16.049 1.00 17.39 ? 131 ASP A C   1 
ATOM   897  O O   . ASP A 1 105 ? 9.129   0.778   -16.436 1.00 19.76 ? 131 ASP A O   1 
ATOM   898  C CB  . ASP A 1 105 ? 11.770  0.003   -17.790 1.00 24.63 ? 131 ASP A CB  1 
ATOM   899  C CG  . ASP A 1 105 ? 12.784  0.940   -18.391 1.00 24.05 ? 131 ASP A CG  1 
ATOM   900  O OD1 . ASP A 1 105 ? 12.385  2.077   -18.708 1.00 29.38 ? 131 ASP A OD1 1 
ATOM   901  O OD2 . ASP A 1 105 ? 13.945  0.571   -18.450 1.00 28.03 ? 131 ASP A OD2 1 
ATOM   902  N N   . ARG A 1 106 ? 9.824   -1.068  -15.281 1.00 12.86 ? 132 ARG A N   1 
ATOM   903  C CA  . ARG A 1 106 ? 8.445   -1.438  -14.956 1.00 10.22 ? 132 ARG A CA  1 
ATOM   904  C C   . ARG A 1 106 ? 7.881   -0.551  -13.841 1.00 8.52  ? 132 ARG A C   1 
ATOM   905  O O   . ARG A 1 106 ? 8.514   -0.406  -12.780 1.00 10.53 ? 132 ARG A O   1 
ATOM   906  C CB  . ARG A 1 106 ? 8.458   -2.869  -14.520 1.00 14.38 ? 132 ARG A CB  1 
ATOM   907  C CG  . ARG A 1 106 ? 7.206   -3.434  -13.984 1.00 15.13 ? 132 ARG A CG  1 
ATOM   908  C CD  . ARG A 1 106 ? 7.479   -4.908  -13.637 1.00 17.28 ? 132 ARG A CD  1 
ATOM   909  N NE  . ARG A 1 106 ? 7.784   -5.713  -14.849 1.00 24.35 ? 132 ARG A NE  1 
ATOM   910  C CZ  . ARG A 1 106 ? 6.850   -6.237  -15.668 1.00 18.30 ? 132 ARG A CZ  1 
ATOM   911  N NH1 . ARG A 1 106 ? 5.522   -6.049  -15.442 1.00 21.35 ? 132 ARG A NH1 1 
ATOM   912  N NH2 . ARG A 1 106 ? 7.248   -6.916  -16.716 1.00 19.91 ? 132 ARG A NH2 1 
ATOM   913  N N   . LEU A 1 107 ? 6.710   0.020   -14.070 1.00 9.17  ? 133 LEU A N   1 
ATOM   914  C CA  . LEU A 1 107 ? 6.085   0.889   -13.038 1.00 6.35  ? 133 LEU A CA  1 
ATOM   915  C C   . LEU A 1 107 ? 5.946   0.089   -11.773 1.00 8.15  ? 133 LEU A C   1 
ATOM   916  O O   . LEU A 1 107 ? 5.444   -1.095  -11.740 1.00 9.39  ? 133 LEU A O   1 
ATOM   917  C CB  . LEU A 1 107 ? 4.716   1.390   -13.453 1.00 10.21 ? 133 LEU A CB  1 
ATOM   918  C CG  . LEU A 1 107 ? 4.679   2.404   -14.569 1.00 8.84  ? 133 LEU A CG  1 
ATOM   919  C CD1 . LEU A 1 107 ? 3.265   2.795   -14.896 1.00 10.28 ? 133 LEU A CD1 1 
ATOM   920  C CD2 . LEU A 1 107 ? 5.530   3.628   -14.308 1.00 11.77 ? 133 LEU A CD2 1 
ATOM   921  N N   . ILE A 1 108 ? 6.305   0.748   -10.664 1.00 8.10  ? 134 ILE A N   1 
ATOM   922  C CA  . ILE A 1 108 ? 6.054   0.135   -9.344  1.00 7.69  ? 134 ILE A CA  1 
ATOM   923  C C   . ILE A 1 108 ? 4.527   0.052   -9.141  1.00 5.46  ? 134 ILE A C   1 
ATOM   924  O O   . ILE A 1 108 ? 3.838   1.056   -9.241  1.00 8.13  ? 134 ILE A O   1 
ATOM   925  C CB  . ILE A 1 108 ? 6.755   0.945   -8.221  1.00 7.29  ? 134 ILE A CB  1 
ATOM   926  C CG1 . ILE A 1 108 ? 8.262   0.841   -8.363  1.00 7.18  ? 134 ILE A CG1 1 
ATOM   927  C CG2 . ILE A 1 108 ? 6.356   0.493   -6.817  1.00 8.10  ? 134 ILE A CG2 1 
ATOM   928  C CD1 . ILE A 1 108 ? 9.046   1.857   -7.578  1.00 7.63  ? 134 ILE A CD1 1 
ATOM   929  N N   . PRO A 1 109 ? 4.019   -1.136  -8.797  1.00 8.02  ? 135 PRO A N   1 
ATOM   930  C CA  . PRO A 1 109 ? 2.550   -1.185  -8.611  1.00 8.04  ? 135 PRO A CA  1 
ATOM   931  C C   . PRO A 1 109 ? 2.133   -0.310  -7.447  1.00 9.29  ? 135 PRO A C   1 
ATOM   932  O O   . PRO A 1 109 ? 2.848   -0.264  -6.423  1.00 9.10  ? 135 PRO A O   1 
ATOM   933  C CB  . PRO A 1 109 ? 2.273   -2.655  -8.310  1.00 10.15 ? 135 PRO A CB  1 
ATOM   934  C CG  . PRO A 1 109 ? 3.470   -3.393  -8.892  1.00 11.25 ? 135 PRO A CG  1 
ATOM   935  C CD  . PRO A 1 109 ? 4.647   -2.452  -8.709  1.00 8.11  ? 135 PRO A CD  1 
ATOM   936  N N   . VAL A 1 110 ? 0.948   0.297   -7.563  1.00 7.69  ? 136 VAL A N   1 
ATOM   937  C CA  . VAL A 1 110 ? 0.323   1.069   -6.473  1.00 6.82  ? 136 VAL A CA  1 
ATOM   938  C C   . VAL A 1 110 ? -1.061  0.574   -6.403  1.00 7.17  ? 136 VAL A C   1 
ATOM   939  O O   . VAL A 1 110 ? -1.803  0.622   -7.421  1.00 6.73  ? 136 VAL A O   1 
ATOM   940  C CB  . VAL A 1 110 ? 0.349   2.584   -6.728  1.00 6.94  ? 136 VAL A CB  1 
ATOM   941  C CG1 . VAL A 1 110 ? -0.193  3.350   -5.577  1.00 7.43  ? 136 VAL A CG1 1 
ATOM   942  C CG2 . VAL A 1 110 ? 1.801   2.967   -7.081  1.00 9.01  ? 136 VAL A CG2 1 
ATOM   943  N N   . PHE A 1 111 ? -1.472  0.197   -5.184  1.00 5.49  ? 137 PHE A N   1 
ATOM   944  C CA  . PHE A 1 111 ? -2.849  -0.164  -4.907  1.00 4.97  ? 137 PHE A CA  1 
ATOM   945  C C   . PHE A 1 111 ? -3.563  0.978   -4.184  1.00 7.65  ? 137 PHE A C   1 
ATOM   946  O O   . PHE A 1 111 ? -3.033  1.547   -3.215  1.00 8.86  ? 137 PHE A O   1 
ATOM   947  C CB  . PHE A 1 111 ? -2.912  -1.407  -3.995  1.00 5.78  ? 137 PHE A CB  1 
ATOM   948  C CG  . PHE A 1 111 ? -2.337  -2.654  -4.585  1.00 5.40  ? 137 PHE A CG  1 
ATOM   949  C CD1 . PHE A 1 111 ? -0.969  -2.849  -4.615  1.00 7.47  ? 137 PHE A CD1 1 
ATOM   950  C CD2 . PHE A 1 111 ? -3.160  -3.629  -5.172  1.00 8.38  ? 137 PHE A CD2 1 
ATOM   951  C CE1 . PHE A 1 111 ? -0.429  -3.980  -5.201  1.00 11.09 ? 137 PHE A CE1 1 
ATOM   952  C CE2 . PHE A 1 111 ? -2.594  -4.756  -5.789  1.00 9.91  ? 137 PHE A CE2 1 
ATOM   953  C CZ  . PHE A 1 111 ? -1.237  -4.957  -5.777  1.00 11.04 ? 137 PHE A CZ  1 
ATOM   954  N N   . ILE A 1 112 ? -4.783  1.286   -4.558  1.00 5.97  ? 138 ILE A N   1 
ATOM   955  C CA  . ILE A 1 112 ? -5.709  2.126   -3.766  1.00 4.54  ? 138 ILE A CA  1 
ATOM   956  C C   . ILE A 1 112 ? -6.474  1.192   -2.792  1.00 7.45  ? 138 ILE A C   1 
ATOM   957  O O   . ILE A 1 112 ? -6.820  0.072   -3.176  1.00 8.13  ? 138 ILE A O   1 
ATOM   958  C CB  . ILE A 1 112 ? -6.674  2.960   -4.644  1.00 7.79  ? 138 ILE A CB  1 
ATOM   959  C CG1 . ILE A 1 112 ? -7.335  4.038   -3.813  1.00 8.21  ? 138 ILE A CG1 1 
ATOM   960  C CG2 . ILE A 1 112 ? -7.668  2.050   -5.311  1.00 7.29  ? 138 ILE A CG2 1 
ATOM   961  C CD1 . ILE A 1 112 ? -8.067  5.027   -4.678  1.00 9.80  ? 138 ILE A CD1 1 
ATOM   962  N N   . VAL A 1 113 ? -6.653  1.671   -1.582  1.00 6.71  ? 139 VAL A N   1 
ATOM   963  C CA  . VAL A 1 113 ? -7.437  0.940   -0.613  1.00 5.37  ? 139 VAL A CA  1 
ATOM   964  C C   . VAL A 1 113 ? -8.644  1.789   -0.246  1.00 6.60  ? 139 VAL A C   1 
ATOM   965  O O   . VAL A 1 113 ? -8.499  2.825   0.242   1.00 8.96  ? 139 VAL A O   1 
ATOM   966  C CB  . VAL A 1 113 ? -6.582  0.547   0.598   1.00 5.27  ? 139 VAL A CB  1 
ATOM   967  C CG1 . VAL A 1 113 ? -7.419  -0.213  1.585   1.00 6.67  ? 139 VAL A CG1 1 
ATOM   968  C CG2 . VAL A 1 113 ? -5.393  -0.286  0.177   1.00 7.01  ? 139 VAL A CG2 1 
ATOM   969  N N   . GLU A 1 114 ? -9.809  1.243   -0.525  1.00 9.26  ? 140 GLU A N   1 
ATOM   970  C CA  . GLU A 1 114 ? -11.027 1.957   -0.580  1.00 11.32 ? 140 GLU A CA  1 
ATOM   971  C C   . GLU A 1 114 ? -12.169 1.052   -0.054  1.00 13.90 ? 140 GLU A C   1 
ATOM   972  O O   . GLU A 1 114 ? -13.152 1.665   0.257   1.00 17.29 ? 140 GLU A O   1 
ATOM   973  C CB  . GLU A 1 114 ? -11.318 2.482   -2.029  1.00 15.48 ? 140 GLU A CB  1 
ATOM   974  C CG  . GLU A 1 114 ? -11.574 1.421   -3.095  1.00 15.48 ? 140 GLU A CG  1 
ATOM   975  C CD  . GLU A 1 114 ? -11.468 1.894   -4.550  1.00 16.39 ? 140 GLU A CD  1 
ATOM   976  O OE1 . GLU A 1 114 ? -11.350 3.032   -4.815  1.00 19.68 ? 140 GLU A OE1 1 
ATOM   977  O OE2 . GLU A 1 114 ? -11.543 1.071   -5.411  1.00 21.46 ? 140 GLU A OE2 1 
HETATM 978  P P   . PO4 B 2 .   ? -1.774  -18.058 2.513   0.64 12.14 ? 201 PO4 A P   1 
HETATM 979  O O1  . PO4 B 2 .   ? -1.277  -18.310 3.951   0.64 14.56 ? 201 PO4 A O1  1 
HETATM 980  O O2  . PO4 B 2 .   ? -1.282  -16.667 1.955   0.64 13.18 ? 201 PO4 A O2  1 
HETATM 981  O O3  . PO4 B 2 .   ? -1.134  -19.186 1.611   0.64 15.65 ? 201 PO4 A O3  1 
HETATM 982  O O4  . PO4 B 2 .   ? -3.242  -18.172 2.410   0.64 9.46  ? 201 PO4 A O4  1 
HETATM 983  O O   . HOH C 3 .   ? 14.437  -1.625  -19.131 1.00 23.46 ? 301 HOH A O   1 
HETATM 984  O O   . HOH C 3 .   ? 15.637  -7.258  -1.000  1.00 33.92 ? 302 HOH A O   1 
HETATM 985  O O   . HOH C 3 .   ? 3.757   9.441   -15.927 1.00 43.15 ? 303 HOH A O   1 
HETATM 986  O O   . HOH C 3 .   ? 8.738   2.035   -18.511 1.00 34.26 ? 304 HOH A O   1 
HETATM 987  O O   . HOH C 3 .   ? -8.176  9.718   -14.175 1.00 27.50 ? 305 HOH A O   1 
HETATM 988  O O   . HOH C 3 .   ? 0.372   4.834   -14.851 1.00 17.93 ? 306 HOH A O   1 
HETATM 989  O O   . HOH C 3 .   ? -7.454  -1.162  -17.641 1.00 34.39 ? 307 HOH A O   1 
HETATM 990  O O   . HOH C 3 .   ? 3.897   -15.928 6.317   1.00 44.25 ? 308 HOH A O   1 
HETATM 991  O O   . HOH C 3 .   ? -2.201  -9.740  -12.294 1.00 58.99 ? 309 HOH A O   1 
HETATM 992  O O   . HOH C 3 .   ? 6.293   5.284   -11.033 1.00 15.83 ? 310 HOH A O   1 
HETATM 993  O O   . HOH C 3 .   ? 14.939  3.704   1.387   1.00 24.35 ? 311 HOH A O   1 
HETATM 994  O O   . HOH C 3 .   ? 1.045   -16.622 0.851   1.00 25.63 ? 312 HOH A O   1 
HETATM 995  O O   . HOH C 3 .   ? -5.503  -9.335  13.792  1.00 28.90 ? 313 HOH A O   1 
HETATM 996  O O   . HOH C 3 .   ? 6.871   15.792  -4.594  1.00 18.25 ? 314 HOH A O   1 
HETATM 997  O O   . HOH C 3 .   ? -2.562  14.422  -9.684  1.00 18.32 ? 315 HOH A O   1 
HETATM 998  O O   . HOH C 3 .   ? -12.646 3.342   2.991   1.00 23.52 ? 316 HOH A O   1 
HETATM 999  O O   . HOH C 3 .   ? -4.031  -6.602  -9.671  1.00 23.75 ? 317 HOH A O   1 
HETATM 1000 O O   . HOH C 3 .   ? -9.790  -17.293 -0.566  1.00 32.73 ? 318 HOH A O   1 
HETATM 1001 O O   . HOH C 3 .   ? -8.793  -21.429 4.566   1.00 28.35 ? 319 HOH A O   1 
HETATM 1002 O O   . HOH C 3 .   ? -0.988  -7.451  -11.500 1.00 25.31 ? 320 HOH A O   1 
HETATM 1003 O O   . HOH C 3 .   ? -0.069  -13.759 11.770  1.00 25.56 ? 321 HOH A O   1 
HETATM 1004 O O   . HOH C 3 .   ? -8.946  -16.617 3.719   1.00 20.54 ? 322 HOH A O   1 
HETATM 1005 O O   . HOH C 3 .   ? -12.731 -11.144 1.887   1.00 16.65 ? 323 HOH A O   1 
HETATM 1006 O O   . HOH C 3 .   ? 5.514   11.485  4.706   1.00 9.02  ? 324 HOH A O   1 
HETATM 1007 O O   . HOH C 3 .   ? -13.618 -9.642  8.782   1.00 28.58 ? 325 HOH A O   1 
HETATM 1008 O O   . HOH C 3 .   ? -4.146  15.106  -1.688  1.00 20.83 ? 326 HOH A O   1 
HETATM 1009 O O   . HOH C 3 .   ? -5.960  -5.119  -8.029  1.00 26.05 ? 327 HOH A O   1 
HETATM 1010 O O   . HOH C 3 .   ? -8.900  10.747  -4.211  1.00 13.61 ? 328 HOH A O   1 
HETATM 1011 O O   . HOH C 3 .   ? 1.068   6.949   19.645  1.00 13.63 ? 329 HOH A O   1 
HETATM 1012 O O   . HOH C 3 .   ? 6.602   -3.110  5.038   1.00 10.04 ? 330 HOH A O   1 
HETATM 1013 O O   . HOH C 3 .   ? -8.223  7.533   -7.529  1.00 13.67 ? 331 HOH A O   1 
HETATM 1014 O O   . HOH C 3 .   ? -1.371  6.273   17.675  1.00 25.38 ? 332 HOH A O   1 
HETATM 1015 O O   . HOH C 3 .   ? -6.758  16.235  -3.690  1.00 14.68 ? 333 HOH A O   1 
HETATM 1016 O O   . HOH C 3 .   ? -11.112 -11.602 9.207   1.00 39.28 ? 334 HOH A O   1 
HETATM 1017 O O   . HOH C 3 .   ? 4.606   5.963   16.675  1.00 12.06 ? 335 HOH A O   1 
HETATM 1018 O O   . HOH C 3 .   ? 12.875  11.696  -5.354  1.00 20.17 ? 336 HOH A O   1 
HETATM 1019 O O   . HOH C 3 .   ? 15.077  -4.189  -0.128  1.00 22.89 ? 337 HOH A O   1 
HETATM 1020 O O   . HOH C 3 .   ? 16.839  1.317   0.448   1.00 34.55 ? 338 HOH A O   1 
HETATM 1021 O O   . HOH C 3 .   ? -2.844  11.662  -13.315 1.00 20.59 ? 339 HOH A O   1 
HETATM 1022 O O   . HOH C 3 .   ? 6.058   0.931   0.204   1.00 8.35  ? 340 HOH A O   1 
HETATM 1023 O O   . HOH C 3 .   ? 6.033   10.220  14.127  1.00 10.81 ? 341 HOH A O   1 
HETATM 1024 O O   . HOH C 3 .   ? 4.368   -9.456  -11.668 1.00 35.55 ? 342 HOH A O   1 
HETATM 1025 O O   . HOH C 3 .   ? 3.894   9.274   4.967   1.00 13.01 ? 343 HOH A O   1 
HETATM 1026 O O   . HOH C 3 .   ? -13.888 5.131   5.493   1.00 26.59 ? 344 HOH A O   1 
HETATM 1027 O O   . HOH C 3 .   ? -12.048 7.578   -5.500  1.00 20.50 ? 345 HOH A O   1 
HETATM 1028 O O   . HOH C 3 .   ? -15.773 1.784   -0.495  1.00 21.32 ? 346 HOH A O   1 
HETATM 1029 O O   . HOH C 3 .   ? -5.841  -6.262  -5.307  1.00 11.00 ? 347 HOH A O   1 
HETATM 1030 O O   . HOH C 3 .   ? 3.438   -2.440  -13.018 1.00 9.33  ? 348 HOH A O   1 
HETATM 1031 O O   . HOH C 3 .   ? 0.926   -1.927  -11.997 1.00 13.92 ? 349 HOH A O   1 
HETATM 1032 O O   . HOH C 3 .   ? -11.985 -7.800  -1.514  1.00 14.72 ? 350 HOH A O   1 
HETATM 1033 O O   . HOH C 3 .   ? 9.670   -11.117 -4.947  1.00 37.17 ? 351 HOH A O   1 
HETATM 1034 O O   . HOH C 3 .   ? -12.739 5.810   3.314   1.00 34.26 ? 352 HOH A O   1 
HETATM 1035 O O   . HOH C 3 .   ? -2.813  -15.198 0.146   1.00 15.73 ? 353 HOH A O   1 
HETATM 1036 O O   . HOH C 3 .   ? 5.224   14.271  -6.182  1.00 10.99 ? 354 HOH A O   1 
HETATM 1037 O O   . HOH C 3 .   ? -14.795 -5.177  -2.892  1.00 19.77 ? 355 HOH A O   1 
HETATM 1038 O O   . HOH C 3 .   ? -8.980  -15.268 8.675   1.00 13.51 ? 356 HOH A O   1 
HETATM 1039 O O   . HOH C 3 .   ? -1.569  -1.452  -13.393 1.00 26.43 ? 357 HOH A O   1 
HETATM 1040 O O   . HOH C 3 .   ? 0.259   10.235  14.388  1.00 15.75 ? 358 HOH A O   1 
HETATM 1041 O O   . HOH C 3 .   ? -8.429  -8.283  9.784   1.00 26.76 ? 359 HOH A O   1 
HETATM 1042 O O   . HOH C 3 .   ? -0.131  17.430  -9.878  1.00 39.62 ? 360 HOH A O   1 
HETATM 1043 O O   . HOH C 3 .   ? 5.446   6.006   12.824  1.00 13.84 ? 361 HOH A O   1 
HETATM 1044 O O   . HOH C 3 .   ? -1.894  -1.579  -16.114 1.00 17.88 ? 362 HOH A O   1 
HETATM 1045 O O   . HOH C 3 .   ? -7.025  14.126  2.268   1.00 20.47 ? 363 HOH A O   1 
HETATM 1046 O O   . HOH C 3 .   ? -10.157 9.527   -2.210  1.00 14.42 ? 364 HOH A O   1 
HETATM 1047 O O   . HOH C 3 .   ? 6.504   1.800   2.908   1.00 7.70  ? 365 HOH A O   1 
HETATM 1048 O O   . HOH C 3 .   ? 11.905  4.230   -14.581 1.00 35.75 ? 366 HOH A O   1 
HETATM 1049 O O   . HOH C 3 .   ? -0.729  -0.192  -13.844 1.00 22.96 ? 367 HOH A O   1 
HETATM 1050 O O   . HOH C 3 .   ? 7.190   -1.685  0.508   1.00 13.42 ? 368 HOH A O   1 
HETATM 1051 O O   . HOH C 3 .   ? -14.182 10.663  0.109   1.00 27.03 ? 369 HOH A O   1 
HETATM 1052 O O   . HOH C 3 .   ? -7.734  0.061   -11.291 1.00 20.81 ? 370 HOH A O   1 
HETATM 1053 O O   . HOH C 3 .   ? 13.800  3.490   -16.614 1.00 37.02 ? 371 HOH A O   1 
HETATM 1054 O O   . HOH C 3 .   ? 5.141   9.745   -12.771 1.00 33.81 ? 372 HOH A O   1 
HETATM 1055 O O   . HOH C 3 .   ? -5.873  -24.029 2.002   1.00 33.01 ? 373 HOH A O   1 
HETATM 1056 O O   . HOH C 3 .   ? -15.395 -8.560  5.564   1.00 22.62 ? 374 HOH A O   1 
HETATM 1057 O O   . HOH C 3 .   ? -11.780 3.663   14.085  1.00 31.13 ? 375 HOH A O   1 
HETATM 1058 O O   . HOH C 3 .   ? 9.288   14.551  -3.778  1.00 14.27 ? 376 HOH A O   1 
HETATM 1059 O O   . HOH C 3 .   ? -3.793  -14.887 11.844  1.00 18.86 ? 377 HOH A O   1 
HETATM 1060 O O   . HOH C 3 .   ? 0.861   -20.373 3.701   1.00 36.05 ? 378 HOH A O   1 
HETATM 1061 O O   . HOH C 3 .   ? -10.618 -12.125 3.624   1.00 13.57 ? 379 HOH A O   1 
HETATM 1062 O O   . HOH C 3 .   ? 8.793   -10.650 3.328   1.00 38.81 ? 380 HOH A O   1 
HETATM 1063 O O   . HOH C 3 .   ? 9.709   -8.693  -16.782 1.00 29.10 ? 381 HOH A O   1 
HETATM 1064 O O   . HOH C 3 .   ? -6.848  5.965   -14.842 1.00 20.51 ? 382 HOH A O   1 
HETATM 1065 O O   . HOH C 3 .   ? -13.590 4.638   0.822   1.00 28.60 ? 383 HOH A O   1 
HETATM 1066 O O   . HOH C 3 .   ? 3.146   -7.944  -15.841 1.00 28.65 ? 384 HOH A O   1 
HETATM 1067 O O   . HOH C 3 .   ? -13.240 0.521   13.447  1.00 35.05 ? 385 HOH A O   1 
HETATM 1068 O O   . HOH C 3 .   ? 9.328   -9.347  -9.113  1.00 25.91 ? 386 HOH A O   1 
HETATM 1069 O O   . HOH C 3 .   ? -0.345  2.051   -15.920 1.00 24.98 ? 387 HOH A O   1 
HETATM 1070 O O   . HOH C 3 .   ? -4.518  16.026  9.003   1.00 44.37 ? 388 HOH A O   1 
HETATM 1071 O O   . HOH C 3 .   ? -1.500  -22.187 2.488   1.00 28.01 ? 389 HOH A O   1 
HETATM 1072 O O   . HOH C 3 .   ? 7.900   3.668   -16.785 1.00 40.58 ? 390 HOH A O   1 
HETATM 1073 O O   . HOH C 3 .   ? -12.450 -1.981  -5.697  1.00 32.99 ? 391 HOH A O   1 
HETATM 1074 O O   . HOH C 3 .   ? -16.283 -3.591  7.127   1.00 20.51 ? 392 HOH A O   1 
HETATM 1075 O O   . HOH C 3 .   ? 9.917   12.130  3.519   1.00 32.49 ? 393 HOH A O   1 
HETATM 1076 O O   . HOH C 3 .   ? -12.093 5.360   -9.782  1.00 35.22 ? 394 HOH A O   1 
HETATM 1077 O O   . HOH C 3 .   ? 3.746   16.774  -5.885  1.00 26.08 ? 395 HOH A O   1 
HETATM 1078 O O   . HOH C 3 .   ? -2.043  -13.216 13.276  1.00 33.69 ? 396 HOH A O   1 
HETATM 1079 O O   . HOH C 3 .   ? -11.857 12.274  3.810   1.00 35.47 ? 397 HOH A O   1 
HETATM 1080 O O   . HOH C 3 .   ? 15.330  12.364  -5.098  1.00 34.35 ? 398 HOH A O   1 
HETATM 1081 O O   . HOH C 3 .   ? -0.492  -15.092 -3.139  1.00 31.01 ? 399 HOH A O   1 
HETATM 1082 O O   . HOH C 3 .   ? -13.201 7.156   0.460   1.00 31.43 ? 400 HOH A O   1 
HETATM 1083 O O   . HOH C 3 .   ? -10.396 -14.844 2.793   1.00 36.98 ? 401 HOH A O   1 
HETATM 1084 O O   . HOH C 3 .   ? 10.512  -4.859  -16.954 1.00 29.91 ? 402 HOH A O   1 
HETATM 1085 O O   . HOH C 3 .   ? -4.048  2.144   -18.367 1.00 28.18 ? 403 HOH A O   1 
HETATM 1086 O O   . HOH C 3 .   ? 4.354   -5.090  -12.112 1.00 26.25 ? 404 HOH A O   1 
HETATM 1087 O O   . HOH C 3 .   ? -13.988 8.325   3.243   1.00 25.38 ? 405 HOH A O   1 
HETATM 1088 O O   . HOH C 3 .   ? -12.935 5.977   -7.547  1.00 31.64 ? 406 HOH A O   1 
HETATM 1089 O O   . HOH C 3 .   ? -10.883 7.727   14.978  1.00 41.84 ? 407 HOH A O   1 
HETATM 1090 O O   . HOH C 3 .   ? -1.280  13.342  -11.569 1.00 21.60 ? 408 HOH A O   1 
HETATM 1091 O O   . HOH C 3 .   ? -14.241 -1.245  -3.548  1.00 28.52 ? 409 HOH A O   1 
HETATM 1092 O O   . HOH C 3 .   ? -3.762  9.486   16.183  1.00 28.85 ? 410 HOH A O   1 
HETATM 1093 O O   . HOH C 3 .   ? -8.167  7.987   -16.058 1.00 30.37 ? 411 HOH A O   1 
HETATM 1094 O O   . HOH C 3 .   ? -2.140  -10.406 20.173  1.00 45.07 ? 412 HOH A O   1 
HETATM 1095 O O   . HOH C 3 .   ? 2.174   11.280  7.279   1.00 21.11 ? 413 HOH A O   1 
HETATM 1096 O O   . HOH C 3 .   ? 3.664   13.338  4.055   1.00 29.55 ? 414 HOH A O   1 
HETATM 1097 O O   . HOH C 3 .   ? 13.319  12.218  1.471   1.00 21.19 ? 415 HOH A O   1 
HETATM 1098 O O   . HOH C 3 .   ? -2.400  10.068  13.759  1.00 24.78 ? 416 HOH A O   1 
HETATM 1099 O O   . HOH C 3 .   ? 8.708   -14.207 2.857   1.00 63.07 ? 417 HOH A O   1 
HETATM 1100 O O   . HOH C 3 .   ? -10.232 -16.051 6.428   1.00 21.67 ? 418 HOH A O   1 
HETATM 1101 O O   . HOH C 3 .   ? -12.818 -2.104  13.472  1.00 35.38 ? 419 HOH A O   1 
HETATM 1102 O O   . HOH C 3 .   ? -3.010  -12.830 18.584  1.00 31.49 ? 420 HOH A O   1 
HETATM 1103 O O   . HOH C 3 .   ? 1.007   11.116  4.306   1.00 24.16 ? 421 HOH A O   1 
HETATM 1104 O O   . HOH C 3 .   ? 1.264   12.883  -0.071  1.00 18.08 ? 422 HOH A O   1 
HETATM 1105 O O   . HOH C 3 .   ? -12.747 1.546   -9.964  1.00 59.10 ? 423 HOH A O   1 
HETATM 1106 O O   . HOH C 3 .   ? 2.830   14.154  2.031   1.00 25.34 ? 424 HOH A O   1 
HETATM 1107 O O   . HOH C 3 .   ? 1.423   13.349  -12.390 1.00 30.71 ? 425 HOH A O   1 
HETATM 1108 O O   . HOH C 3 .   ? -5.714  -9.458  2.112   1.00 6.70  ? 426 HOH A O   1 
HETATM 1109 O O   . HOH C 3 .   ? 0.014   0.171   -10.320 1.00 9.87  ? 427 HOH A O   1 
HETATM 1110 O O   . HOH C 3 .   ? -0.674  6.402   11.490  1.00 9.73  ? 428 HOH A O   1 
HETATM 1111 O O   . HOH C 3 .   ? -4.609  -2.787  9.538   1.00 8.94  ? 429 HOH A O   1 
HETATM 1112 O O   . HOH C 3 .   ? -6.880  2.703   -12.149 1.00 13.36 ? 430 HOH A O   1 
HETATM 1113 O O   . HOH C 3 .   ? -7.441  -8.495  5.413   1.00 12.03 ? 431 HOH A O   1 
HETATM 1114 O O   . HOH C 3 .   ? 2.960   10.938  -11.229 1.00 15.79 ? 432 HOH A O   1 
HETATM 1115 O O   . HOH C 3 .   ? 2.681   2.974   0.603   1.00 9.45  ? 433 HOH A O   1 
HETATM 1116 O O   . HOH C 3 .   ? 9.381   -3.537  -6.120  1.00 23.16 ? 434 HOH A O   1 
HETATM 1117 O O   . HOH C 3 .   ? -4.791  -5.220  12.238  1.00 16.73 ? 435 HOH A O   1 
HETATM 1118 O O   . HOH C 3 .   ? -5.642  -2.771  12.981  1.00 19.87 ? 436 HOH A O   1 
HETATM 1119 O O   . HOH C 3 .   ? 6.946   -4.517  -7.273  1.00 17.85 ? 437 HOH A O   1 
HETATM 1120 O O   . HOH C 3 .   ? -3.461  -5.343  14.780  1.00 25.92 ? 438 HOH A O   1 
HETATM 1121 O O   . HOH C 3 .   ? -9.918  3.629   2.553   1.00 14.26 ? 439 HOH A O   1 
HETATM 1122 O O   . HOH C 3 .   ? -3.829  -2.757  16.146  1.00 20.05 ? 440 HOH A O   1 
HETATM 1123 O O   . HOH C 3 .   ? -11.987 6.646   4.794   1.00 23.77 ? 441 HOH A O   1 
HETATM 1124 O O   . HOH C 3 .   ? 4.541   -11.099 -3.844  1.00 22.66 ? 442 HOH A O   1 
HETATM 1125 O O   . HOH C 3 .   ? -2.270  3.416   16.938  1.00 21.05 ? 443 HOH A O   1 
HETATM 1126 O O   . HOH C 3 .   ? 8.534   -2.294  -10.692 1.00 22.67 ? 444 HOH A O   1 
HETATM 1127 O O   . HOH C 3 .   ? -6.173  8.626   11.744  1.00 33.95 ? 445 HOH A O   1 
HETATM 1128 O O   . HOH C 3 .   ? -8.184  -3.398  15.306  1.00 48.90 ? 446 HOH A O   1 
HETATM 1129 O O   . HOH C 3 .   ? -4.811  -7.350  15.463  1.00 36.58 ? 447 HOH A O   1 
HETATM 1130 O O   . HOH C 3 .   ? -8.178  -7.210  7.468   1.00 31.71 ? 448 HOH A O   1 
HETATM 1131 O O   . HOH C 3 .   ? 0.678   -10.207 3.110   1.00 26.83 ? 449 HOH A O   1 
HETATM 1132 O O   . HOH C 3 .   ? -10.885 -7.069  9.807   1.00 26.21 ? 450 HOH A O   1 
HETATM 1133 O O   . HOH C 3 .   ? 14.024  -2.073  -16.337 1.00 39.20 ? 451 HOH A O   1 
HETATM 1134 O O   . HOH C 3 .   ? -7.469  3.478   -14.733 1.00 32.52 ? 452 HOH A O   1 
HETATM 1135 O O   . HOH C 3 .   ? -9.271  -4.085  10.942  1.00 33.80 ? 453 HOH A O   1 
HETATM 1136 O O   . HOH C 3 .   ? 9.470   -10.372 -1.587  1.00 40.42 ? 454 HOH A O   1 
HETATM 1137 O O   . HOH C 3 .   ? -9.967  -9.106  6.602   1.00 22.76 ? 455 HOH A O   1 
HETATM 1138 O O   . HOH C 3 .   ? 4.073   -13.824 -1.549  1.00 34.99 ? 456 HOH A O   1 
HETATM 1139 O O   . HOH C 3 .   ? -10.946 -4.283  13.004  1.00 43.65 ? 457 HOH A O   1 
HETATM 1140 O O   . HOH C 3 .   ? -0.572  4.551   2.779   1.00 6.32  ? 458 HOH A O   1 
HETATM 1141 O O   . HOH C 3 .   ? -8.103  9.351   6.195   1.00 19.77 ? 459 HOH A O   1 
HETATM 1142 O O   . HOH C 3 .   ? 12.745  -0.409  -7.702  1.00 26.36 ? 460 HOH A O   1 
HETATM 1143 O O   . HOH C 3 .   ? -0.555  11.592  2.179   1.00 17.24 ? 461 HOH A O   1 
HETATM 1144 O O   . HOH C 3 .   ? -3.053  10.000  11.051  1.00 19.81 ? 462 HOH A O   1 
HETATM 1145 O O   . HOH C 3 .   ? -2.730  12.927  3.659   1.00 26.65 ? 463 HOH A O   1 
HETATM 1146 O O   . HOH C 3 .   ? -6.161  10.635  8.211   1.00 31.44 ? 464 HOH A O   1 
HETATM 1147 O O   . HOH C 3 .   ? 7.005   -4.371  -10.146 1.00 30.24 ? 465 HOH A O   1 
HETATM 1148 O O   . HOH C 3 .   ? 9.758   -2.585  -8.209  1.00 28.70 ? 466 HOH A O   1 
HETATM 1149 O O   . HOH C 3 .   ? 11.918  -1.414  -4.681  1.00 14.04 ? 467 HOH A O   1 
HETATM 1150 O O   . HOH C 3 .   ? 10.775  -1.162  -6.621  1.00 25.27 ? 468 HOH A O   1 
HETATM 1151 O O   . HOH C 3 .   ? -5.780  6.930   -17.611 1.00 26.68 ? 469 HOH A O   1 
HETATM 1152 O O   . HOH C 3 .   ? -7.010  -2.320  10.589  1.00 21.11 ? 470 HOH A O   1 
HETATM 1153 O O   . HOH C 3 .   ? 7.849   16.125  -0.189  1.00 25.62 ? 471 HOH A O   1 
HETATM 1154 O O   . HOH C 3 .   ? -2.953  13.908  -0.022  1.00 25.67 ? 472 HOH A O   1 
HETATM 1155 O O   . HOH C 3 .   ? 1.515   16.262  -4.219  1.00 35.18 ? 473 HOH A O   1 
HETATM 1156 O O   . HOH C 3 .   ? 3.621   -12.165 2.859   1.00 23.89 ? 474 HOH A O   1 
HETATM 1157 O O   . HOH C 3 .   ? -8.692  12.913  4.857   1.00 30.11 ? 475 HOH A O   1 
HETATM 1158 O O   . HOH C 3 .   ? -2.036  -12.500 4.858   1.00 14.68 ? 476 HOH A O   1 
HETATM 1159 O O   . HOH C 3 .   ? -13.766 1.516   -7.256  1.00 30.51 ? 477 HOH A O   1 
HETATM 1160 O O   . HOH C 3 .   ? -5.223  13.376  6.303   1.00 36.25 ? 478 HOH A O   1 
HETATM 1161 O O   . HOH C 3 .   ? -6.596  -6.830  11.921  1.00 34.27 ? 479 HOH A O   1 
HETATM 1162 O O   . HOH C 3 .   ? 8.752   -6.512  -10.241 1.00 35.17 ? 480 HOH A O   1 
HETATM 1163 O O   . HOH C 3 .   ? 5.445   -15.088 0.157   1.00 40.07 ? 481 HOH A O   1 
HETATM 1164 O O   . HOH C 3 .   ? -6.391  3.164   -17.186 1.00 31.75 ? 482 HOH A O   1 
HETATM 1165 O O   . HOH C 3 .   ? 14.599  -5.741  -12.184 1.00 39.00 ? 483 HOH A O   1 
HETATM 1166 O O   . HOH C 3 .   ? 14.976  11.268  -2.638  1.00 32.92 ? 484 HOH A O   1 
HETATM 1167 O O   . HOH C 3 .   ? -6.524  5.137   -18.765 1.00 41.36 ? 485 HOH A O   1 
HETATM 1168 O O   . HOH C 3 .   ? -6.521  0.750   17.186  1.00 37.19 ? 486 HOH A O   1 
HETATM 1169 O O   . HOH C 3 .   ? 15.136  -3.658  -13.309 1.00 43.65 ? 487 HOH A O   1 
HETATM 1170 O O   . HOH C 3 .   ? -11.705 0.315   16.465  1.00 44.32 ? 488 HOH A O   1 
# 
loop_
_pdbx_poly_seq_scheme.asym_id 
_pdbx_poly_seq_scheme.entity_id 
_pdbx_poly_seq_scheme.seq_id 
_pdbx_poly_seq_scheme.mon_id 
_pdbx_poly_seq_scheme.ndb_seq_num 
_pdbx_poly_seq_scheme.pdb_seq_num 
_pdbx_poly_seq_scheme.auth_seq_num 
_pdbx_poly_seq_scheme.pdb_mon_id 
_pdbx_poly_seq_scheme.auth_mon_id 
_pdbx_poly_seq_scheme.pdb_strand_id 
_pdbx_poly_seq_scheme.pdb_ins_code 
_pdbx_poly_seq_scheme.hetero 
A 1 1   GLY 1   27  27  GLY GLY A . n 
A 1 2   VAL 2   28  28  VAL VAL A . n 
A 1 3   HIS 3   29  29  HIS HIS A . n 
A 1 4   VAL 4   30  30  VAL VAL A . n 
A 1 5   LEU 5   31  31  LEU LEU A . n 
A 1 6   ASP 6   32  32  ASP ASP A . n 
A 1 7   ARG 7   33  33  ARG ARG A . n 
A 1 8   PRO 8   34  34  PRO PRO A . n 
A 1 9   ILE 9   35  35  ILE ILE A . n 
A 1 10  VAL 10  36  36  VAL VAL A . n 
A 1 11  LEU 11  37  37  LEU LEU A . n 
A 1 12  PHE 12  38  38  PHE PHE A . n 
A 1 13  THR 13  39  39  THR THR A . n 
A 1 14  THR 14  40  40  THR THR A . n 
A 1 15  THR 15  41  41  THR THR A . n 
A 1 16  GLY 16  42  42  GLY GLY A . n 
A 1 17  ALA 17  43  43  ALA ALA A . n 
A 1 18  LYS 18  44  44  LYS LYS A . n 
A 1 19  SER 19  45  45  SER SER A . n 
A 1 20  GLY 20  46  46  GLY GLY A . n 
A 1 21  LYS 21  47  47  LYS LYS A . n 
A 1 22  LYS 22  48  48  LYS LYS A . n 
A 1 23  ARG 23  49  49  ARG ARG A . n 
A 1 24  TYR 24  50  50  TYR TYR A . n 
A 1 25  VAL 25  51  51  VAL VAL A . n 
A 1 26  PRO 26  52  52  PRO PRO A . n 
A 1 27  LEU 27  53  53  LEU LEU A . n 
A 1 28  MET 28  54  54  MET MET A . n 
A 1 29  ARG 29  55  55  ARG ARG A . n 
A 1 30  VAL 30  56  56  VAL VAL A . n 
A 1 31  GLU 31  57  57  GLU GLU A . n 
A 1 32  GLU 32  58  58  GLU GLU A . n 
A 1 33  ASN 33  59  59  ASN ASN A . n 
A 1 34  GLY 34  60  60  GLY GLY A . n 
A 1 35  LYS 35  61  61  LYS LYS A . n 
A 1 36  TYR 36  62  62  TYR TYR A . n 
A 1 37  ALA 37  63  63  ALA ALA A . n 
A 1 38  MET 38  64  64  MET MET A . n 
A 1 39  VAL 39  65  65  VAL VAL A . n 
A 1 40  ALA 40  66  66  ALA ALA A . n 
A 1 41  SER 41  67  67  SER SER A . n 
A 1 42  LYS 42  68  68  LYS LYS A . n 
A 1 43  GLY 43  69  69  GLY GLY A . n 
A 1 44  GLY 44  70  70  GLY GLY A . n 
A 1 45  ASP 45  71  71  ASP ASP A . n 
A 1 46  PRO 46  72  72  PRO PRO A . n 
A 1 47  LYS 47  73  73  LYS LYS A . n 
A 1 48  HIS 48  74  74  HIS HIS A . n 
A 1 49  PRO 49  75  75  PRO PRO A . n 
A 1 50  SER 50  76  76  SER SER A . n 
A 1 51  TRP 51  77  77  TRP TRP A . n 
A 1 52  TYR 52  78  78  TYR TYR A . n 
A 1 53  PHE 53  79  79  PHE PHE A . n 
A 1 54  ASN 54  80  80  ASN ASN A . n 
A 1 55  VAL 55  81  81  VAL VAL A . n 
A 1 56  LYS 56  82  82  LYS LYS A . n 
A 1 57  ALA 57  83  83  ALA ALA A . n 
A 1 58  ASN 58  84  84  ASN ASN A . n 
A 1 59  PRO 59  85  85  PRO PRO A . n 
A 1 60  THR 60  86  86  THR THR A . n 
A 1 61  VAL 61  87  87  VAL VAL A . n 
A 1 62  SER 62  88  88  SER SER A . n 
A 1 63  VAL 63  89  89  VAL VAL A . n 
A 1 64  GLN 64  90  90  GLN GLN A . n 
A 1 65  ASP 65  91  91  ASP ASP A . n 
A 1 66  GLY 66  92  92  GLY GLY A . n 
A 1 67  ASP 67  93  93  ASP ASP A . n 
A 1 68  LYS 68  94  94  LYS LYS A . n 
A 1 69  VAL 69  95  95  VAL VAL A . n 
A 1 70  LEU 70  96  96  LEU LEU A . n 
A 1 71  PRO 71  97  97  PRO PRO A . n 
A 1 72  ASP 72  98  98  ASP ASP A . n 
A 1 73  ARG 73  99  99  ARG ARG A . n 
A 1 74  THR 74  100 100 THR THR A . n 
A 1 75  ALA 75  101 101 ALA ALA A . n 
A 1 76  ARG 76  102 102 ARG ARG A . n 
A 1 77  GLU 77  103 103 GLU GLU A . n 
A 1 78  LEU 78  104 104 LEU LEU A . n 
A 1 79  GLU 79  105 105 GLU GLU A . n 
A 1 80  GLY 80  106 106 GLY GLY A . n 
A 1 81  GLU 81  107 107 GLU GLU A . n 
A 1 82  GLU 82  108 108 GLU GLU A . n 
A 1 83  ARG 83  109 109 ARG ARG A . n 
A 1 84  GLU 84  110 110 GLU GLU A . n 
A 1 85  HIS 85  111 111 HIS HIS A . n 
A 1 86  TRP 86  112 112 TRP TRP A . n 
A 1 87  TRP 87  113 113 TRP TRP A . n 
A 1 88  LYS 88  114 114 LYS LYS A . n 
A 1 89  LEU 89  115 115 LEU LEU A . n 
A 1 90  ALA 90  116 116 ALA ALA A . n 
A 1 91  VAL 91  117 117 VAL VAL A . n 
A 1 92  GLU 92  118 118 GLU GLU A . n 
A 1 93  ALA 93  119 119 ALA ALA A . n 
A 1 94  TYR 94  120 120 TYR TYR A . n 
A 1 95  PRO 95  121 121 PRO PRO A . n 
A 1 96  PRO 96  122 122 PRO PRO A . n 
A 1 97  TYR 97  123 123 TYR TYR A . n 
A 1 98  ALA 98  124 124 ALA ALA A . n 
A 1 99  GLU 99  125 125 GLU GLU A . n 
A 1 100 TYR 100 126 126 TYR TYR A . n 
A 1 101 GLN 101 127 127 GLN GLN A . n 
A 1 102 THR 102 128 128 THR THR A . n 
A 1 103 LYS 103 129 129 LYS LYS A . n 
A 1 104 THR 104 130 130 THR THR A . n 
A 1 105 ASP 105 131 131 ASP ASP A . n 
A 1 106 ARG 106 132 132 ARG ARG A . n 
A 1 107 LEU 107 133 133 LEU LEU A . n 
A 1 108 ILE 108 134 134 ILE ILE A . n 
A 1 109 PRO 109 135 135 PRO PRO A . n 
A 1 110 VAL 110 136 136 VAL VAL A . n 
A 1 111 PHE 111 137 137 PHE PHE A . n 
A 1 112 ILE 112 138 138 ILE ILE A . n 
A 1 113 VAL 113 139 139 VAL VAL A . n 
A 1 114 GLU 114 140 140 GLU GLU A . n 
# 
loop_
_pdbx_nonpoly_scheme.asym_id 
_pdbx_nonpoly_scheme.entity_id 
_pdbx_nonpoly_scheme.mon_id 
_pdbx_nonpoly_scheme.ndb_seq_num 
_pdbx_nonpoly_scheme.pdb_seq_num 
_pdbx_nonpoly_scheme.auth_seq_num 
_pdbx_nonpoly_scheme.pdb_mon_id 
_pdbx_nonpoly_scheme.auth_mon_id 
_pdbx_nonpoly_scheme.pdb_strand_id 
_pdbx_nonpoly_scheme.pdb_ins_code 
B 2 PO4 1   201 1   PO4 PO4 A . 
C 3 HOH 1   301 142 HOH HOH A . 
C 3 HOH 2   302 185 HOH HOH A . 
C 3 HOH 3   303 210 HOH HOH A . 
C 3 HOH 4   304 138 HOH HOH A . 
C 3 HOH 5   305 155 HOH HOH A . 
C 3 HOH 6   306 101 HOH HOH A . 
C 3 HOH 7   307 106 HOH HOH A . 
C 3 HOH 8   308 107 HOH HOH A . 
C 3 HOH 9   309 179 HOH HOH A . 
C 3 HOH 10  310 25  HOH HOH A . 
C 3 HOH 11  311 64  HOH HOH A . 
C 3 HOH 12  312 71  HOH HOH A . 
C 3 HOH 13  313 112 HOH HOH A . 
C 3 HOH 14  314 127 HOH HOH A . 
C 3 HOH 15  315 89  HOH HOH A . 
C 3 HOH 16  316 135 HOH HOH A . 
C 3 HOH 17  317 57  HOH HOH A . 
C 3 HOH 18  318 59  HOH HOH A . 
C 3 HOH 19  319 108 HOH HOH A . 
C 3 HOH 20  320 48  HOH HOH A . 
C 3 HOH 21  321 105 HOH HOH A . 
C 3 HOH 22  322 17  HOH HOH A . 
C 3 HOH 23  323 34  HOH HOH A . 
C 3 HOH 24  324 16  HOH HOH A . 
C 3 HOH 25  325 53  HOH HOH A . 
C 3 HOH 26  326 134 HOH HOH A . 
C 3 HOH 27  327 62  HOH HOH A . 
C 3 HOH 28  328 22  HOH HOH A . 
C 3 HOH 29  329 9   HOH HOH A . 
C 3 HOH 30  330 7   HOH HOH A . 
C 3 HOH 31  331 88  HOH HOH A . 
C 3 HOH 32  332 153 HOH HOH A . 
C 3 HOH 33  333 149 HOH HOH A . 
C 3 HOH 34  334 85  HOH HOH A . 
C 3 HOH 35  335 146 HOH HOH A . 
C 3 HOH 36  336 72  HOH HOH A . 
C 3 HOH 37  337 47  HOH HOH A . 
C 3 HOH 38  338 115 HOH HOH A . 
C 3 HOH 39  339 100 HOH HOH A . 
C 3 HOH 40  340 12  HOH HOH A . 
C 3 HOH 41  341 26  HOH HOH A . 
C 3 HOH 42  342 84  HOH HOH A . 
C 3 HOH 43  343 150 HOH HOH A . 
C 3 HOH 44  344 136 HOH HOH A . 
C 3 HOH 45  345 152 HOH HOH A . 
C 3 HOH 46  346 21  HOH HOH A . 
C 3 HOH 47  347 14  HOH HOH A . 
C 3 HOH 48  348 15  HOH HOH A . 
C 3 HOH 49  349 39  HOH HOH A . 
C 3 HOH 50  350 35  HOH HOH A . 
C 3 HOH 51  351 61  HOH HOH A . 
C 3 HOH 52  352 177 HOH HOH A . 
C 3 HOH 53  353 28  HOH HOH A . 
C 3 HOH 54  354 123 HOH HOH A . 
C 3 HOH 55  355 54  HOH HOH A . 
C 3 HOH 56  356 6   HOH HOH A . 
C 3 HOH 57  357 167 HOH HOH A . 
C 3 HOH 58  358 31  HOH HOH A . 
C 3 HOH 59  359 43  HOH HOH A . 
C 3 HOH 60  360 186 HOH HOH A . 
C 3 HOH 61  361 143 HOH HOH A . 
C 3 HOH 62  362 33  HOH HOH A . 
C 3 HOH 63  363 125 HOH HOH A . 
C 3 HOH 64  364 63  HOH HOH A . 
C 3 HOH 65  365 2   HOH HOH A . 
C 3 HOH 66  366 74  HOH HOH A . 
C 3 HOH 67  367 126 HOH HOH A . 
C 3 HOH 68  368 46  HOH HOH A . 
C 3 HOH 69  369 73  HOH HOH A . 
C 3 HOH 70  370 27  HOH HOH A . 
C 3 HOH 71  371 114 HOH HOH A . 
C 3 HOH 72  372 78  HOH HOH A . 
C 3 HOH 73  373 79  HOH HOH A . 
C 3 HOH 74  374 49  HOH HOH A . 
C 3 HOH 75  375 44  HOH HOH A . 
C 3 HOH 76  376 151 HOH HOH A . 
C 3 HOH 77  377 32  HOH HOH A . 
C 3 HOH 78  378 206 HOH HOH A . 
C 3 HOH 79  379 13  HOH HOH A . 
C 3 HOH 80  380 199 HOH HOH A . 
C 3 HOH 81  381 168 HOH HOH A . 
C 3 HOH 82  382 130 HOH HOH A . 
C 3 HOH 83  383 81  HOH HOH A . 
C 3 HOH 84  384 96  HOH HOH A . 
C 3 HOH 85  385 110 HOH HOH A . 
C 3 HOH 86  386 56  HOH HOH A . 
C 3 HOH 87  387 133 HOH HOH A . 
C 3 HOH 88  388 192 HOH HOH A . 
C 3 HOH 89  389 103 HOH HOH A . 
C 3 HOH 90  390 169 HOH HOH A . 
C 3 HOH 91  391 36  HOH HOH A . 
C 3 HOH 92  392 37  HOH HOH A . 
C 3 HOH 93  393 191 HOH HOH A . 
C 3 HOH 94  394 82  HOH HOH A . 
C 3 HOH 95  395 140 HOH HOH A . 
C 3 HOH 96  396 173 HOH HOH A . 
C 3 HOH 97  397 178 HOH HOH A . 
C 3 HOH 98  398 190 HOH HOH A . 
C 3 HOH 99  399 19  HOH HOH A . 
C 3 HOH 100 400 188 HOH HOH A . 
C 3 HOH 101 401 194 HOH HOH A . 
C 3 HOH 102 402 176 HOH HOH A . 
C 3 HOH 103 403 137 HOH HOH A . 
C 3 HOH 104 404 121 HOH HOH A . 
C 3 HOH 105 405 58  HOH HOH A . 
C 3 HOH 106 406 65  HOH HOH A . 
C 3 HOH 107 407 211 HOH HOH A . 
C 3 HOH 108 408 91  HOH HOH A . 
C 3 HOH 109 409 86  HOH HOH A . 
C 3 HOH 110 410 93  HOH HOH A . 
C 3 HOH 111 411 180 HOH HOH A . 
C 3 HOH 112 412 102 HOH HOH A . 
C 3 HOH 113 413 124 HOH HOH A . 
C 3 HOH 114 414 80  HOH HOH A . 
C 3 HOH 115 415 118 HOH HOH A . 
C 3 HOH 116 416 76  HOH HOH A . 
C 3 HOH 117 417 77  HOH HOH A . 
C 3 HOH 118 418 41  HOH HOH A . 
C 3 HOH 119 419 90  HOH HOH A . 
C 3 HOH 120 420 119 HOH HOH A . 
C 3 HOH 121 421 92  HOH HOH A . 
C 3 HOH 122 422 99  HOH HOH A . 
C 3 HOH 123 423 87  HOH HOH A . 
C 3 HOH 124 424 95  HOH HOH A . 
C 3 HOH 125 425 98  HOH HOH A . 
C 3 HOH 126 426 1   HOH HOH A . 
C 3 HOH 127 427 3   HOH HOH A . 
C 3 HOH 128 428 4   HOH HOH A . 
C 3 HOH 129 429 5   HOH HOH A . 
C 3 HOH 130 430 8   HOH HOH A . 
C 3 HOH 131 431 10  HOH HOH A . 
C 3 HOH 132 432 11  HOH HOH A . 
C 3 HOH 133 433 18  HOH HOH A . 
C 3 HOH 134 434 23  HOH HOH A . 
C 3 HOH 135 435 24  HOH HOH A . 
C 3 HOH 136 436 29  HOH HOH A . 
C 3 HOH 137 437 30  HOH HOH A . 
C 3 HOH 138 438 38  HOH HOH A . 
C 3 HOH 139 439 40  HOH HOH A . 
C 3 HOH 140 440 42  HOH HOH A . 
C 3 HOH 141 441 45  HOH HOH A . 
C 3 HOH 142 442 50  HOH HOH A . 
C 3 HOH 143 443 51  HOH HOH A . 
C 3 HOH 144 444 52  HOH HOH A . 
C 3 HOH 145 445 55  HOH HOH A . 
C 3 HOH 146 446 60  HOH HOH A . 
C 3 HOH 147 447 66  HOH HOH A . 
C 3 HOH 148 448 67  HOH HOH A . 
C 3 HOH 149 449 68  HOH HOH A . 
C 3 HOH 150 450 69  HOH HOH A . 
C 3 HOH 151 451 75  HOH HOH A . 
C 3 HOH 152 452 83  HOH HOH A . 
C 3 HOH 153 453 94  HOH HOH A . 
C 3 HOH 154 454 104 HOH HOH A . 
C 3 HOH 155 455 111 HOH HOH A . 
C 3 HOH 156 456 113 HOH HOH A . 
C 3 HOH 157 457 120 HOH HOH A . 
C 3 HOH 158 458 122 HOH HOH A . 
C 3 HOH 159 459 128 HOH HOH A . 
C 3 HOH 160 460 129 HOH HOH A . 
C 3 HOH 161 461 131 HOH HOH A . 
C 3 HOH 162 462 132 HOH HOH A . 
C 3 HOH 163 463 139 HOH HOH A . 
C 3 HOH 164 464 141 HOH HOH A . 
C 3 HOH 165 465 144 HOH HOH A . 
C 3 HOH 166 466 145 HOH HOH A . 
C 3 HOH 167 467 147 HOH HOH A . 
C 3 HOH 168 468 148 HOH HOH A . 
C 3 HOH 169 469 154 HOH HOH A . 
C 3 HOH 170 470 156 HOH HOH A . 
C 3 HOH 171 471 158 HOH HOH A . 
C 3 HOH 172 472 159 HOH HOH A . 
C 3 HOH 173 473 160 HOH HOH A . 
C 3 HOH 174 474 161 HOH HOH A . 
C 3 HOH 175 475 164 HOH HOH A . 
C 3 HOH 176 476 166 HOH HOH A . 
C 3 HOH 177 477 171 HOH HOH A . 
C 3 HOH 178 478 175 HOH HOH A . 
C 3 HOH 179 479 182 HOH HOH A . 
C 3 HOH 180 480 183 HOH HOH A . 
C 3 HOH 181 481 189 HOH HOH A . 
C 3 HOH 182 482 193 HOH HOH A . 
C 3 HOH 183 483 196 HOH HOH A . 
C 3 HOH 184 484 197 HOH HOH A . 
C 3 HOH 185 485 202 HOH HOH A . 
C 3 HOH 186 486 203 HOH HOH A . 
C 3 HOH 187 487 204 HOH HOH A . 
C 3 HOH 188 488 208 HOH HOH A . 
# 
_pdbx_struct_assembly.id                   1 
_pdbx_struct_assembly.details              author_and_software_defined_assembly 
_pdbx_struct_assembly.method_details       PISA 
_pdbx_struct_assembly.oligomeric_details   monomeric 
_pdbx_struct_assembly.oligomeric_count     1 
# 
_pdbx_struct_assembly_gen.assembly_id       1 
_pdbx_struct_assembly_gen.oper_expression   1 
_pdbx_struct_assembly_gen.asym_id_list      A,B,C 
# 
_pdbx_struct_oper_list.id                   1 
_pdbx_struct_oper_list.type                 'identity operation' 
_pdbx_struct_oper_list.name                 1_555 
_pdbx_struct_oper_list.symmetry_operation   x,y,z 
_pdbx_struct_oper_list.matrix[1][1]         1.0000000000 
_pdbx_struct_oper_list.matrix[1][2]         0.0000000000 
_pdbx_struct_oper_list.matrix[1][3]         0.0000000000 
_pdbx_struct_oper_list.vector[1]            0.0000000000 
_pdbx_struct_oper_list.matrix[2][1]         0.0000000000 
_pdbx_struct_oper_list.matrix[2][2]         1.0000000000 
_pdbx_struct_oper_list.matrix[2][3]         0.0000000000 
_pdbx_struct_oper_list.vector[2]            0.0000000000 
_pdbx_struct_oper_list.matrix[3][1]         0.0000000000 
_pdbx_struct_oper_list.matrix[3][2]         0.0000000000 
_pdbx_struct_oper_list.matrix[3][3]         1.0000000000 
_pdbx_struct_oper_list.vector[3]            0.0000000000 
# 
loop_
_pdbx_audit_revision_history.ordinal 
_pdbx_audit_revision_history.data_content_type 
_pdbx_audit_revision_history.major_revision 
_pdbx_audit_revision_history.minor_revision 
_pdbx_audit_revision_history.revision_date 
1 'Structure model' 1 0 2015-10-21 
2 'Structure model' 1 1 2015-11-04 
3 'Structure model' 1 2 2017-11-01 
4 'Structure model' 1 3 2023-09-27 
# 
_pdbx_audit_revision_details.ordinal             1 
_pdbx_audit_revision_details.revision_ordinal    1 
_pdbx_audit_revision_details.data_content_type   'Structure model' 
_pdbx_audit_revision_details.provider            repository 
_pdbx_audit_revision_details.type                'Initial release' 
_pdbx_audit_revision_details.description         ? 
_pdbx_audit_revision_details.details             ? 
# 
loop_
_pdbx_audit_revision_group.ordinal 
_pdbx_audit_revision_group.revision_ordinal 
_pdbx_audit_revision_group.data_content_type 
_pdbx_audit_revision_group.group 
1 2 'Structure model' 'Database references'        
2 3 'Structure model' 'Author supporting evidence' 
3 3 'Structure model' 'Database references'        
4 3 'Structure model' 'Derived calculations'       
5 4 'Structure model' 'Data collection'            
6 4 'Structure model' 'Database references'        
7 4 'Structure model' 'Refinement description'     
# 
loop_
_pdbx_audit_revision_category.ordinal 
_pdbx_audit_revision_category.revision_ordinal 
_pdbx_audit_revision_category.data_content_type 
_pdbx_audit_revision_category.category 
1 3 'Structure model' citation                           
2 3 'Structure model' pdbx_struct_assembly_auth_evidence 
3 3 'Structure model' pdbx_struct_oper_list              
4 4 'Structure model' chem_comp_atom                     
5 4 'Structure model' chem_comp_bond                     
6 4 'Structure model' database_2                         
7 4 'Structure model' pdbx_initial_refinement_model      
# 
loop_
_pdbx_audit_revision_item.ordinal 
_pdbx_audit_revision_item.revision_ordinal 
_pdbx_audit_revision_item.data_content_type 
_pdbx_audit_revision_item.item 
1 3 'Structure model' '_citation.journal_id_CSD'                  
2 3 'Structure model' '_pdbx_struct_oper_list.symmetry_operation' 
3 4 'Structure model' '_database_2.pdbx_DOI'                      
4 4 'Structure model' '_database_2.pdbx_database_accession'       
# 
loop_
_software.citation_id 
_software.classification 
_software.compiler_name 
_software.compiler_version 
_software.contact_author 
_software.contact_author_email 
_software.date 
_software.description 
_software.dependencies 
_software.hardware 
_software.language 
_software.location 
_software.mods 
_software.name 
_software.os 
_software.os_version 
_software.type 
_software.version 
_software.pdbx_ordinal 
? refinement        ? ? ? ? ? ? ? ? ? ? ? PHENIX      ? ? ? '(phenix.refine: 1.9_1692)' 1 
? 'data scaling'    ? ? ? ? ? ? ? ? ? ? ? Aimless     ? ? ? .                           2 
? 'data extraction' ? ? ? ? ? ? ? ? ? ? ? PDB_EXTRACT ? ? ? 3.15                        3 
? phasing           ? ? ? ? ? ? ? ? ? ? ? MOLREP      ? ? ? .                           4 
? 'data reduction'  ? ? ? ? ? ? ? ? ? ? ? XDS         ? ? ? .                           5 
# 
loop_
_pdbx_validate_close_contact.id 
_pdbx_validate_close_contact.PDB_model_num 
_pdbx_validate_close_contact.auth_atom_id_1 
_pdbx_validate_close_contact.auth_asym_id_1 
_pdbx_validate_close_contact.auth_comp_id_1 
_pdbx_validate_close_contact.auth_seq_id_1 
_pdbx_validate_close_contact.PDB_ins_code_1 
_pdbx_validate_close_contact.label_alt_id_1 
_pdbx_validate_close_contact.auth_atom_id_2 
_pdbx_validate_close_contact.auth_asym_id_2 
_pdbx_validate_close_contact.auth_comp_id_2 
_pdbx_validate_close_contact.auth_seq_id_2 
_pdbx_validate_close_contact.PDB_ins_code_2 
_pdbx_validate_close_contact.label_alt_id_2 
_pdbx_validate_close_contact.dist 
1 1 O A HOH 357 ? ? O A HOH 367 ? ? 1.58 
2 1 O A HOH 352 ? ? O A HOH 441 ? ? 1.86 
# 
_pdbx_validate_symm_contact.id                1 
_pdbx_validate_symm_contact.PDB_model_num     1 
_pdbx_validate_symm_contact.auth_atom_id_1    O 
_pdbx_validate_symm_contact.auth_asym_id_1    A 
_pdbx_validate_symm_contact.auth_comp_id_1    HOH 
_pdbx_validate_symm_contact.auth_seq_id_1     304 
_pdbx_validate_symm_contact.PDB_ins_code_1    ? 
_pdbx_validate_symm_contact.label_alt_id_1    ? 
_pdbx_validate_symm_contact.site_symmetry_1   1_555 
_pdbx_validate_symm_contact.auth_atom_id_2    O 
_pdbx_validate_symm_contact.auth_asym_id_2    A 
_pdbx_validate_symm_contact.auth_comp_id_2    HOH 
_pdbx_validate_symm_contact.auth_seq_id_2     327 
_pdbx_validate_symm_contact.PDB_ins_code_2    ? 
_pdbx_validate_symm_contact.label_alt_id_2    ? 
_pdbx_validate_symm_contact.site_symmetry_2   4_557 
_pdbx_validate_symm_contact.dist              2.13 
# 
_pdbx_validate_rmsd_bond.id                        1 
_pdbx_validate_rmsd_bond.PDB_model_num             1 
_pdbx_validate_rmsd_bond.auth_atom_id_1            CD 
_pdbx_validate_rmsd_bond.auth_asym_id_1            A 
_pdbx_validate_rmsd_bond.auth_comp_id_1            GLU 
_pdbx_validate_rmsd_bond.auth_seq_id_1             140 
_pdbx_validate_rmsd_bond.PDB_ins_code_1            ? 
_pdbx_validate_rmsd_bond.label_alt_id_1            ? 
_pdbx_validate_rmsd_bond.auth_atom_id_2            OE1 
_pdbx_validate_rmsd_bond.auth_asym_id_2            A 
_pdbx_validate_rmsd_bond.auth_comp_id_2            GLU 
_pdbx_validate_rmsd_bond.auth_seq_id_2             140 
_pdbx_validate_rmsd_bond.PDB_ins_code_2            ? 
_pdbx_validate_rmsd_bond.label_alt_id_2            ? 
_pdbx_validate_rmsd_bond.bond_value                1.175 
_pdbx_validate_rmsd_bond.bond_target_value         1.252 
_pdbx_validate_rmsd_bond.bond_deviation            -0.077 
_pdbx_validate_rmsd_bond.bond_standard_deviation   0.011 
_pdbx_validate_rmsd_bond.linker_flag               N 
# 
_pdbx_validate_rmsd_angle.id                         1 
_pdbx_validate_rmsd_angle.PDB_model_num              1 
_pdbx_validate_rmsd_angle.auth_atom_id_1             NE 
_pdbx_validate_rmsd_angle.auth_asym_id_1             A 
_pdbx_validate_rmsd_angle.auth_comp_id_1             ARG 
_pdbx_validate_rmsd_angle.auth_seq_id_1              99 
_pdbx_validate_rmsd_angle.PDB_ins_code_1             ? 
_pdbx_validate_rmsd_angle.label_alt_id_1             ? 
_pdbx_validate_rmsd_angle.auth_atom_id_2             CZ 
_pdbx_validate_rmsd_angle.auth_asym_id_2             A 
_pdbx_validate_rmsd_angle.auth_comp_id_2             ARG 
_pdbx_validate_rmsd_angle.auth_seq_id_2              99 
_pdbx_validate_rmsd_angle.PDB_ins_code_2             ? 
_pdbx_validate_rmsd_angle.label_alt_id_2             ? 
_pdbx_validate_rmsd_angle.auth_atom_id_3             NH2 
_pdbx_validate_rmsd_angle.auth_asym_id_3             A 
_pdbx_validate_rmsd_angle.auth_comp_id_3             ARG 
_pdbx_validate_rmsd_angle.auth_seq_id_3              99 
_pdbx_validate_rmsd_angle.PDB_ins_code_3             ? 
_pdbx_validate_rmsd_angle.label_alt_id_3             ? 
_pdbx_validate_rmsd_angle.angle_value                116.86 
_pdbx_validate_rmsd_angle.angle_target_value         120.30 
_pdbx_validate_rmsd_angle.angle_deviation            -3.44 
_pdbx_validate_rmsd_angle.angle_standard_deviation   0.50 
_pdbx_validate_rmsd_angle.linker_flag                N 
# 
_pdbx_validate_torsion.id              1 
_pdbx_validate_torsion.PDB_model_num   1 
_pdbx_validate_torsion.auth_comp_id    LYS 
_pdbx_validate_torsion.auth_asym_id    A 
_pdbx_validate_torsion.auth_seq_id     68 
_pdbx_validate_torsion.PDB_ins_code    ? 
_pdbx_validate_torsion.label_alt_id    ? 
_pdbx_validate_torsion.phi             -144.27 
_pdbx_validate_torsion.psi             52.53 
# 
loop_
_chem_comp_atom.comp_id 
_chem_comp_atom.atom_id 
_chem_comp_atom.type_symbol 
_chem_comp_atom.pdbx_aromatic_flag 
_chem_comp_atom.pdbx_stereo_config 
_chem_comp_atom.pdbx_ordinal 
ALA N    N N N 1   
ALA CA   C N S 2   
ALA C    C N N 3   
ALA O    O N N 4   
ALA CB   C N N 5   
ALA OXT  O N N 6   
ALA H    H N N 7   
ALA H2   H N N 8   
ALA HA   H N N 9   
ALA HB1  H N N 10  
ALA HB2  H N N 11  
ALA HB3  H N N 12  
ALA HXT  H N N 13  
ARG N    N N N 14  
ARG CA   C N S 15  
ARG C    C N N 16  
ARG O    O N N 17  
ARG CB   C N N 18  
ARG CG   C N N 19  
ARG CD   C N N 20  
ARG NE   N N N 21  
ARG CZ   C N N 22  
ARG NH1  N N N 23  
ARG NH2  N N N 24  
ARG OXT  O N N 25  
ARG H    H N N 26  
ARG H2   H N N 27  
ARG HA   H N N 28  
ARG HB2  H N N 29  
ARG HB3  H N N 30  
ARG HG2  H N N 31  
ARG HG3  H N N 32  
ARG HD2  H N N 33  
ARG HD3  H N N 34  
ARG HE   H N N 35  
ARG HH11 H N N 36  
ARG HH12 H N N 37  
ARG HH21 H N N 38  
ARG HH22 H N N 39  
ARG HXT  H N N 40  
ASN N    N N N 41  
ASN CA   C N S 42  
ASN C    C N N 43  
ASN O    O N N 44  
ASN CB   C N N 45  
ASN CG   C N N 46  
ASN OD1  O N N 47  
ASN ND2  N N N 48  
ASN OXT  O N N 49  
ASN H    H N N 50  
ASN H2   H N N 51  
ASN HA   H N N 52  
ASN HB2  H N N 53  
ASN HB3  H N N 54  
ASN HD21 H N N 55  
ASN HD22 H N N 56  
ASN HXT  H N N 57  
ASP N    N N N 58  
ASP CA   C N S 59  
ASP C    C N N 60  
ASP O    O N N 61  
ASP CB   C N N 62  
ASP CG   C N N 63  
ASP OD1  O N N 64  
ASP OD2  O N N 65  
ASP OXT  O N N 66  
ASP H    H N N 67  
ASP H2   H N N 68  
ASP HA   H N N 69  
ASP HB2  H N N 70  
ASP HB3  H N N 71  
ASP HD2  H N N 72  
ASP HXT  H N N 73  
GLN N    N N N 74  
GLN CA   C N S 75  
GLN C    C N N 76  
GLN O    O N N 77  
GLN CB   C N N 78  
GLN CG   C N N 79  
GLN CD   C N N 80  
GLN OE1  O N N 81  
GLN NE2  N N N 82  
GLN OXT  O N N 83  
GLN H    H N N 84  
GLN H2   H N N 85  
GLN HA   H N N 86  
GLN HB2  H N N 87  
GLN HB3  H N N 88  
GLN HG2  H N N 89  
GLN HG3  H N N 90  
GLN HE21 H N N 91  
GLN HE22 H N N 92  
GLN HXT  H N N 93  
GLU N    N N N 94  
GLU CA   C N S 95  
GLU C    C N N 96  
GLU O    O N N 97  
GLU CB   C N N 98  
GLU CG   C N N 99  
GLU CD   C N N 100 
GLU OE1  O N N 101 
GLU OE2  O N N 102 
GLU OXT  O N N 103 
GLU H    H N N 104 
GLU H2   H N N 105 
GLU HA   H N N 106 
GLU HB2  H N N 107 
GLU HB3  H N N 108 
GLU HG2  H N N 109 
GLU HG3  H N N 110 
GLU HE2  H N N 111 
GLU HXT  H N N 112 
GLY N    N N N 113 
GLY CA   C N N 114 
GLY C    C N N 115 
GLY O    O N N 116 
GLY OXT  O N N 117 
GLY H    H N N 118 
GLY H2   H N N 119 
GLY HA2  H N N 120 
GLY HA3  H N N 121 
GLY HXT  H N N 122 
HIS N    N N N 123 
HIS CA   C N S 124 
HIS C    C N N 125 
HIS O    O N N 126 
HIS CB   C N N 127 
HIS CG   C Y N 128 
HIS ND1  N Y N 129 
HIS CD2  C Y N 130 
HIS CE1  C Y N 131 
HIS NE2  N Y N 132 
HIS OXT  O N N 133 
HIS H    H N N 134 
HIS H2   H N N 135 
HIS HA   H N N 136 
HIS HB2  H N N 137 
HIS HB3  H N N 138 
HIS HD1  H N N 139 
HIS HD2  H N N 140 
HIS HE1  H N N 141 
HIS HE2  H N N 142 
HIS HXT  H N N 143 
HOH O    O N N 144 
HOH H1   H N N 145 
HOH H2   H N N 146 
ILE N    N N N 147 
ILE CA   C N S 148 
ILE C    C N N 149 
ILE O    O N N 150 
ILE CB   C N S 151 
ILE CG1  C N N 152 
ILE CG2  C N N 153 
ILE CD1  C N N 154 
ILE OXT  O N N 155 
ILE H    H N N 156 
ILE H2   H N N 157 
ILE HA   H N N 158 
ILE HB   H N N 159 
ILE HG12 H N N 160 
ILE HG13 H N N 161 
ILE HG21 H N N 162 
ILE HG22 H N N 163 
ILE HG23 H N N 164 
ILE HD11 H N N 165 
ILE HD12 H N N 166 
ILE HD13 H N N 167 
ILE HXT  H N N 168 
LEU N    N N N 169 
LEU CA   C N S 170 
LEU C    C N N 171 
LEU O    O N N 172 
LEU CB   C N N 173 
LEU CG   C N N 174 
LEU CD1  C N N 175 
LEU CD2  C N N 176 
LEU OXT  O N N 177 
LEU H    H N N 178 
LEU H2   H N N 179 
LEU HA   H N N 180 
LEU HB2  H N N 181 
LEU HB3  H N N 182 
LEU HG   H N N 183 
LEU HD11 H N N 184 
LEU HD12 H N N 185 
LEU HD13 H N N 186 
LEU HD21 H N N 187 
LEU HD22 H N N 188 
LEU HD23 H N N 189 
LEU HXT  H N N 190 
LYS N    N N N 191 
LYS CA   C N S 192 
LYS C    C N N 193 
LYS O    O N N 194 
LYS CB   C N N 195 
LYS CG   C N N 196 
LYS CD   C N N 197 
LYS CE   C N N 198 
LYS NZ   N N N 199 
LYS OXT  O N N 200 
LYS H    H N N 201 
LYS H2   H N N 202 
LYS HA   H N N 203 
LYS HB2  H N N 204 
LYS HB3  H N N 205 
LYS HG2  H N N 206 
LYS HG3  H N N 207 
LYS HD2  H N N 208 
LYS HD3  H N N 209 
LYS HE2  H N N 210 
LYS HE3  H N N 211 
LYS HZ1  H N N 212 
LYS HZ2  H N N 213 
LYS HZ3  H N N 214 
LYS HXT  H N N 215 
MET N    N N N 216 
MET CA   C N S 217 
MET C    C N N 218 
MET O    O N N 219 
MET CB   C N N 220 
MET CG   C N N 221 
MET SD   S N N 222 
MET CE   C N N 223 
MET OXT  O N N 224 
MET H    H N N 225 
MET H2   H N N 226 
MET HA   H N N 227 
MET HB2  H N N 228 
MET HB3  H N N 229 
MET HG2  H N N 230 
MET HG3  H N N 231 
MET HE1  H N N 232 
MET HE2  H N N 233 
MET HE3  H N N 234 
MET HXT  H N N 235 
PHE N    N N N 236 
PHE CA   C N S 237 
PHE C    C N N 238 
PHE O    O N N 239 
PHE CB   C N N 240 
PHE CG   C Y N 241 
PHE CD1  C Y N 242 
PHE CD2  C Y N 243 
PHE CE1  C Y N 244 
PHE CE2  C Y N 245 
PHE CZ   C Y N 246 
PHE OXT  O N N 247 
PHE H    H N N 248 
PHE H2   H N N 249 
PHE HA   H N N 250 
PHE HB2  H N N 251 
PHE HB3  H N N 252 
PHE HD1  H N N 253 
PHE HD2  H N N 254 
PHE HE1  H N N 255 
PHE HE2  H N N 256 
PHE HZ   H N N 257 
PHE HXT  H N N 258 
PO4 P    P N N 259 
PO4 O1   O N N 260 
PO4 O2   O N N 261 
PO4 O3   O N N 262 
PO4 O4   O N N 263 
PRO N    N N N 264 
PRO CA   C N S 265 
PRO C    C N N 266 
PRO O    O N N 267 
PRO CB   C N N 268 
PRO CG   C N N 269 
PRO CD   C N N 270 
PRO OXT  O N N 271 
PRO H    H N N 272 
PRO HA   H N N 273 
PRO HB2  H N N 274 
PRO HB3  H N N 275 
PRO HG2  H N N 276 
PRO HG3  H N N 277 
PRO HD2  H N N 278 
PRO HD3  H N N 279 
PRO HXT  H N N 280 
SER N    N N N 281 
SER CA   C N S 282 
SER C    C N N 283 
SER O    O N N 284 
SER CB   C N N 285 
SER OG   O N N 286 
SER OXT  O N N 287 
SER H    H N N 288 
SER H2   H N N 289 
SER HA   H N N 290 
SER HB2  H N N 291 
SER HB3  H N N 292 
SER HG   H N N 293 
SER HXT  H N N 294 
THR N    N N N 295 
THR CA   C N S 296 
THR C    C N N 297 
THR O    O N N 298 
THR CB   C N R 299 
THR OG1  O N N 300 
THR CG2  C N N 301 
THR OXT  O N N 302 
THR H    H N N 303 
THR H2   H N N 304 
THR HA   H N N 305 
THR HB   H N N 306 
THR HG1  H N N 307 
THR HG21 H N N 308 
THR HG22 H N N 309 
THR HG23 H N N 310 
THR HXT  H N N 311 
TRP N    N N N 312 
TRP CA   C N S 313 
TRP C    C N N 314 
TRP O    O N N 315 
TRP CB   C N N 316 
TRP CG   C Y N 317 
TRP CD1  C Y N 318 
TRP CD2  C Y N 319 
TRP NE1  N Y N 320 
TRP CE2  C Y N 321 
TRP CE3  C Y N 322 
TRP CZ2  C Y N 323 
TRP CZ3  C Y N 324 
TRP CH2  C Y N 325 
TRP OXT  O N N 326 
TRP H    H N N 327 
TRP H2   H N N 328 
TRP HA   H N N 329 
TRP HB2  H N N 330 
TRP HB3  H N N 331 
TRP HD1  H N N 332 
TRP HE1  H N N 333 
TRP HE3  H N N 334 
TRP HZ2  H N N 335 
TRP HZ3  H N N 336 
TRP HH2  H N N 337 
TRP HXT  H N N 338 
TYR N    N N N 339 
TYR CA   C N S 340 
TYR C    C N N 341 
TYR O    O N N 342 
TYR CB   C N N 343 
TYR CG   C Y N 344 
TYR CD1  C Y N 345 
TYR CD2  C Y N 346 
TYR CE1  C Y N 347 
TYR CE2  C Y N 348 
TYR CZ   C Y N 349 
TYR OH   O N N 350 
TYR OXT  O N N 351 
TYR H    H N N 352 
TYR H2   H N N 353 
TYR HA   H N N 354 
TYR HB2  H N N 355 
TYR HB3  H N N 356 
TYR HD1  H N N 357 
TYR HD2  H N N 358 
TYR HE1  H N N 359 
TYR HE2  H N N 360 
TYR HH   H N N 361 
TYR HXT  H N N 362 
VAL N    N N N 363 
VAL CA   C N S 364 
VAL C    C N N 365 
VAL O    O N N 366 
VAL CB   C N N 367 
VAL CG1  C N N 368 
VAL CG2  C N N 369 
VAL OXT  O N N 370 
VAL H    H N N 371 
VAL H2   H N N 372 
VAL HA   H N N 373 
VAL HB   H N N 374 
VAL HG11 H N N 375 
VAL HG12 H N N 376 
VAL HG13 H N N 377 
VAL HG21 H N N 378 
VAL HG22 H N N 379 
VAL HG23 H N N 380 
VAL HXT  H N N 381 
# 
loop_
_chem_comp_bond.comp_id 
_chem_comp_bond.atom_id_1 
_chem_comp_bond.atom_id_2 
_chem_comp_bond.value_order 
_chem_comp_bond.pdbx_aromatic_flag 
_chem_comp_bond.pdbx_stereo_config 
_chem_comp_bond.pdbx_ordinal 
ALA N   CA   sing N N 1   
ALA N   H    sing N N 2   
ALA N   H2   sing N N 3   
ALA CA  C    sing N N 4   
ALA CA  CB   sing N N 5   
ALA CA  HA   sing N N 6   
ALA C   O    doub N N 7   
ALA C   OXT  sing N N 8   
ALA CB  HB1  sing N N 9   
ALA CB  HB2  sing N N 10  
ALA CB  HB3  sing N N 11  
ALA OXT HXT  sing N N 12  
ARG N   CA   sing N N 13  
ARG N   H    sing N N 14  
ARG N   H2   sing N N 15  
ARG CA  C    sing N N 16  
ARG CA  CB   sing N N 17  
ARG CA  HA   sing N N 18  
ARG C   O    doub N N 19  
ARG C   OXT  sing N N 20  
ARG CB  CG   sing N N 21  
ARG CB  HB2  sing N N 22  
ARG CB  HB3  sing N N 23  
ARG CG  CD   sing N N 24  
ARG CG  HG2  sing N N 25  
ARG CG  HG3  sing N N 26  
ARG CD  NE   sing N N 27  
ARG CD  HD2  sing N N 28  
ARG CD  HD3  sing N N 29  
ARG NE  CZ   sing N N 30  
ARG NE  HE   sing N N 31  
ARG CZ  NH1  sing N N 32  
ARG CZ  NH2  doub N N 33  
ARG NH1 HH11 sing N N 34  
ARG NH1 HH12 sing N N 35  
ARG NH2 HH21 sing N N 36  
ARG NH2 HH22 sing N N 37  
ARG OXT HXT  sing N N 38  
ASN N   CA   sing N N 39  
ASN N   H    sing N N 40  
ASN N   H2   sing N N 41  
ASN CA  C    sing N N 42  
ASN CA  CB   sing N N 43  
ASN CA  HA   sing N N 44  
ASN C   O    doub N N 45  
ASN C   OXT  sing N N 46  
ASN CB  CG   sing N N 47  
ASN CB  HB2  sing N N 48  
ASN CB  HB3  sing N N 49  
ASN CG  OD1  doub N N 50  
ASN CG  ND2  sing N N 51  
ASN ND2 HD21 sing N N 52  
ASN ND2 HD22 sing N N 53  
ASN OXT HXT  sing N N 54  
ASP N   CA   sing N N 55  
ASP N   H    sing N N 56  
ASP N   H2   sing N N 57  
ASP CA  C    sing N N 58  
ASP CA  CB   sing N N 59  
ASP CA  HA   sing N N 60  
ASP C   O    doub N N 61  
ASP C   OXT  sing N N 62  
ASP CB  CG   sing N N 63  
ASP CB  HB2  sing N N 64  
ASP CB  HB3  sing N N 65  
ASP CG  OD1  doub N N 66  
ASP CG  OD2  sing N N 67  
ASP OD2 HD2  sing N N 68  
ASP OXT HXT  sing N N 69  
GLN N   CA   sing N N 70  
GLN N   H    sing N N 71  
GLN N   H2   sing N N 72  
GLN CA  C    sing N N 73  
GLN CA  CB   sing N N 74  
GLN CA  HA   sing N N 75  
GLN C   O    doub N N 76  
GLN C   OXT  sing N N 77  
GLN CB  CG   sing N N 78  
GLN CB  HB2  sing N N 79  
GLN CB  HB3  sing N N 80  
GLN CG  CD   sing N N 81  
GLN CG  HG2  sing N N 82  
GLN CG  HG3  sing N N 83  
GLN CD  OE1  doub N N 84  
GLN CD  NE2  sing N N 85  
GLN NE2 HE21 sing N N 86  
GLN NE2 HE22 sing N N 87  
GLN OXT HXT  sing N N 88  
GLU N   CA   sing N N 89  
GLU N   H    sing N N 90  
GLU N   H2   sing N N 91  
GLU CA  C    sing N N 92  
GLU CA  CB   sing N N 93  
GLU CA  HA   sing N N 94  
GLU C   O    doub N N 95  
GLU C   OXT  sing N N 96  
GLU CB  CG   sing N N 97  
GLU CB  HB2  sing N N 98  
GLU CB  HB3  sing N N 99  
GLU CG  CD   sing N N 100 
GLU CG  HG2  sing N N 101 
GLU CG  HG3  sing N N 102 
GLU CD  OE1  doub N N 103 
GLU CD  OE2  sing N N 104 
GLU OE2 HE2  sing N N 105 
GLU OXT HXT  sing N N 106 
GLY N   CA   sing N N 107 
GLY N   H    sing N N 108 
GLY N   H2   sing N N 109 
GLY CA  C    sing N N 110 
GLY CA  HA2  sing N N 111 
GLY CA  HA3  sing N N 112 
GLY C   O    doub N N 113 
GLY C   OXT  sing N N 114 
GLY OXT HXT  sing N N 115 
HIS N   CA   sing N N 116 
HIS N   H    sing N N 117 
HIS N   H2   sing N N 118 
HIS CA  C    sing N N 119 
HIS CA  CB   sing N N 120 
HIS CA  HA   sing N N 121 
HIS C   O    doub N N 122 
HIS C   OXT  sing N N 123 
HIS CB  CG   sing N N 124 
HIS CB  HB2  sing N N 125 
HIS CB  HB3  sing N N 126 
HIS CG  ND1  sing Y N 127 
HIS CG  CD2  doub Y N 128 
HIS ND1 CE1  doub Y N 129 
HIS ND1 HD1  sing N N 130 
HIS CD2 NE2  sing Y N 131 
HIS CD2 HD2  sing N N 132 
HIS CE1 NE2  sing Y N 133 
HIS CE1 HE1  sing N N 134 
HIS NE2 HE2  sing N N 135 
HIS OXT HXT  sing N N 136 
HOH O   H1   sing N N 137 
HOH O   H2   sing N N 138 
ILE N   CA   sing N N 139 
ILE N   H    sing N N 140 
ILE N   H2   sing N N 141 
ILE CA  C    sing N N 142 
ILE CA  CB   sing N N 143 
ILE CA  HA   sing N N 144 
ILE C   O    doub N N 145 
ILE C   OXT  sing N N 146 
ILE CB  CG1  sing N N 147 
ILE CB  CG2  sing N N 148 
ILE CB  HB   sing N N 149 
ILE CG1 CD1  sing N N 150 
ILE CG1 HG12 sing N N 151 
ILE CG1 HG13 sing N N 152 
ILE CG2 HG21 sing N N 153 
ILE CG2 HG22 sing N N 154 
ILE CG2 HG23 sing N N 155 
ILE CD1 HD11 sing N N 156 
ILE CD1 HD12 sing N N 157 
ILE CD1 HD13 sing N N 158 
ILE OXT HXT  sing N N 159 
LEU N   CA   sing N N 160 
LEU N   H    sing N N 161 
LEU N   H2   sing N N 162 
LEU CA  C    sing N N 163 
LEU CA  CB   sing N N 164 
LEU CA  HA   sing N N 165 
LEU C   O    doub N N 166 
LEU C   OXT  sing N N 167 
LEU CB  CG   sing N N 168 
LEU CB  HB2  sing N N 169 
LEU CB  HB3  sing N N 170 
LEU CG  CD1  sing N N 171 
LEU CG  CD2  sing N N 172 
LEU CG  HG   sing N N 173 
LEU CD1 HD11 sing N N 174 
LEU CD1 HD12 sing N N 175 
LEU CD1 HD13 sing N N 176 
LEU CD2 HD21 sing N N 177 
LEU CD2 HD22 sing N N 178 
LEU CD2 HD23 sing N N 179 
LEU OXT HXT  sing N N 180 
LYS N   CA   sing N N 181 
LYS N   H    sing N N 182 
LYS N   H2   sing N N 183 
LYS CA  C    sing N N 184 
LYS CA  CB   sing N N 185 
LYS CA  HA   sing N N 186 
LYS C   O    doub N N 187 
LYS C   OXT  sing N N 188 
LYS CB  CG   sing N N 189 
LYS CB  HB2  sing N N 190 
LYS CB  HB3  sing N N 191 
LYS CG  CD   sing N N 192 
LYS CG  HG2  sing N N 193 
LYS CG  HG3  sing N N 194 
LYS CD  CE   sing N N 195 
LYS CD  HD2  sing N N 196 
LYS CD  HD3  sing N N 197 
LYS CE  NZ   sing N N 198 
LYS CE  HE2  sing N N 199 
LYS CE  HE3  sing N N 200 
LYS NZ  HZ1  sing N N 201 
LYS NZ  HZ2  sing N N 202 
LYS NZ  HZ3  sing N N 203 
LYS OXT HXT  sing N N 204 
MET N   CA   sing N N 205 
MET N   H    sing N N 206 
MET N   H2   sing N N 207 
MET CA  C    sing N N 208 
MET CA  CB   sing N N 209 
MET CA  HA   sing N N 210 
MET C   O    doub N N 211 
MET C   OXT  sing N N 212 
MET CB  CG   sing N N 213 
MET CB  HB2  sing N N 214 
MET CB  HB3  sing N N 215 
MET CG  SD   sing N N 216 
MET CG  HG2  sing N N 217 
MET CG  HG3  sing N N 218 
MET SD  CE   sing N N 219 
MET CE  HE1  sing N N 220 
MET CE  HE2  sing N N 221 
MET CE  HE3  sing N N 222 
MET OXT HXT  sing N N 223 
PHE N   CA   sing N N 224 
PHE N   H    sing N N 225 
PHE N   H2   sing N N 226 
PHE CA  C    sing N N 227 
PHE CA  CB   sing N N 228 
PHE CA  HA   sing N N 229 
PHE C   O    doub N N 230 
PHE C   OXT  sing N N 231 
PHE CB  CG   sing N N 232 
PHE CB  HB2  sing N N 233 
PHE CB  HB3  sing N N 234 
PHE CG  CD1  doub Y N 235 
PHE CG  CD2  sing Y N 236 
PHE CD1 CE1  sing Y N 237 
PHE CD1 HD1  sing N N 238 
PHE CD2 CE2  doub Y N 239 
PHE CD2 HD2  sing N N 240 
PHE CE1 CZ   doub Y N 241 
PHE CE1 HE1  sing N N 242 
PHE CE2 CZ   sing Y N 243 
PHE CE2 HE2  sing N N 244 
PHE CZ  HZ   sing N N 245 
PHE OXT HXT  sing N N 246 
PO4 P   O1   doub N N 247 
PO4 P   O2   sing N N 248 
PO4 P   O3   sing N N 249 
PO4 P   O4   sing N N 250 
PRO N   CA   sing N N 251 
PRO N   CD   sing N N 252 
PRO N   H    sing N N 253 
PRO CA  C    sing N N 254 
PRO CA  CB   sing N N 255 
PRO CA  HA   sing N N 256 
PRO C   O    doub N N 257 
PRO C   OXT  sing N N 258 
PRO CB  CG   sing N N 259 
PRO CB  HB2  sing N N 260 
PRO CB  HB3  sing N N 261 
PRO CG  CD   sing N N 262 
PRO CG  HG2  sing N N 263 
PRO CG  HG3  sing N N 264 
PRO CD  HD2  sing N N 265 
PRO CD  HD3  sing N N 266 
PRO OXT HXT  sing N N 267 
SER N   CA   sing N N 268 
SER N   H    sing N N 269 
SER N   H2   sing N N 270 
SER CA  C    sing N N 271 
SER CA  CB   sing N N 272 
SER CA  HA   sing N N 273 
SER C   O    doub N N 274 
SER C   OXT  sing N N 275 
SER CB  OG   sing N N 276 
SER CB  HB2  sing N N 277 
SER CB  HB3  sing N N 278 
SER OG  HG   sing N N 279 
SER OXT HXT  sing N N 280 
THR N   CA   sing N N 281 
THR N   H    sing N N 282 
THR N   H2   sing N N 283 
THR CA  C    sing N N 284 
THR CA  CB   sing N N 285 
THR CA  HA   sing N N 286 
THR C   O    doub N N 287 
THR C   OXT  sing N N 288 
THR CB  OG1  sing N N 289 
THR CB  CG2  sing N N 290 
THR CB  HB   sing N N 291 
THR OG1 HG1  sing N N 292 
THR CG2 HG21 sing N N 293 
THR CG2 HG22 sing N N 294 
THR CG2 HG23 sing N N 295 
THR OXT HXT  sing N N 296 
TRP N   CA   sing N N 297 
TRP N   H    sing N N 298 
TRP N   H2   sing N N 299 
TRP CA  C    sing N N 300 
TRP CA  CB   sing N N 301 
TRP CA  HA   sing N N 302 
TRP C   O    doub N N 303 
TRP C   OXT  sing N N 304 
TRP CB  CG   sing N N 305 
TRP CB  HB2  sing N N 306 
TRP CB  HB3  sing N N 307 
TRP CG  CD1  doub Y N 308 
TRP CG  CD2  sing Y N 309 
TRP CD1 NE1  sing Y N 310 
TRP CD1 HD1  sing N N 311 
TRP CD2 CE2  doub Y N 312 
TRP CD2 CE3  sing Y N 313 
TRP NE1 CE2  sing Y N 314 
TRP NE1 HE1  sing N N 315 
TRP CE2 CZ2  sing Y N 316 
TRP CE3 CZ3  doub Y N 317 
TRP CE3 HE3  sing N N 318 
TRP CZ2 CH2  doub Y N 319 
TRP CZ2 HZ2  sing N N 320 
TRP CZ3 CH2  sing Y N 321 
TRP CZ3 HZ3  sing N N 322 
TRP CH2 HH2  sing N N 323 
TRP OXT HXT  sing N N 324 
TYR N   CA   sing N N 325 
TYR N   H    sing N N 326 
TYR N   H2   sing N N 327 
TYR CA  C    sing N N 328 
TYR CA  CB   sing N N 329 
TYR CA  HA   sing N N 330 
TYR C   O    doub N N 331 
TYR C   OXT  sing N N 332 
TYR CB  CG   sing N N 333 
TYR CB  HB2  sing N N 334 
TYR CB  HB3  sing N N 335 
TYR CG  CD1  doub Y N 336 
TYR CG  CD2  sing Y N 337 
TYR CD1 CE1  sing Y N 338 
TYR CD1 HD1  sing N N 339 
TYR CD2 CE2  doub Y N 340 
TYR CD2 HD2  sing N N 341 
TYR CE1 CZ   doub Y N 342 
TYR CE1 HE1  sing N N 343 
TYR CE2 CZ   sing Y N 344 
TYR CE2 HE2  sing N N 345 
TYR CZ  OH   sing N N 346 
TYR OH  HH   sing N N 347 
TYR OXT HXT  sing N N 348 
VAL N   CA   sing N N 349 
VAL N   H    sing N N 350 
VAL N   H2   sing N N 351 
VAL CA  C    sing N N 352 
VAL CA  CB   sing N N 353 
VAL CA  HA   sing N N 354 
VAL C   O    doub N N 355 
VAL C   OXT  sing N N 356 
VAL CB  CG1  sing N N 357 
VAL CB  CG2  sing N N 358 
VAL CB  HB   sing N N 359 
VAL CG1 HG11 sing N N 360 
VAL CG1 HG12 sing N N 361 
VAL CG1 HG13 sing N N 362 
VAL CG2 HG21 sing N N 363 
VAL CG2 HG22 sing N N 364 
VAL CG2 HG23 sing N N 365 
VAL OXT HXT  sing N N 366 
# 
loop_
_pdbx_entity_nonpoly.entity_id 
_pdbx_entity_nonpoly.name 
_pdbx_entity_nonpoly.comp_id 
2 'PHOSPHATE ION' PO4 
3 water           HOH 
# 
_pdbx_initial_refinement_model.id               1 
_pdbx_initial_refinement_model.entity_id_list   ? 
_pdbx_initial_refinement_model.type             'experimental model' 
_pdbx_initial_refinement_model.source_name      PDB 
_pdbx_initial_refinement_model.accession_code   3R5Z 
_pdbx_initial_refinement_model.details          ? 
# 
_pdbx_struct_assembly_auth_evidence.id                     1 
_pdbx_struct_assembly_auth_evidence.assembly_id            1 
_pdbx_struct_assembly_auth_evidence.experimental_support   'gel filtration' 
_pdbx_struct_assembly_auth_evidence.details                ? 
# 
